data_7A0Y
#
_entry.id   7A0Y
#
_cell.length_a   112.036
_cell.length_b   91.681
_cell.length_c   138.287
_cell.angle_alpha   90.000
_cell.angle_beta   110.076
_cell.angle_gamma   90.000
#
_symmetry.space_group_name_H-M   'P 1 21 1'
#
loop_
_entity.id
_entity.type
_entity.pdbx_description
1 polymer 'Na(+)/H(+) antiporter NhaA'
2 polymer 'chimeric antibody Fab-F6, heavy chain,chimeric antibody Fab-F6, heavy chain'
3 polymer 'chimeric antibody Fab-F6, light chain,chimeric antibody Fab-F6, light chain'
4 non-polymer CARDIOLIPIN
5 non-polymer 1,2-DIACYL-GLYCEROL-3-SN-PHOSPHATE
6 non-polymer 'PHOSPHATE ION'
7 non-polymer 'TETRAETHYLENE GLYCOL'
8 non-polymer 1,2-Distearoyl-sn-glycerophosphoethanolamine
9 non-polymer 'CHLORIDE ION'
10 water water
#
loop_
_entity_poly.entity_id
_entity_poly.type
_entity_poly.pdbx_seq_one_letter_code
_entity_poly.pdbx_strand_id
1 'polypeptide(L)'
;MNLGILKHLHRFFSSDASGGIILIIAAALAMLMANMGATSGWYHDFLETPVQLRVGALEINKNMLLWINDALMAVFFLLI
GLEVKRELMQGSLASLRQAAFPVIAAIGGMIVPALLYLAFNYSDPVTREGWAIPAATDIAFALGVLALLGSRVPLALKIF
LMALAIIDDLGAIVIIALFYTSDLSIVSLGVAAFAIAVLALLNLCGVRRTGVYILVGAVLWTAVLKSGVHATLAGVIVGF
FIPLKEKHGRSPAKRLEHVLHPWVAYLILPLFAFANAGVSLQGVTIDGLTSMLPLGIIAGLLIGRPLGISLFCWLALRFK
LAHLPQGTTYQQIMAVGILCGIGFTMSIFIASLAFGNVDPELINWAKLGILIGSLLSAVVGYSWLRARLNAPASENLYFQ
GGRGSHHHHHH
;
A,B
2 'polypeptide(L)'
;AVTLDESGGGLQTPGGGLSLVCKASGFTFSDYGMGWVRQAPDKGLEWVAGIYTTGSGTRYGAAVKGRATISRDNGQSTVR
LQLNNLRAEDTGTYYCAKSTGRDYYGGGIDAWGHGTEVIVSSASTKGPSVFPLAPSSKSTSGGTAALGCLVKDYFPEPVT
VSWNSGALTSGVHTFPAVLQSSGLYSLSSVVTVPSSSLGTQTYICNVNHKPSNTKVDKKVEPKSCDKTSGQAGQHHHHHH
GAYPYDVPDYAS
;
C,E
3 'polypeptide(L)'
;ALTQPSSVSANPGGTVKITCSGGTYSYGWFQQKSPGSAPVTVIYWNDKRPSNIPSRFSGSKSGSTHTLTITGVRAEDEAV
YFCGSADSSGTAIFGAGTTLTVLRTVAAPSVFIFPPSDEQLKSGTASVVCLLNNFYPREAKVQWKVDNALQSGNSQESVT
EQDSKDSTYSLSSTLTLSKADYEKHKVYACEVTHQGLSLPVTKSFNRGEC
;
D,F
#
loop_
_chem_comp.id
_chem_comp.type
_chem_comp.name
_chem_comp.formula
3PE non-polymer 1,2-Distearoyl-sn-glycerophosphoethanolamine 'C41 H82 N O8 P'
3PH non-polymer 1,2-DIACYL-GLYCEROL-3-SN-PHOSPHATE 'C39 H77 O8 P'
CDL non-polymer CARDIOLIPIN 'C81 H156 O17 P2 -2'
CL non-polymer 'CHLORIDE ION' 'Cl -1'
PG4 non-polymer 'TETRAETHYLENE GLYCOL' 'C8 H18 O5'
PO4 non-polymer 'PHOSPHATE ION' 'O4 P -3'
#
# COMPACT_ATOMS: atom_id res chain seq x y z
N ALA A 17 29.83 1.48 -39.65
CA ALA A 17 28.49 0.93 -39.81
C ALA A 17 28.21 -0.17 -38.80
N SER A 18 29.05 -0.23 -37.76
CA SER A 18 28.90 -1.27 -36.76
C SER A 18 27.66 -1.04 -35.90
N GLY A 19 27.37 0.22 -35.57
CA GLY A 19 26.22 0.52 -34.74
C GLY A 19 24.90 0.26 -35.42
N GLY A 20 24.88 0.31 -36.76
CA GLY A 20 23.64 0.06 -37.47
C GLY A 20 23.25 -1.40 -37.48
N ILE A 21 24.23 -2.30 -37.62
CA ILE A 21 23.94 -3.73 -37.68
C ILE A 21 23.52 -4.24 -36.30
N ILE A 22 24.23 -3.81 -35.25
CA ILE A 22 23.91 -4.26 -33.90
C ILE A 22 22.54 -3.74 -33.46
N LEU A 23 22.03 -2.70 -34.11
CA LEU A 23 20.69 -2.21 -33.81
C LEU A 23 19.62 -3.09 -34.45
N ILE A 24 19.90 -3.62 -35.65
CA ILE A 24 18.94 -4.49 -36.32
C ILE A 24 18.85 -5.84 -35.63
N ILE A 25 19.99 -6.34 -35.13
CA ILE A 25 19.99 -7.62 -34.42
C ILE A 25 19.11 -7.53 -33.17
N ALA A 26 19.18 -6.40 -32.46
CA ALA A 26 18.32 -6.22 -31.28
C ALA A 26 16.85 -6.17 -31.68
N ALA A 27 16.55 -5.57 -32.83
CA ALA A 27 15.17 -5.52 -33.29
C ALA A 27 14.73 -6.87 -33.83
N ALA A 28 15.63 -7.60 -34.48
CA ALA A 28 15.30 -8.93 -34.99
C ALA A 28 15.01 -9.89 -33.85
N LEU A 29 15.83 -9.86 -32.80
CA LEU A 29 15.57 -10.70 -31.63
C LEU A 29 14.27 -10.29 -30.95
N ALA A 30 13.99 -8.99 -30.88
CA ALA A 30 12.74 -8.52 -30.29
C ALA A 30 11.53 -9.06 -31.05
N MET A 31 11.64 -9.14 -32.38
CA MET A 31 10.58 -9.76 -33.17
C MET A 31 10.47 -11.26 -32.87
N LEU A 32 11.61 -11.94 -32.75
CA LEU A 32 11.58 -13.35 -32.38
C LEU A 32 11.07 -13.55 -30.96
N MET A 33 11.35 -12.60 -30.06
CA MET A 33 10.85 -12.70 -28.69
C MET A 33 9.34 -12.54 -28.63
N ALA A 34 8.77 -11.70 -29.49
CA ALA A 34 7.35 -11.41 -29.46
C ALA A 34 6.51 -12.27 -30.39
N ASN A 35 7.13 -13.23 -31.08
CA ASN A 35 6.40 -14.07 -32.03
C ASN A 35 6.62 -15.56 -31.85
N MET A 36 7.57 -15.97 -31.01
CA MET A 36 7.74 -17.39 -30.71
C MET A 36 6.88 -17.77 -29.50
N GLY A 37 6.37 -19.00 -29.53
CA GLY A 37 5.47 -19.44 -28.48
C GLY A 37 6.13 -19.48 -27.10
N ALA A 38 7.41 -19.84 -27.06
CA ALA A 38 8.10 -19.96 -25.79
C ALA A 38 8.53 -18.60 -25.23
N THR A 39 8.81 -17.63 -26.11
CA THR A 39 9.30 -16.33 -25.67
C THR A 39 8.17 -15.31 -25.49
N SER A 40 7.22 -15.26 -26.42
CA SER A 40 6.09 -14.35 -26.27
C SER A 40 5.26 -14.75 -25.06
N GLY A 41 4.85 -13.75 -24.29
CA GLY A 41 4.20 -13.99 -23.01
C GLY A 41 5.08 -13.49 -21.89
N TRP A 42 6.23 -14.13 -21.68
CA TRP A 42 7.21 -13.58 -20.74
C TRP A 42 7.79 -12.28 -21.27
N TYR A 43 7.87 -12.12 -22.58
CA TYR A 43 8.35 -10.87 -23.16
C TYR A 43 7.32 -9.75 -23.02
N HIS A 44 6.04 -10.09 -23.09
N HIS A 44 6.03 -10.08 -23.09
CA HIS A 44 4.99 -9.09 -22.99
CA HIS A 44 5.00 -9.06 -22.98
C HIS A 44 4.63 -8.80 -21.54
C HIS A 44 4.56 -8.81 -21.55
N ASP A 45 4.62 -9.82 -20.68
CA ASP A 45 4.30 -9.61 -19.28
C ASP A 45 5.40 -8.85 -18.55
N PHE A 46 6.65 -9.03 -18.97
CA PHE A 46 7.75 -8.30 -18.34
C PHE A 46 7.65 -6.81 -18.65
N LEU A 47 7.43 -6.45 -19.92
CA LEU A 47 7.37 -5.06 -20.29
C LEU A 47 6.16 -4.35 -19.69
N GLU A 48 5.12 -5.08 -19.29
CA GLU A 48 3.94 -4.51 -18.66
C GLU A 48 3.93 -4.74 -17.15
N THR A 49 5.08 -4.96 -16.54
CA THR A 49 5.14 -5.18 -15.10
C THR A 49 4.98 -3.85 -14.36
N PRO A 50 4.04 -3.75 -13.43
CA PRO A 50 3.89 -2.49 -12.68
C PRO A 50 5.08 -2.23 -11.77
N VAL A 51 5.57 -1.00 -11.81
CA VAL A 51 6.69 -0.55 -10.96
C VAL A 51 6.20 0.67 -10.21
N GLN A 52 5.84 0.50 -8.94
CA GLN A 52 5.28 1.57 -8.12
C GLN A 52 6.33 2.03 -7.12
N LEU A 53 6.78 3.27 -7.24
CA LEU A 53 7.71 3.89 -6.30
C LEU A 53 6.90 4.78 -5.36
N ARG A 54 6.99 4.49 -4.07
CA ARG A 54 6.24 5.21 -3.04
C ARG A 54 7.24 5.85 -2.08
N VAL A 55 7.26 7.18 -2.05
CA VAL A 55 8.15 7.92 -1.15
C VAL A 55 7.23 8.76 -0.26
N GLY A 56 6.86 8.20 0.89
CA GLY A 56 5.96 8.92 1.79
C GLY A 56 4.60 9.03 1.15
N ALA A 57 4.12 10.26 0.98
CA ALA A 57 2.85 10.51 0.31
C ALA A 57 2.98 10.47 -1.21
N LEU A 58 4.19 10.70 -1.73
CA LEU A 58 4.39 10.65 -3.17
C LEU A 58 4.26 9.23 -3.69
N GLU A 59 3.91 9.12 -4.97
CA GLU A 59 3.68 7.81 -5.58
C GLU A 59 3.81 7.94 -7.09
N ILE A 60 4.74 7.20 -7.67
CA ILE A 60 5.00 7.22 -9.10
C ILE A 60 4.68 5.84 -9.66
N ASN A 61 3.60 5.74 -10.43
CA ASN A 61 3.15 4.49 -11.03
C ASN A 61 3.48 4.51 -12.52
N LYS A 62 4.48 3.73 -12.91
CA LYS A 62 4.81 3.54 -14.32
C LYS A 62 5.16 2.07 -14.53
N ASN A 63 4.83 1.56 -15.73
CA ASN A 63 5.13 0.18 -16.06
C ASN A 63 6.64 0.01 -16.29
N MET A 64 7.04 -1.23 -16.56
CA MET A 64 8.46 -1.52 -16.74
C MET A 64 9.01 -0.81 -17.98
N LEU A 65 8.29 -0.90 -19.10
CA LEU A 65 8.76 -0.26 -20.33
C LEU A 65 8.82 1.25 -20.19
N LEU A 66 7.95 1.83 -19.38
CA LEU A 66 7.96 3.28 -19.19
C LEU A 66 9.23 3.72 -18.45
N TRP A 67 9.57 3.03 -17.36
CA TRP A 67 10.80 3.36 -16.65
C TRP A 67 12.02 3.15 -17.52
N ILE A 68 11.99 2.12 -18.38
CA ILE A 68 13.12 1.84 -19.24
C ILE A 68 13.27 2.93 -20.31
N ASN A 69 12.16 3.28 -20.97
CA ASN A 69 12.23 4.29 -22.02
C ASN A 69 12.56 5.67 -21.47
N ASP A 70 12.07 6.00 -20.27
CA ASP A 70 12.34 7.31 -19.69
C ASP A 70 13.83 7.49 -19.36
N ALA A 71 14.53 6.39 -19.11
CA ALA A 71 15.95 6.46 -18.78
C ALA A 71 16.84 6.31 -20.02
N LEU A 72 16.43 5.46 -20.97
CA LEU A 72 17.24 5.27 -22.18
C LEU A 72 17.21 6.50 -23.06
N MET A 73 16.03 7.09 -23.27
CA MET A 73 15.93 8.27 -24.11
C MET A 73 16.50 9.51 -23.43
N ALA A 74 16.61 9.52 -22.11
CA ALA A 74 17.26 10.63 -21.43
C ALA A 74 18.75 10.65 -21.74
N VAL A 75 19.39 9.47 -21.75
CA VAL A 75 20.80 9.40 -22.09
C VAL A 75 21.01 9.63 -23.58
N PHE A 76 20.11 9.09 -24.41
CA PHE A 76 20.25 9.26 -25.85
C PHE A 76 20.12 10.72 -26.25
N PHE A 77 19.19 11.46 -25.63
CA PHE A 77 19.04 12.88 -25.92
C PHE A 77 20.05 13.75 -25.20
N LEU A 78 20.73 13.22 -24.18
CA LEU A 78 21.87 13.94 -23.63
C LEU A 78 23.01 14.01 -24.64
N LEU A 79 23.25 12.92 -25.36
CA LEU A 79 24.24 12.95 -26.43
C LEU A 79 23.82 13.91 -27.54
N ILE A 80 22.51 14.00 -27.81
CA ILE A 80 22.03 14.92 -28.84
C ILE A 80 22.24 16.37 -28.39
N GLY A 81 21.98 16.66 -27.11
CA GLY A 81 22.22 18.01 -26.61
C GLY A 81 23.65 18.46 -26.79
N LEU A 82 24.61 17.54 -26.67
CA LEU A 82 26.00 17.88 -26.93
C LEU A 82 26.26 18.01 -28.43
N GLU A 83 25.66 17.12 -29.23
CA GLU A 83 25.86 17.18 -30.68
C GLU A 83 25.20 18.41 -31.28
N VAL A 84 24.01 18.78 -30.80
CA VAL A 84 23.35 19.98 -31.28
C VAL A 84 24.14 21.22 -30.89
N LYS A 85 24.73 21.22 -29.69
CA LYS A 85 25.42 22.41 -29.21
C LYS A 85 26.66 22.70 -30.05
N ARG A 86 27.47 21.68 -30.33
CA ARG A 86 28.68 21.92 -31.12
C ARG A 86 28.37 22.09 -32.60
N GLU A 87 27.24 21.57 -33.09
CA GLU A 87 26.83 21.86 -34.46
C GLU A 87 26.28 23.27 -34.58
N LEU A 88 25.72 23.82 -33.49
CA LEU A 88 25.16 25.16 -33.51
C LEU A 88 26.21 26.23 -33.30
N MET A 89 27.46 25.86 -33.00
CA MET A 89 28.51 26.85 -32.79
C MET A 89 29.77 26.52 -33.58
N GLN A 90 30.00 25.23 -33.86
CA GLN A 90 31.16 24.80 -34.62
C GLN A 90 30.82 24.02 -35.89
N GLY A 91 29.64 23.41 -35.97
CA GLY A 91 29.30 22.58 -37.10
C GLY A 91 28.56 23.29 -38.21
N SER A 92 27.58 22.60 -38.81
CA SER A 92 26.87 23.16 -39.94
C SER A 92 25.88 24.24 -39.50
N LEU A 93 25.24 24.05 -38.36
CA LEU A 93 24.26 25.01 -37.85
C LEU A 93 24.89 26.20 -37.16
N ALA A 94 26.19 26.43 -37.34
CA ALA A 94 26.86 27.53 -36.65
C ALA A 94 26.43 28.88 -37.23
N SER A 95 26.45 29.02 -38.55
CA SER A 95 26.07 30.25 -39.21
C SER A 95 24.62 30.15 -39.69
N LEU A 96 23.98 31.32 -39.83
CA LEU A 96 22.60 31.38 -40.27
C LEU A 96 22.45 31.00 -41.74
N ARG A 97 23.51 31.14 -42.54
CA ARG A 97 23.45 30.82 -43.96
C ARG A 97 23.69 29.35 -44.24
N GLN A 98 24.66 28.73 -43.56
CA GLN A 98 24.89 27.30 -43.76
C GLN A 98 23.73 26.48 -43.21
N ALA A 99 23.13 26.92 -42.11
CA ALA A 99 22.01 26.22 -41.49
C ALA A 99 20.71 26.37 -42.27
N ALA A 100 20.68 27.18 -43.32
CA ALA A 100 19.45 27.39 -44.07
C ALA A 100 19.00 26.12 -44.77
N PHE A 101 19.93 25.43 -45.44
CA PHE A 101 19.55 24.25 -46.22
C PHE A 101 19.08 23.09 -45.36
N PRO A 102 19.75 22.73 -44.26
CA PRO A 102 19.21 21.64 -43.43
C PRO A 102 17.90 21.98 -42.73
N VAL A 103 17.71 23.25 -42.34
CA VAL A 103 16.50 23.62 -41.63
C VAL A 103 15.31 23.65 -42.59
N ILE A 104 15.50 24.19 -43.80
CA ILE A 104 14.42 24.20 -44.78
C ILE A 104 13.99 22.79 -45.12
N ALA A 105 14.96 21.87 -45.25
CA ALA A 105 14.62 20.48 -45.51
C ALA A 105 13.87 19.84 -44.33
N ALA A 106 14.08 20.35 -43.12
CA ALA A 106 13.42 19.79 -41.95
C ALA A 106 11.95 20.17 -41.89
N ILE A 107 11.64 21.44 -42.15
CA ILE A 107 10.25 21.89 -42.14
C ILE A 107 9.45 21.15 -43.21
N GLY A 108 10.06 20.93 -44.37
CA GLY A 108 9.39 20.17 -45.41
C GLY A 108 9.28 18.69 -45.07
N GLY A 109 10.31 18.15 -44.41
CA GLY A 109 10.28 16.76 -44.00
C GLY A 109 9.45 16.55 -42.75
N MET A 110 8.51 17.44 -42.49
CA MET A 110 7.64 17.35 -41.33
C MET A 110 6.20 17.69 -41.71
N ILE A 111 5.99 18.79 -42.43
CA ILE A 111 4.64 19.21 -42.76
C ILE A 111 4.04 18.30 -43.83
N VAL A 112 4.86 17.79 -44.74
CA VAL A 112 4.37 16.89 -45.79
C VAL A 112 4.08 15.52 -45.20
N PRO A 113 4.96 14.92 -44.39
CA PRO A 113 4.58 13.65 -43.72
C PRO A 113 3.38 13.81 -42.81
N ALA A 114 3.23 14.95 -42.14
CA ALA A 114 2.08 15.15 -41.26
C ALA A 114 0.80 15.29 -42.07
N LEU A 115 0.83 16.10 -43.13
CA LEU A 115 -0.36 16.26 -43.97
C LEU A 115 -0.80 14.93 -44.56
N LEU A 116 0.16 14.13 -45.05
CA LEU A 116 -0.19 12.80 -45.56
C LEU A 116 -0.78 11.93 -44.45
N TYR A 117 -0.14 11.93 -43.27
CA TYR A 117 -0.68 11.18 -42.15
C TYR A 117 -2.06 11.70 -41.76
N LEU A 118 -2.20 13.03 -41.66
CA LEU A 118 -3.50 13.61 -41.35
C LEU A 118 -4.50 13.43 -42.47
N ALA A 119 -4.04 13.25 -43.71
CA ALA A 119 -4.97 12.97 -44.81
C ALA A 119 -5.70 11.65 -44.60
N PHE A 120 -5.04 10.68 -43.97
CA PHE A 120 -5.66 9.39 -43.69
C PHE A 120 -6.41 9.37 -42.36
N ASN A 121 -5.97 10.13 -41.37
CA ASN A 121 -6.47 9.99 -40.01
C ASN A 121 -7.19 11.25 -39.51
N TYR A 122 -7.64 12.12 -40.42
CA TYR A 122 -8.33 13.32 -39.97
C TYR A 122 -9.69 13.00 -39.36
N SER A 123 -10.35 11.95 -39.84
CA SER A 123 -11.68 11.60 -39.35
C SER A 123 -11.64 10.97 -37.97
N ASP A 124 -10.50 10.44 -37.53
CA ASP A 124 -10.40 9.81 -36.22
C ASP A 124 -9.60 10.70 -35.28
N PRO A 125 -10.23 11.31 -34.28
CA PRO A 125 -9.48 12.17 -33.34
C PRO A 125 -8.47 11.41 -32.50
N VAL A 126 -8.63 10.10 -32.33
CA VAL A 126 -7.72 9.34 -31.49
C VAL A 126 -6.38 9.13 -32.19
N THR A 127 -6.42 8.87 -33.51
CA THR A 127 -5.20 8.57 -34.25
C THR A 127 -4.50 9.81 -34.79
N ARG A 128 -5.23 10.89 -35.03
CA ARG A 128 -4.58 12.09 -35.57
C ARG A 128 -3.72 12.81 -34.54
N GLU A 129 -3.62 12.29 -33.32
CA GLU A 129 -2.69 12.84 -32.33
C GLU A 129 -1.26 12.43 -32.60
N GLY A 130 -1.05 11.36 -33.37
CA GLY A 130 0.29 10.90 -33.69
C GLY A 130 0.74 11.32 -35.07
N TRP A 131 0.48 12.59 -35.42
CA TRP A 131 0.90 13.10 -36.72
C TRP A 131 2.41 13.27 -36.81
N ALA A 132 3.11 13.30 -35.68
CA ALA A 132 4.54 13.49 -35.64
C ALA A 132 5.32 12.18 -35.71
N ILE A 133 4.64 11.05 -35.90
CA ILE A 133 5.30 9.75 -35.98
C ILE A 133 6.09 9.64 -37.29
N PRO A 134 5.52 9.93 -38.47
CA PRO A 134 6.32 9.78 -39.70
C PRO A 134 7.20 10.99 -39.99
N ALA A 135 7.47 11.81 -38.97
CA ALA A 135 8.31 12.99 -39.13
C ALA A 135 9.67 12.84 -38.47
N ALA A 136 9.99 11.66 -37.95
CA ALA A 136 11.26 11.39 -37.30
C ALA A 136 12.12 10.49 -38.16
N THR A 137 13.41 10.41 -37.81
CA THR A 137 14.37 9.59 -38.53
C THR A 137 15.36 9.00 -37.56
N ASP A 138 15.54 7.68 -37.61
CA ASP A 138 16.55 7.02 -36.80
C ASP A 138 17.93 7.41 -37.30
N ILE A 139 18.67 8.18 -36.49
CA ILE A 139 19.97 8.66 -36.91
C ILE A 139 20.95 7.51 -37.04
N ALA A 140 20.97 6.62 -36.04
CA ALA A 140 21.91 5.50 -36.06
C ALA A 140 21.63 4.55 -37.22
N PHE A 141 20.37 4.40 -37.61
CA PHE A 141 20.04 3.54 -38.73
C PHE A 141 20.36 4.21 -40.06
N ALA A 142 20.01 5.49 -40.20
CA ALA A 142 20.28 6.19 -41.45
C ALA A 142 21.78 6.34 -41.70
N LEU A 143 22.55 6.65 -40.65
CA LEU A 143 24.00 6.69 -40.79
C LEU A 143 24.58 5.32 -41.06
N GLY A 144 23.95 4.27 -40.54
CA GLY A 144 24.44 2.92 -40.78
C GLY A 144 24.29 2.50 -42.24
N VAL A 145 23.17 2.86 -42.87
CA VAL A 145 22.98 2.54 -44.28
C VAL A 145 23.97 3.33 -45.14
N LEU A 146 24.17 4.60 -44.81
CA LEU A 146 25.18 5.39 -45.53
C LEU A 146 26.56 4.79 -45.34
N ALA A 147 26.94 4.48 -44.10
CA ALA A 147 28.25 3.91 -43.84
C ALA A 147 28.39 2.49 -44.39
N LEU A 148 27.29 1.81 -44.68
CA LEU A 148 27.36 0.46 -45.22
C LEU A 148 28.02 0.46 -46.59
N LEU A 149 27.52 1.29 -47.50
CA LEU A 149 28.11 1.46 -48.82
C LEU A 149 28.93 2.74 -48.92
N GLY A 150 29.35 3.30 -47.79
CA GLY A 150 30.00 4.59 -47.78
C GLY A 150 31.50 4.58 -47.94
N SER A 151 32.00 3.92 -48.99
CA SER A 151 33.42 3.98 -49.29
C SER A 151 33.83 5.38 -49.69
N ARG A 152 33.06 6.00 -50.59
CA ARG A 152 33.30 7.37 -51.02
C ARG A 152 31.97 8.11 -51.13
N VAL A 153 31.24 8.19 -50.02
CA VAL A 153 30.05 9.03 -49.95
C VAL A 153 30.50 10.44 -49.56
N PRO A 154 29.91 11.49 -50.13
CA PRO A 154 30.32 12.86 -49.78
C PRO A 154 30.09 13.12 -48.29
N LEU A 155 31.16 13.51 -47.61
CA LEU A 155 31.10 13.76 -46.17
C LEU A 155 30.05 14.79 -45.82
N ALA A 156 29.76 15.71 -46.73
CA ALA A 156 28.74 16.73 -46.48
C ALA A 156 27.35 16.13 -46.33
N LEU A 157 27.10 14.95 -46.91
CA LEU A 157 25.81 14.29 -46.73
C LEU A 157 25.62 13.84 -45.29
N LYS A 158 26.65 13.22 -44.70
CA LYS A 158 26.54 12.76 -43.31
C LYS A 158 26.35 13.94 -42.36
N ILE A 159 26.98 15.08 -42.65
CA ILE A 159 26.73 16.27 -41.86
C ILE A 159 25.32 16.79 -42.12
N PHE A 160 24.86 16.70 -43.38
CA PHE A 160 23.51 17.13 -43.70
C PHE A 160 22.47 16.18 -43.11
N LEU A 161 22.67 14.87 -43.29
CA LEU A 161 21.71 13.90 -42.79
C LEU A 161 21.60 13.96 -41.27
N MET A 162 22.74 14.06 -40.57
CA MET A 162 22.70 14.14 -39.12
C MET A 162 22.03 15.42 -38.64
N ALA A 163 22.33 16.54 -39.29
CA ALA A 163 21.70 17.80 -38.91
C ALA A 163 20.23 17.84 -39.31
N LEU A 164 19.86 17.16 -40.40
CA LEU A 164 18.48 17.16 -40.85
C LEU A 164 17.58 16.39 -39.88
N ALA A 165 18.03 15.23 -39.43
CA ALA A 165 17.24 14.43 -38.51
C ALA A 165 17.29 14.95 -37.09
N ILE A 166 18.32 15.73 -36.74
CA ILE A 166 18.48 16.19 -35.36
C ILE A 166 17.42 17.25 -35.03
N ILE A 167 17.05 18.08 -36.00
CA ILE A 167 16.09 19.14 -35.74
C ILE A 167 14.66 18.58 -35.77
N ASP A 168 14.40 17.62 -36.66
CA ASP A 168 13.07 17.01 -36.69
C ASP A 168 12.81 16.16 -35.46
N ASP A 169 13.83 15.46 -34.96
CA ASP A 169 13.66 14.65 -33.76
C ASP A 169 13.50 15.52 -32.52
N LEU A 170 14.40 16.49 -32.34
CA LEU A 170 14.32 17.37 -31.18
C LEU A 170 13.09 18.29 -31.27
N GLY A 171 12.78 18.77 -32.47
CA GLY A 171 11.60 19.61 -32.63
C GLY A 171 10.31 18.88 -32.30
N ALA A 172 10.24 17.58 -32.64
CA ALA A 172 9.06 16.80 -32.30
C ALA A 172 8.92 16.63 -30.79
N ILE A 173 10.05 16.45 -30.09
CA ILE A 173 10.00 16.30 -28.64
C ILE A 173 9.59 17.61 -27.98
N VAL A 174 10.09 18.73 -28.50
CA VAL A 174 9.73 20.04 -27.94
C VAL A 174 8.25 20.33 -28.17
N ILE A 175 7.76 20.05 -29.38
CA ILE A 175 6.35 20.31 -29.69
C ILE A 175 5.44 19.44 -28.82
N ILE A 176 5.81 18.18 -28.64
CA ILE A 176 5.01 17.28 -27.81
C ILE A 176 5.01 17.75 -26.36
N ALA A 177 6.16 18.23 -25.88
CA ALA A 177 6.30 18.66 -24.49
C ALA A 177 5.78 20.07 -24.23
N LEU A 178 5.17 20.71 -25.23
CA LEU A 178 4.61 22.05 -25.07
C LEU A 178 3.10 22.08 -25.12
N PHE A 179 2.50 21.40 -26.10
CA PHE A 179 1.05 21.45 -26.30
C PHE A 179 0.39 20.15 -25.88
N TYR A 180 0.67 19.05 -26.57
CA TYR A 180 0.03 17.76 -26.29
C TYR A 180 0.50 17.12 -24.98
N THR A 181 1.25 17.81 -24.13
CA THR A 181 1.71 17.24 -22.88
C THR A 181 0.74 17.55 -21.75
N SER A 182 0.81 16.73 -20.70
CA SER A 182 0.03 16.95 -19.50
C SER A 182 0.84 17.78 -18.51
N ASP A 183 0.21 18.80 -17.95
CA ASP A 183 0.90 19.69 -17.02
C ASP A 183 1.32 18.94 -15.77
N LEU A 184 2.57 19.15 -15.35
CA LEU A 184 3.12 18.47 -14.19
C LEU A 184 2.76 19.22 -12.91
N SER A 185 3.24 18.71 -11.78
CA SER A 185 2.97 19.33 -10.50
C SER A 185 3.70 20.67 -10.40
N ILE A 186 3.11 21.59 -9.62
CA ILE A 186 3.74 22.88 -9.37
C ILE A 186 5.06 22.68 -8.64
N VAL A 187 5.14 21.68 -7.75
CA VAL A 187 6.38 21.38 -7.06
C VAL A 187 7.42 20.84 -8.04
N SER A 188 6.98 20.13 -9.08
CA SER A 188 7.92 19.59 -10.05
C SER A 188 8.58 20.68 -10.87
N LEU A 189 7.80 21.67 -11.32
CA LEU A 189 8.36 22.75 -12.12
C LEU A 189 9.24 23.67 -11.28
N GLY A 190 8.94 23.81 -9.98
CA GLY A 190 9.79 24.63 -9.13
C GLY A 190 11.18 24.05 -8.95
N VAL A 191 11.27 22.73 -8.75
CA VAL A 191 12.56 22.08 -8.66
C VAL A 191 13.24 22.07 -10.03
N ALA A 192 12.46 21.87 -11.10
CA ALA A 192 13.01 21.90 -12.44
C ALA A 192 13.59 23.27 -12.76
N ALA A 193 12.91 24.33 -12.34
CA ALA A 193 13.44 25.68 -12.54
C ALA A 193 14.70 25.90 -11.72
N PHE A 194 14.72 25.43 -10.47
CA PHE A 194 15.91 25.56 -9.65
C PHE A 194 17.05 24.71 -10.18
N ALA A 195 16.74 23.53 -10.72
CA ALA A 195 17.77 22.68 -11.31
C ALA A 195 18.41 23.35 -12.52
N ILE A 196 17.60 23.96 -13.38
CA ILE A 196 18.15 24.69 -14.53
C ILE A 196 18.86 25.96 -14.05
N ALA A 197 18.37 26.59 -12.99
CA ALA A 197 19.04 27.76 -12.44
C ALA A 197 20.43 27.40 -11.93
N VAL A 198 20.56 26.25 -11.26
CA VAL A 198 21.87 25.80 -10.80
C VAL A 198 22.76 25.49 -12.00
N LEU A 199 22.22 24.81 -13.02
CA LEU A 199 23.00 24.55 -14.22
C LEU A 199 23.40 25.84 -14.92
N ALA A 200 22.58 26.89 -14.81
CA ALA A 200 22.93 28.17 -15.40
C ALA A 200 24.04 28.84 -14.61
N LEU A 201 23.90 28.89 -13.29
CA LEU A 201 24.94 29.49 -12.46
C LEU A 201 26.23 28.69 -12.53
N LEU A 202 26.14 27.38 -12.72
CA LEU A 202 27.34 26.56 -12.87
C LEU A 202 28.11 26.92 -14.12
N ASN A 203 27.41 27.09 -15.25
CA ASN A 203 28.08 27.42 -16.50
C ASN A 203 28.62 28.85 -16.47
N LEU A 204 27.89 29.78 -15.83
CA LEU A 204 28.36 31.15 -15.75
C LEU A 204 29.56 31.29 -14.82
N CYS A 205 29.61 30.50 -13.75
CA CYS A 205 30.76 30.53 -12.86
C CYS A 205 31.98 29.83 -13.45
N GLY A 206 31.81 29.04 -14.50
CA GLY A 206 32.93 28.44 -15.20
C GLY A 206 33.39 27.10 -14.67
N VAL A 207 32.53 26.36 -13.97
CA VAL A 207 32.90 25.03 -13.52
C VAL A 207 32.92 24.07 -14.71
N ARG A 208 33.86 23.13 -14.70
CA ARG A 208 34.06 22.23 -15.82
C ARG A 208 33.98 20.75 -15.44
N ARG A 209 33.66 20.44 -14.20
CA ARG A 209 33.43 19.05 -13.81
C ARG A 209 32.12 18.56 -14.43
N THR A 210 32.22 17.58 -15.33
CA THR A 210 31.03 17.07 -16.00
C THR A 210 30.08 16.39 -15.03
N GLY A 211 30.61 15.76 -13.98
CA GLY A 211 29.76 15.06 -13.03
C GLY A 211 28.84 15.97 -12.25
N VAL A 212 29.27 17.21 -12.00
CA VAL A 212 28.43 18.15 -11.26
C VAL A 212 27.20 18.52 -12.08
N TYR A 213 27.36 18.67 -13.40
CA TYR A 213 26.21 18.91 -14.26
C TYR A 213 25.29 17.70 -14.30
N ILE A 214 25.86 16.49 -14.27
CA ILE A 214 25.04 15.29 -14.24
C ILE A 214 24.33 15.15 -12.90
N LEU A 215 25.00 15.56 -11.82
CA LEU A 215 24.37 15.52 -10.49
C LEU A 215 23.14 16.40 -10.45
N VAL A 216 23.26 17.65 -10.92
CA VAL A 216 22.11 18.52 -10.99
C VAL A 216 21.11 18.03 -12.02
N GLY A 217 21.61 17.44 -13.11
CA GLY A 217 20.71 16.88 -14.12
C GLY A 217 19.89 15.72 -13.60
N ALA A 218 20.44 14.94 -12.67
CA ALA A 218 19.68 13.85 -12.07
C ALA A 218 18.50 14.40 -11.27
N VAL A 219 18.70 15.53 -10.59
CA VAL A 219 17.60 16.18 -9.88
C VAL A 219 16.56 16.69 -10.86
N LEU A 220 17.01 17.25 -11.99
CA LEU A 220 16.08 17.69 -13.02
C LEU A 220 15.32 16.51 -13.63
N TRP A 221 16.02 15.40 -13.88
CA TRP A 221 15.37 14.23 -14.46
C TRP A 221 14.39 13.59 -13.49
N THR A 222 14.68 13.63 -12.19
CA THR A 222 13.81 13.00 -11.20
C THR A 222 12.54 13.82 -10.96
N ALA A 223 12.65 15.14 -11.00
CA ALA A 223 11.50 16.00 -10.72
C ALA A 223 10.41 15.86 -11.78
N VAL A 224 10.79 15.55 -13.02
CA VAL A 224 9.83 15.43 -14.11
C VAL A 224 9.71 13.96 -14.51
N LEU A 225 9.92 13.06 -13.54
CA LEU A 225 9.90 11.63 -13.85
C LEU A 225 8.51 11.16 -14.27
N LYS A 226 7.46 11.85 -13.83
CA LYS A 226 6.11 11.42 -14.18
C LYS A 226 5.83 11.61 -15.67
N SER A 227 6.48 12.58 -16.31
CA SER A 227 6.31 12.83 -17.73
C SER A 227 7.52 12.29 -18.48
N GLY A 228 7.28 11.32 -19.37
CA GLY A 228 8.37 10.72 -20.12
C GLY A 228 9.01 11.67 -21.11
N VAL A 229 8.24 12.63 -21.63
CA VAL A 229 8.79 13.55 -22.61
C VAL A 229 9.62 14.64 -21.94
N HIS A 230 9.26 15.04 -20.71
CA HIS A 230 10.05 16.05 -20.00
C HIS A 230 11.33 15.45 -19.45
N ALA A 231 11.28 14.22 -18.95
CA ALA A 231 12.51 13.54 -18.55
C ALA A 231 13.44 13.33 -19.74
N THR A 232 12.89 13.22 -20.94
CA THR A 232 13.71 13.13 -22.14
C THR A 232 14.36 14.47 -22.45
N LEU A 233 13.58 15.56 -22.36
CA LEU A 233 14.13 16.89 -22.58
C LEU A 233 15.16 17.29 -21.53
N ALA A 234 15.16 16.62 -20.38
CA ALA A 234 16.18 16.89 -19.37
C ALA A 234 17.58 16.60 -19.91
N GLY A 235 17.70 15.55 -20.72
CA GLY A 235 18.99 15.25 -21.33
C GLY A 235 19.42 16.32 -22.33
N VAL A 236 18.46 16.88 -23.07
CA VAL A 236 18.78 17.95 -24.01
C VAL A 236 19.20 19.21 -23.26
N ILE A 237 18.54 19.51 -22.14
CA ILE A 237 18.86 20.70 -21.37
C ILE A 237 20.25 20.57 -20.75
N VAL A 238 20.55 19.42 -20.16
CA VAL A 238 21.86 19.20 -19.56
C VAL A 238 22.94 19.26 -20.64
N GLY A 239 22.68 18.67 -21.81
CA GLY A 239 23.65 18.72 -22.88
C GLY A 239 23.94 20.12 -23.38
N PHE A 240 22.98 21.04 -23.22
CA PHE A 240 23.19 22.42 -23.62
C PHE A 240 24.06 23.18 -22.63
N PHE A 241 24.05 22.78 -21.35
CA PHE A 241 24.79 23.50 -20.32
C PHE A 241 26.20 22.95 -20.10
N ILE A 242 26.57 21.85 -20.73
CA ILE A 242 27.95 21.35 -20.64
C ILE A 242 28.84 22.32 -21.40
N PRO A 243 29.88 22.87 -20.76
CA PRO A 243 30.73 23.84 -21.46
C PRO A 243 31.50 23.20 -22.60
N LEU A 244 31.69 23.98 -23.67
CA LEU A 244 32.39 23.54 -24.86
C LEU A 244 33.74 24.24 -25.04
N LYS A 245 34.13 25.11 -24.11
CA LYS A 245 35.38 25.84 -24.23
C LYS A 245 36.57 24.89 -24.23
N GLU A 246 37.61 25.27 -24.97
CA GLU A 246 38.82 24.46 -25.12
C GLU A 246 39.94 25.07 -24.30
N LYS A 247 39.81 24.97 -22.98
CA LYS A 247 40.83 25.46 -22.06
C LYS A 247 41.87 24.36 -21.82
N HIS A 248 43.14 24.70 -22.05
CA HIS A 248 44.26 23.76 -21.90
C HIS A 248 44.09 22.54 -22.80
N GLY A 249 43.49 22.74 -23.98
CA GLY A 249 43.31 21.65 -24.91
C GLY A 249 42.33 20.58 -24.47
N ARG A 250 41.40 20.90 -23.58
CA ARG A 250 40.40 19.97 -23.09
C ARG A 250 39.03 20.60 -23.14
N SER A 251 38.02 19.82 -23.54
CA SER A 251 36.65 20.30 -23.64
C SER A 251 35.74 19.31 -22.94
N PRO A 252 34.90 19.74 -22.00
CA PRO A 252 34.01 18.79 -21.31
C PRO A 252 32.96 18.19 -22.23
N ALA A 253 32.33 19.00 -23.09
CA ALA A 253 31.26 18.49 -23.93
C ALA A 253 31.81 17.56 -25.02
N LYS A 254 32.95 17.91 -25.61
CA LYS A 254 33.56 17.05 -26.61
C LYS A 254 34.02 15.73 -25.99
N ARG A 255 34.51 15.78 -24.75
CA ARG A 255 34.96 14.56 -24.08
C ARG A 255 33.76 13.72 -23.64
N LEU A 256 32.71 14.37 -23.13
CA LEU A 256 31.51 13.64 -22.73
C LEU A 256 30.81 13.02 -23.94
N GLU A 257 30.80 13.75 -25.07
CA GLU A 257 30.22 13.19 -26.29
C GLU A 257 31.03 11.99 -26.78
N HIS A 258 32.35 12.03 -26.60
CA HIS A 258 33.19 10.91 -27.01
C HIS A 258 32.96 9.68 -26.14
N VAL A 259 32.56 9.88 -24.89
CA VAL A 259 32.32 8.74 -24.00
C VAL A 259 30.93 8.16 -24.23
N LEU A 260 29.93 9.02 -24.44
CA LEU A 260 28.57 8.54 -24.59
C LEU A 260 28.31 7.89 -25.94
N HIS A 261 29.10 8.21 -26.95
CA HIS A 261 28.83 7.71 -28.30
C HIS A 261 28.86 6.19 -28.40
N PRO A 262 29.88 5.48 -27.89
CA PRO A 262 29.81 4.01 -27.96
C PRO A 262 28.75 3.41 -27.06
N TRP A 263 28.46 4.01 -25.92
CA TRP A 263 27.44 3.46 -25.03
C TRP A 263 26.05 3.62 -25.61
N VAL A 264 25.80 4.70 -26.37
CA VAL A 264 24.48 4.91 -26.94
C VAL A 264 24.26 3.96 -28.12
N ALA A 265 25.25 3.81 -28.99
CA ALA A 265 25.09 3.00 -30.19
C ALA A 265 25.16 1.51 -29.92
N TYR A 266 25.81 1.08 -28.84
CA TYR A 266 26.03 -0.34 -28.58
C TYR A 266 25.29 -0.85 -27.35
N LEU A 267 24.53 0.00 -26.67
CA LEU A 267 23.79 -0.45 -25.49
C LEU A 267 22.45 0.25 -25.35
N ILE A 268 22.46 1.59 -25.42
CA ILE A 268 21.23 2.35 -25.17
C ILE A 268 20.21 2.08 -26.27
N LEU A 269 20.59 2.32 -27.52
CA LEU A 269 19.70 2.11 -28.66
C LEU A 269 19.37 0.63 -28.87
N PRO A 270 20.34 -0.29 -28.76
CA PRO A 270 19.97 -1.72 -28.84
C PRO A 270 18.96 -2.13 -27.78
N LEU A 271 19.13 -1.68 -26.53
CA LEU A 271 18.16 -2.01 -25.50
C LEU A 271 16.80 -1.40 -25.80
N PHE A 272 16.78 -0.17 -26.33
CA PHE A 272 15.51 0.45 -26.67
C PHE A 272 14.83 -0.26 -27.82
N ALA A 273 15.61 -0.73 -28.80
CA ALA A 273 15.02 -1.46 -29.92
C ALA A 273 14.54 -2.84 -29.48
N PHE A 274 15.29 -3.50 -28.60
CA PHE A 274 14.89 -4.82 -28.12
C PHE A 274 13.64 -4.77 -27.26
N ALA A 275 13.34 -3.63 -26.64
CA ALA A 275 12.22 -3.51 -25.72
C ALA A 275 11.01 -2.83 -26.36
N ASN A 276 11.10 -2.42 -27.62
CA ASN A 276 10.00 -1.69 -28.23
C ASN A 276 9.66 -2.24 -29.62
N ALA A 277 10.65 -2.78 -30.33
CA ALA A 277 10.41 -3.23 -31.69
C ALA A 277 9.89 -4.66 -31.72
N GLY A 278 9.20 -5.07 -30.66
CA GLY A 278 8.67 -6.42 -30.59
C GLY A 278 7.16 -6.47 -30.56
N VAL A 279 6.54 -6.73 -31.71
CA VAL A 279 5.10 -6.86 -31.81
C VAL A 279 4.76 -8.23 -32.39
N SER A 280 3.58 -8.73 -32.04
CA SER A 280 3.11 -10.00 -32.56
C SER A 280 2.62 -9.84 -33.99
N LEU A 281 3.01 -10.77 -34.86
CA LEU A 281 2.61 -10.76 -36.25
C LEU A 281 1.40 -11.65 -36.53
N GLN A 282 0.88 -12.33 -35.52
CA GLN A 282 -0.27 -13.20 -35.72
C GLN A 282 -1.52 -12.38 -36.02
N GLY A 283 -2.21 -12.75 -37.10
CA GLY A 283 -3.41 -12.07 -37.51
C GLY A 283 -3.19 -10.87 -38.41
N VAL A 284 -1.93 -10.49 -38.66
CA VAL A 284 -1.65 -9.33 -39.50
C VAL A 284 -1.91 -9.70 -40.96
N THR A 285 -2.77 -8.93 -41.61
CA THR A 285 -3.13 -9.14 -43.00
C THR A 285 -2.83 -7.88 -43.81
N ILE A 286 -2.95 -8.02 -45.13
CA ILE A 286 -2.70 -6.88 -46.01
C ILE A 286 -3.76 -5.80 -45.80
N ASP A 287 -5.03 -6.20 -45.68
CA ASP A 287 -6.10 -5.23 -45.45
C ASP A 287 -5.94 -4.53 -44.12
N GLY A 288 -5.37 -5.23 -43.12
CA GLY A 288 -5.09 -4.59 -41.85
C GLY A 288 -3.97 -3.57 -41.93
N LEU A 289 -2.96 -3.83 -42.75
CA LEU A 289 -1.85 -2.91 -42.93
C LEU A 289 -2.22 -1.70 -43.76
N THR A 290 -3.28 -1.78 -44.57
CA THR A 290 -3.73 -0.67 -45.39
C THR A 290 -4.75 0.21 -44.70
N SER A 291 -5.00 0.00 -43.41
CA SER A 291 -5.88 0.88 -42.67
C SER A 291 -5.20 2.22 -42.43
N MET A 292 -5.99 3.18 -41.90
CA MET A 292 -5.54 4.56 -41.87
C MET A 292 -4.34 4.77 -40.96
N LEU A 293 -4.24 4.01 -39.87
CA LEU A 293 -3.14 4.24 -38.92
C LEU A 293 -1.81 3.72 -39.45
N PRO A 294 -1.69 2.45 -39.84
CA PRO A 294 -0.39 1.99 -40.34
C PRO A 294 -0.02 2.56 -41.71
N LEU A 295 -0.97 2.58 -42.65
CA LEU A 295 -0.68 3.11 -43.97
C LEU A 295 -0.34 4.59 -43.92
N GLY A 296 -0.98 5.35 -43.02
CA GLY A 296 -0.63 6.75 -42.86
C GLY A 296 0.82 6.94 -42.41
N ILE A 297 1.33 6.02 -41.60
CA ILE A 297 2.74 6.07 -41.22
C ILE A 297 3.63 5.59 -42.34
N ILE A 298 3.20 4.54 -43.05
CA ILE A 298 3.96 4.03 -44.18
C ILE A 298 4.06 5.08 -45.27
N ALA A 299 2.93 5.70 -45.62
CA ALA A 299 2.94 6.73 -46.64
C ALA A 299 3.66 7.99 -46.17
N GLY A 300 3.63 8.27 -44.86
CA GLY A 300 4.33 9.43 -44.34
C GLY A 300 5.83 9.27 -44.33
N LEU A 301 6.33 8.06 -44.06
CA LEU A 301 7.75 7.79 -44.03
C LEU A 301 8.31 7.50 -45.42
N LEU A 302 7.65 6.63 -46.18
CA LEU A 302 8.18 6.22 -47.47
C LEU A 302 7.98 7.28 -48.55
N ILE A 303 6.88 8.02 -48.50
CA ILE A 303 6.55 9.01 -49.51
C ILE A 303 6.60 10.43 -48.96
N GLY A 304 5.96 10.67 -47.82
CA GLY A 304 5.89 12.01 -47.28
C GLY A 304 7.23 12.57 -46.86
N ARG A 305 8.13 11.70 -46.36
CA ARG A 305 9.43 12.19 -45.91
C ARG A 305 10.32 12.62 -47.08
N PRO A 306 10.57 11.79 -48.10
CA PRO A 306 11.42 12.26 -49.20
C PRO A 306 10.77 13.35 -50.03
N LEU A 307 9.44 13.37 -50.14
CA LEU A 307 8.77 14.39 -50.93
C LEU A 307 8.96 15.77 -50.32
N GLY A 308 8.68 15.91 -49.02
CA GLY A 308 8.81 17.20 -48.38
C GLY A 308 10.25 17.68 -48.33
N ILE A 309 11.19 16.76 -48.13
CA ILE A 309 12.60 17.13 -48.12
C ILE A 309 13.05 17.56 -49.50
N SER A 310 12.66 16.81 -50.53
CA SER A 310 13.04 17.16 -51.90
C SER A 310 12.35 18.45 -52.34
N LEU A 311 11.09 18.62 -51.98
CA LEU A 311 10.34 19.80 -52.40
C LEU A 311 10.92 21.07 -51.80
N PHE A 312 11.21 21.05 -50.49
CA PHE A 312 11.67 22.25 -49.82
C PHE A 312 13.12 22.58 -50.13
N CYS A 313 13.97 21.55 -50.28
CA CYS A 313 15.32 21.79 -50.76
C CYS A 313 15.30 22.42 -52.14
N TRP A 314 14.39 21.95 -53.00
CA TRP A 314 14.32 22.46 -54.37
CA TRP A 314 14.34 22.48 -54.36
C TRP A 314 13.72 23.87 -54.41
N LEU A 315 12.69 24.12 -53.59
CA LEU A 315 12.10 25.45 -53.54
C LEU A 315 13.11 26.47 -53.04
N ALA A 316 13.95 26.08 -52.07
CA ALA A 316 14.98 26.99 -51.57
C ALA A 316 16.00 27.28 -52.67
N LEU A 317 16.38 26.26 -53.44
CA LEU A 317 17.36 26.46 -54.51
C LEU A 317 16.86 27.46 -55.54
N ARG A 318 15.58 27.37 -55.91
CA ARG A 318 15.02 28.26 -56.91
C ARG A 318 14.80 29.68 -56.38
N PHE A 319 14.53 29.83 -55.09
CA PHE A 319 14.17 31.12 -54.52
C PHE A 319 15.30 31.73 -53.68
N LYS A 320 16.55 31.49 -54.09
CA LYS A 320 17.73 32.26 -53.68
C LYS A 320 18.11 32.14 -52.21
N LEU A 321 17.26 31.53 -51.39
CA LEU A 321 17.56 31.41 -49.96
C LEU A 321 18.45 30.21 -49.64
N ALA A 322 18.88 29.45 -50.64
CA ALA A 322 19.50 28.16 -50.38
C ALA A 322 21.01 28.24 -50.30
N HIS A 323 21.58 27.26 -49.60
CA HIS A 323 23.01 26.98 -49.57
C HIS A 323 23.21 25.55 -50.05
N LEU A 324 24.40 25.26 -50.57
CA LEU A 324 24.67 23.95 -51.16
C LEU A 324 25.95 23.35 -50.59
N PRO A 325 25.90 22.16 -50.00
CA PRO A 325 27.13 21.53 -49.48
C PRO A 325 28.06 21.06 -50.59
N GLN A 326 29.23 20.57 -50.21
CA GLN A 326 30.22 20.14 -51.19
C GLN A 326 29.77 18.87 -51.91
N GLY A 327 29.89 18.88 -53.24
CA GLY A 327 29.47 17.73 -54.04
C GLY A 327 28.00 17.37 -53.85
N THR A 328 27.11 18.31 -54.18
CA THR A 328 25.70 18.16 -53.85
C THR A 328 24.96 17.34 -54.90
N THR A 329 25.06 17.74 -56.18
CA THR A 329 24.34 17.13 -57.30
C THR A 329 22.83 17.39 -57.24
N TYR A 330 22.30 17.58 -56.03
CA TYR A 330 20.89 17.71 -55.70
C TYR A 330 20.04 16.57 -56.28
N GLN A 331 20.69 15.50 -56.74
CA GLN A 331 20.03 14.22 -56.90
C GLN A 331 20.30 13.29 -55.72
N GLN A 332 21.45 13.47 -55.05
CA GLN A 332 21.72 12.74 -53.82
C GLN A 332 20.91 13.25 -52.65
N ILE A 333 20.43 14.49 -52.71
CA ILE A 333 19.65 15.06 -51.62
C ILE A 333 18.32 14.33 -51.48
N MET A 334 17.63 14.12 -52.60
CA MET A 334 16.34 13.43 -52.52
C MET A 334 16.50 11.97 -52.13
N ALA A 335 17.60 11.32 -52.55
CA ALA A 335 17.88 9.97 -52.08
C ALA A 335 18.12 9.94 -50.59
N VAL A 336 18.73 10.99 -50.03
CA VAL A 336 18.85 11.11 -48.59
C VAL A 336 17.48 11.27 -47.95
N GLY A 337 16.59 12.04 -48.60
CA GLY A 337 15.23 12.15 -48.11
C GLY A 337 14.51 10.82 -48.08
N ILE A 338 14.81 9.94 -49.03
CA ILE A 338 14.29 8.57 -48.96
C ILE A 338 14.87 7.84 -47.77
N LEU A 339 16.17 8.06 -47.50
CA LEU A 339 16.80 7.44 -46.34
C LEU A 339 16.32 8.05 -45.03
N CYS A 340 15.75 9.25 -45.07
CA CYS A 340 15.17 9.86 -43.87
C CYS A 340 13.86 9.20 -43.47
N GLY A 341 13.25 8.41 -44.36
CA GLY A 341 12.05 7.66 -44.01
C GLY A 341 12.26 6.55 -43.01
N ILE A 342 13.48 6.36 -42.53
CA ILE A 342 13.78 5.29 -41.57
C ILE A 342 13.54 5.89 -40.18
N GLY A 343 12.27 5.86 -39.75
CA GLY A 343 11.92 6.33 -38.43
C GLY A 343 12.45 5.42 -37.35
N PHE A 344 12.03 4.15 -37.38
CA PHE A 344 12.51 3.11 -36.49
C PHE A 344 12.42 3.50 -35.03
N THR A 345 13.57 3.62 -34.35
CA THR A 345 13.56 3.87 -32.91
C THR A 345 12.91 5.20 -32.56
N MET A 346 13.23 6.25 -33.32
CA MET A 346 12.69 7.57 -33.01
C MET A 346 11.18 7.61 -33.23
N SER A 347 10.70 7.08 -34.35
CA SER A 347 9.26 7.07 -34.60
C SER A 347 8.53 6.19 -33.58
N ILE A 348 9.14 5.09 -33.16
CA ILE A 348 8.54 4.25 -32.13
C ILE A 348 8.45 5.01 -30.81
N PHE A 349 9.49 5.77 -30.47
CA PHE A 349 9.43 6.56 -29.25
C PHE A 349 8.42 7.68 -29.37
N ILE A 350 8.29 8.29 -30.55
CA ILE A 350 7.25 9.29 -30.77
C ILE A 350 5.87 8.65 -30.67
N ALA A 351 5.73 7.44 -31.21
CA ALA A 351 4.44 6.75 -31.13
C ALA A 351 4.13 6.33 -29.69
N SER A 352 5.14 6.04 -28.89
CA SER A 352 4.90 5.66 -27.50
C SER A 352 4.39 6.83 -26.68
N LEU A 353 4.81 8.05 -27.03
CA LEU A 353 4.33 9.24 -26.33
C LEU A 353 2.93 9.63 -26.81
N ALA A 354 2.71 9.60 -28.13
CA ALA A 354 1.42 10.00 -28.67
C ALA A 354 0.34 8.98 -28.33
N PHE A 355 0.65 7.69 -28.43
CA PHE A 355 -0.32 6.64 -28.15
C PHE A 355 -0.11 6.03 -26.78
N GLY A 356 0.05 6.87 -25.77
CA GLY A 356 0.15 6.43 -24.39
C GLY A 356 -1.16 6.63 -23.66
N ASN A 357 -1.45 5.72 -22.72
CA ASN A 357 -2.67 5.74 -21.93
C ASN A 357 -3.91 5.76 -22.83
N VAL A 358 -3.85 4.99 -23.91
CA VAL A 358 -5.00 4.79 -24.79
C VAL A 358 -5.09 3.30 -25.11
N ASP A 359 -5.81 2.97 -26.18
CA ASP A 359 -6.00 1.56 -26.53
C ASP A 359 -4.65 0.91 -26.79
N PRO A 360 -4.37 -0.24 -26.17
CA PRO A 360 -3.02 -0.84 -26.29
C PRO A 360 -2.66 -1.32 -27.68
N GLU A 361 -3.63 -1.41 -28.61
CA GLU A 361 -3.33 -1.84 -29.96
C GLU A 361 -2.95 -0.68 -30.87
N LEU A 362 -3.15 0.57 -30.44
CA LEU A 362 -2.71 1.71 -31.23
C LEU A 362 -1.19 1.73 -31.38
N ILE A 363 -0.48 1.44 -30.30
CA ILE A 363 0.98 1.43 -30.35
C ILE A 363 1.48 0.23 -31.14
N ASN A 364 0.75 -0.88 -31.11
CA ASN A 364 1.18 -2.06 -31.87
C ASN A 364 1.00 -1.85 -33.36
N TRP A 365 -0.14 -1.30 -33.78
CA TRP A 365 -0.35 -1.01 -35.19
C TRP A 365 0.62 0.05 -35.69
N ALA A 366 1.02 0.99 -34.83
CA ALA A 366 1.98 2.01 -35.24
C ALA A 366 3.35 1.39 -35.52
N LYS A 367 3.79 0.47 -34.66
CA LYS A 367 5.09 -0.16 -34.85
C LYS A 367 5.12 -0.99 -36.13
N LEU A 368 4.00 -1.61 -36.50
CA LEU A 368 3.94 -2.35 -37.74
C LEU A 368 4.11 -1.43 -38.95
N GLY A 369 3.48 -0.25 -38.90
CA GLY A 369 3.64 0.70 -40.00
C GLY A 369 4.99 1.36 -40.02
N ILE A 370 5.63 1.51 -38.85
CA ILE A 370 6.95 2.14 -38.78
C ILE A 370 8.00 1.22 -39.39
N LEU A 371 7.99 -0.06 -39.01
CA LEU A 371 9.00 -0.99 -39.50
C LEU A 371 8.86 -1.23 -40.99
N ILE A 372 7.63 -1.46 -41.47
CA ILE A 372 7.41 -1.62 -42.91
C ILE A 372 7.82 -0.35 -43.64
N GLY A 373 7.49 0.81 -43.07
CA GLY A 373 7.90 2.06 -43.70
C GLY A 373 9.40 2.28 -43.67
N SER A 374 10.05 1.90 -42.57
CA SER A 374 11.49 2.10 -42.45
C SER A 374 12.26 1.10 -43.31
N LEU A 375 11.83 -0.16 -43.34
CA LEU A 375 12.51 -1.17 -44.15
CA LEU A 375 12.52 -1.16 -44.14
C LEU A 375 12.40 -0.84 -45.63
N LEU A 376 11.25 -0.33 -46.06
CA LEU A 376 11.09 0.06 -47.47
C LEU A 376 11.88 1.32 -47.78
N SER A 377 11.93 2.27 -46.84
CA SER A 377 12.72 3.47 -47.05
C SER A 377 14.21 3.16 -47.06
N ALA A 378 14.63 2.12 -46.35
CA ALA A 378 16.05 1.76 -46.34
C ALA A 378 16.46 1.07 -47.64
N VAL A 379 15.62 0.15 -48.13
CA VAL A 379 15.96 -0.58 -49.35
C VAL A 379 15.94 0.34 -50.56
N VAL A 380 14.94 1.22 -50.65
CA VAL A 380 14.85 2.14 -51.78
C VAL A 380 16.01 3.13 -51.75
N GLY A 381 16.32 3.69 -50.57
CA GLY A 381 17.48 4.55 -50.45
C GLY A 381 18.79 3.81 -50.71
N TYR A 382 18.84 2.53 -50.33
CA TYR A 382 20.01 1.71 -50.64
C TYR A 382 20.18 1.55 -52.15
N SER A 383 19.07 1.34 -52.86
CA SER A 383 19.13 1.04 -54.28
C SER A 383 19.56 2.23 -55.12
N TRP A 384 19.39 3.46 -54.62
CA TRP A 384 19.74 4.65 -55.39
C TRP A 384 21.21 5.03 -55.23
N LEU A 385 21.65 5.23 -53.98
CA LEU A 385 23.04 5.63 -53.75
C LEU A 385 24.01 4.53 -54.14
N ARG A 386 23.58 3.27 -54.12
CA ARG A 386 24.39 2.18 -54.66
C ARG A 386 24.64 2.40 -56.15
N ALA A 387 23.63 2.88 -56.88
CA ALA A 387 23.79 3.14 -58.30
C ALA A 387 24.67 4.37 -58.55
N ARG A 388 24.66 5.34 -57.64
CA ARG A 388 25.48 6.53 -57.78
C ARG A 388 26.95 6.21 -57.55
N ASP B 16 45.05 19.04 0.97
CA ASP B 16 45.27 19.38 2.37
C ASP B 16 44.20 18.73 3.25
N ALA B 17 43.89 19.39 4.37
CA ALA B 17 42.89 18.90 5.32
C ALA B 17 41.50 19.44 5.05
N SER B 18 41.20 19.78 3.79
CA SER B 18 39.88 20.33 3.47
C SER B 18 38.78 19.29 3.62
N GLY B 19 39.09 18.01 3.35
CA GLY B 19 38.09 16.98 3.49
C GLY B 19 37.69 16.70 4.93
N GLY B 20 38.64 16.87 5.86
CA GLY B 20 38.33 16.66 7.27
C GLY B 20 37.49 17.76 7.87
N ILE B 21 37.61 18.99 7.34
CA ILE B 21 36.82 20.10 7.87
C ILE B 21 35.39 20.05 7.33
N ILE B 22 35.23 19.75 6.04
CA ILE B 22 33.90 19.63 5.46
C ILE B 22 33.12 18.51 6.15
N LEU B 23 33.81 17.43 6.51
CA LEU B 23 33.15 16.34 7.24
C LEU B 23 32.68 16.79 8.61
N ILE B 24 33.32 17.80 9.19
CA ILE B 24 32.91 18.31 10.49
C ILE B 24 31.78 19.33 10.33
N ILE B 25 31.85 20.17 9.30
CA ILE B 25 30.78 21.13 9.05
C ILE B 25 29.47 20.41 8.76
N ALA B 26 29.54 19.33 7.98
CA ALA B 26 28.34 18.55 7.67
C ALA B 26 27.78 17.90 8.93
N ALA B 27 28.65 17.45 9.84
CA ALA B 27 28.18 16.87 11.09
C ALA B 27 27.64 17.95 12.02
N ALA B 28 28.28 19.13 12.03
CA ALA B 28 27.77 20.24 12.84
C ALA B 28 26.41 20.71 12.32
N LEU B 29 26.26 20.78 11.00
CA LEU B 29 24.97 21.14 10.42
C LEU B 29 23.90 20.12 10.78
N ALA B 30 24.27 18.84 10.76
CA ALA B 30 23.31 17.79 11.13
C ALA B 30 22.88 17.93 12.59
N MET B 31 23.82 18.27 13.47
CA MET B 31 23.48 18.48 14.87
C MET B 31 22.60 19.70 15.06
N LEU B 32 22.81 20.75 14.26
CA LEU B 32 21.94 21.92 14.35
C LEU B 32 20.53 21.61 13.85
N MET B 33 20.40 20.73 12.85
CA MET B 33 19.07 20.39 12.33
C MET B 33 18.24 19.65 13.37
N ALA B 34 18.88 18.78 14.16
CA ALA B 34 18.16 17.91 15.08
C ALA B 34 18.06 18.48 16.49
N ASN B 35 18.35 19.75 16.68
CA ASN B 35 18.28 20.32 18.02
C ASN B 35 17.40 21.57 18.11
N MET B 36 17.44 22.44 17.11
CA MET B 36 16.56 23.59 17.10
C MET B 36 15.17 23.19 16.60
N GLY B 37 14.13 23.73 17.24
CA GLY B 37 12.77 23.33 16.96
C GLY B 37 12.29 23.65 15.55
N ALA B 38 12.94 24.60 14.87
CA ALA B 38 12.51 24.96 13.53
C ALA B 38 12.77 23.84 12.53
N THR B 39 13.81 23.03 12.76
CA THR B 39 14.20 21.99 11.84
C THR B 39 14.18 20.58 12.44
N SER B 40 13.98 20.45 13.75
CA SER B 40 13.98 19.13 14.37
C SER B 40 12.83 18.27 13.86
N GLY B 41 11.72 18.90 13.50
CA GLY B 41 10.59 18.13 12.99
C GLY B 41 10.81 17.61 11.58
N TRP B 42 11.36 18.46 10.70
CA TRP B 42 11.57 18.04 9.32
C TRP B 42 12.75 17.07 9.21
N TYR B 43 13.84 17.33 9.93
CA TYR B 43 15.01 16.48 9.84
C TYR B 43 14.72 15.07 10.33
N HIS B 44 13.84 14.93 11.34
CA HIS B 44 13.51 13.61 11.85
C HIS B 44 12.48 12.91 10.95
N ASP B 45 11.46 13.63 10.51
CA ASP B 45 10.42 13.01 9.69
C ASP B 45 10.94 12.64 8.30
N PHE B 46 11.94 13.38 7.80
CA PHE B 46 12.48 13.08 6.48
C PHE B 46 13.28 11.79 6.49
N LEU B 47 14.16 11.63 7.48
CA LEU B 47 15.02 10.45 7.53
C LEU B 47 14.24 9.17 7.83
N GLU B 48 13.05 9.28 8.41
CA GLU B 48 12.22 8.12 8.72
C GLU B 48 11.11 7.91 7.68
N THR B 49 11.14 8.67 6.59
CA THR B 49 10.11 8.54 5.56
C THR B 49 10.22 7.18 4.88
N PRO B 50 9.14 6.40 4.81
CA PRO B 50 9.22 5.09 4.17
C PRO B 50 9.32 5.23 2.65
N VAL B 51 10.17 4.39 2.06
CA VAL B 51 10.38 4.34 0.62
C VAL B 51 10.11 2.92 0.17
N GLN B 52 8.97 2.71 -0.48
CA GLN B 52 8.56 1.39 -0.95
C GLN B 52 8.72 1.31 -2.46
N LEU B 53 9.50 0.34 -2.92
CA LEU B 53 9.65 0.04 -4.34
C LEU B 53 9.02 -1.31 -4.61
N ARG B 54 7.94 -1.33 -5.37
CA ARG B 54 7.19 -2.54 -5.66
C ARG B 54 7.29 -2.82 -7.15
N VAL B 55 8.05 -3.85 -7.51
CA VAL B 55 8.23 -4.26 -8.90
C VAL B 55 7.43 -5.53 -9.15
N GLY B 56 6.18 -5.36 -9.56
CA GLY B 56 5.29 -6.51 -9.76
C GLY B 56 4.97 -7.20 -8.45
N ALA B 57 5.50 -8.40 -8.26
CA ALA B 57 5.33 -9.12 -7.00
C ALA B 57 6.41 -8.78 -5.99
N LEU B 58 7.58 -8.36 -6.44
CA LEU B 58 8.68 -8.02 -5.55
C LEU B 58 8.38 -6.70 -4.82
N GLU B 59 9.02 -6.52 -3.68
CA GLU B 59 8.80 -5.33 -2.86
C GLU B 59 9.95 -5.15 -1.89
N ILE B 60 10.46 -3.93 -1.81
CA ILE B 60 11.50 -3.56 -0.85
C ILE B 60 10.99 -2.37 -0.05
N ASN B 61 10.98 -2.52 1.28
CA ASN B 61 10.50 -1.48 2.19
C ASN B 61 11.67 -1.06 3.09
N LYS B 62 12.21 0.12 2.83
CA LYS B 62 13.25 0.71 3.67
C LYS B 62 12.95 2.19 3.85
N ASN B 63 13.37 2.72 4.99
CA ASN B 63 13.19 4.15 5.25
C ASN B 63 14.14 4.96 4.37
N MET B 64 14.03 6.29 4.47
CA MET B 64 14.83 7.16 3.62
C MET B 64 16.32 7.03 3.95
N LEU B 65 16.65 6.91 5.23
CA LEU B 65 18.06 6.88 5.62
C LEU B 65 18.75 5.60 5.15
N LEU B 66 18.02 4.49 5.06
CA LEU B 66 18.63 3.26 4.58
C LEU B 66 18.96 3.33 3.09
N TRP B 67 18.05 3.88 2.29
CA TRP B 67 18.33 4.04 0.87
C TRP B 67 19.52 4.97 0.65
N ILE B 68 19.64 6.01 1.48
CA ILE B 68 20.76 6.93 1.35
C ILE B 68 22.05 6.26 1.77
N ASN B 69 22.03 5.55 2.90
CA ASN B 69 23.25 4.90 3.39
C ASN B 69 23.69 3.76 2.49
N ASP B 70 22.74 3.00 1.95
CA ASP B 70 23.09 1.89 1.07
C ASP B 70 23.64 2.36 -0.27
N ALA B 71 23.40 3.62 -0.64
CA ALA B 71 23.95 4.20 -1.86
C ALA B 71 25.25 4.95 -1.62
N LEU B 72 25.35 5.68 -0.49
CA LEU B 72 26.58 6.43 -0.22
C LEU B 72 27.71 5.48 0.17
N MET B 73 27.44 4.52 1.06
CA MET B 73 28.47 3.60 1.49
C MET B 73 28.86 2.60 0.40
N ALA B 74 27.98 2.39 -0.59
CA ALA B 74 28.37 1.57 -1.73
C ALA B 74 29.40 2.28 -2.58
N VAL B 75 29.30 3.60 -2.69
CA VAL B 75 30.30 4.38 -3.42
C VAL B 75 31.55 4.57 -2.58
N PHE B 76 31.38 4.75 -1.26
CA PHE B 76 32.53 4.92 -0.38
C PHE B 76 33.41 3.67 -0.35
N PHE B 77 32.79 2.49 -0.29
CA PHE B 77 33.55 1.25 -0.27
C PHE B 77 34.05 0.83 -1.65
N LEU B 78 33.47 1.37 -2.72
CA LEU B 78 34.06 1.16 -4.04
C LEU B 78 35.43 1.82 -4.13
N LEU B 79 35.57 3.02 -3.56
CA LEU B 79 36.88 3.64 -3.46
C LEU B 79 37.81 2.86 -2.55
N ILE B 80 37.27 2.23 -1.51
CA ILE B 80 38.09 1.43 -0.61
C ILE B 80 38.63 0.20 -1.35
N GLY B 81 37.77 -0.51 -2.07
CA GLY B 81 38.21 -1.67 -2.82
C GLY B 81 39.31 -1.36 -3.81
N LEU B 82 39.29 -0.15 -4.37
CA LEU B 82 40.38 0.26 -5.26
C LEU B 82 41.67 0.49 -4.48
N GLU B 83 41.58 1.14 -3.31
CA GLU B 83 42.77 1.38 -2.50
C GLU B 83 43.33 0.09 -1.92
N VAL B 84 42.47 -0.87 -1.59
CA VAL B 84 42.95 -2.14 -1.07
C VAL B 84 43.74 -2.89 -2.13
N LYS B 85 43.15 -3.07 -3.31
CA LYS B 85 43.82 -3.80 -4.38
C LYS B 85 45.15 -3.15 -4.76
N ARG B 86 45.20 -1.83 -4.76
CA ARG B 86 46.46 -1.14 -5.00
C ARG B 86 47.46 -1.41 -3.88
N GLU B 87 46.99 -1.31 -2.62
CA GLU B 87 47.87 -1.48 -1.48
C GLU B 87 48.18 -2.94 -1.20
N LEU B 88 47.41 -3.87 -1.74
CA LEU B 88 47.62 -5.30 -1.50
C LEU B 88 48.44 -5.96 -2.62
N MET B 89 48.63 -5.30 -3.75
CA MET B 89 49.42 -5.86 -4.85
C MET B 89 50.67 -5.03 -5.14
N GLN B 90 50.56 -3.71 -5.21
CA GLN B 90 51.70 -2.86 -5.52
C GLN B 90 51.84 -1.70 -4.54
N GLY B 91 51.21 -1.79 -3.37
CA GLY B 91 51.25 -0.70 -2.43
C GLY B 91 51.97 -1.01 -1.12
N SER B 92 51.48 -0.43 -0.02
CA SER B 92 52.13 -0.60 1.27
C SER B 92 51.88 -2.00 1.85
N LEU B 93 50.61 -2.38 1.98
CA LEU B 93 50.28 -3.68 2.56
C LEU B 93 50.90 -4.81 1.73
N ALA B 94 50.60 -4.83 0.44
CA ALA B 94 51.20 -5.77 -0.53
C ALA B 94 50.91 -7.20 -0.07
N SER B 95 51.82 -8.15 -0.30
CA SER B 95 51.65 -9.53 0.13
C SER B 95 52.98 -10.04 0.67
N LEU B 96 53.01 -11.32 1.04
CA LEU B 96 54.21 -11.98 1.55
C LEU B 96 54.73 -11.28 2.81
N ARG B 97 53.81 -10.77 3.62
CA ARG B 97 54.13 -10.16 4.91
C ARG B 97 55.10 -8.98 4.77
N GLN B 98 54.90 -8.18 3.72
CA GLN B 98 55.68 -6.95 3.58
C GLN B 98 55.31 -5.95 4.66
N ALA B 99 54.01 -5.63 4.77
CA ALA B 99 53.53 -4.78 5.85
C ALA B 99 52.67 -5.58 6.82
N ALA B 100 53.26 -6.54 7.51
CA ALA B 100 52.56 -7.26 8.57
C ALA B 100 52.45 -6.46 9.85
N PHE B 101 53.07 -5.27 9.89
CA PHE B 101 52.96 -4.43 11.10
C PHE B 101 51.56 -3.90 11.30
N PRO B 102 50.87 -3.35 10.27
CA PRO B 102 49.46 -2.99 10.48
C PRO B 102 48.53 -4.19 10.60
N VAL B 103 48.93 -5.35 10.08
CA VAL B 103 48.07 -6.53 10.17
C VAL B 103 47.99 -7.02 11.61
N ILE B 104 49.14 -7.17 12.27
CA ILE B 104 49.13 -7.60 13.66
C ILE B 104 48.53 -6.52 14.55
N ALA B 105 48.62 -5.25 14.14
CA ALA B 105 48.02 -4.17 14.91
C ALA B 105 46.51 -4.14 14.73
N ALA B 106 46.02 -4.40 13.51
CA ALA B 106 44.59 -4.38 13.25
C ALA B 106 43.86 -5.43 14.08
N ILE B 107 44.49 -6.59 14.29
CA ILE B 107 43.91 -7.60 15.17
C ILE B 107 43.84 -7.08 16.60
N GLY B 108 44.86 -6.33 17.02
CA GLY B 108 44.82 -5.73 18.34
C GLY B 108 43.88 -4.54 18.43
N GLY B 109 43.75 -3.78 17.34
CA GLY B 109 42.80 -2.69 17.30
C GLY B 109 41.35 -3.11 17.21
N MET B 110 41.08 -4.40 17.26
CA MET B 110 39.72 -4.94 17.25
C MET B 110 39.42 -5.81 18.45
N ILE B 111 40.39 -6.62 18.90
CA ILE B 111 40.16 -7.50 20.04
C ILE B 111 40.00 -6.69 21.32
N VAL B 112 40.93 -5.79 21.59
CA VAL B 112 40.86 -4.98 22.82
C VAL B 112 39.65 -4.07 22.84
N PRO B 113 39.32 -3.31 21.77
CA PRO B 113 38.09 -2.51 21.83
C PRO B 113 36.82 -3.34 21.96
N ALA B 114 36.80 -4.55 21.42
CA ALA B 114 35.61 -5.39 21.55
C ALA B 114 35.49 -5.95 22.95
N LEU B 115 36.57 -6.51 23.49
CA LEU B 115 36.53 -7.05 24.85
C LEU B 115 36.28 -5.96 25.88
N LEU B 116 36.76 -4.75 25.63
CA LEU B 116 36.48 -3.65 26.55
C LEU B 116 35.02 -3.21 26.46
N TYR B 117 34.48 -3.16 25.25
CA TYR B 117 33.07 -2.82 25.07
C TYR B 117 32.16 -3.90 25.67
N LEU B 118 32.52 -5.17 25.48
CA LEU B 118 31.73 -6.26 26.03
C LEU B 118 31.80 -6.31 27.55
N ALA B 119 32.85 -5.75 28.15
CA ALA B 119 32.93 -5.73 29.62
C ALA B 119 31.82 -4.88 30.23
N PHE B 120 31.31 -3.91 29.48
CA PHE B 120 30.21 -3.07 29.96
C PHE B 120 28.85 -3.66 29.63
N ASN B 121 28.70 -4.28 28.46
CA ASN B 121 27.40 -4.69 27.96
C ASN B 121 27.19 -6.21 28.02
N TYR B 122 28.02 -6.94 28.76
CA TYR B 122 27.88 -8.39 28.81
C TYR B 122 26.57 -8.81 29.47
N SER B 123 26.03 -7.98 30.37
CA SER B 123 24.78 -8.30 31.04
C SER B 123 23.56 -8.03 30.17
N ASP B 124 23.70 -7.23 29.12
CA ASP B 124 22.58 -6.90 28.24
C ASP B 124 22.78 -7.58 26.89
N PRO B 125 22.05 -8.65 26.59
CA PRO B 125 22.24 -9.34 25.30
C PRO B 125 21.87 -8.49 24.09
N VAL B 126 21.10 -7.43 24.26
CA VAL B 126 20.73 -6.59 23.13
C VAL B 126 21.92 -5.75 22.67
N THR B 127 22.68 -5.20 23.62
CA THR B 127 23.83 -4.37 23.29
C THR B 127 25.10 -5.17 23.03
N ARG B 128 25.09 -6.48 23.31
CA ARG B 128 26.26 -7.29 23.00
C ARG B 128 26.53 -7.39 21.51
N GLU B 129 25.52 -7.13 20.67
CA GLU B 129 25.70 -7.26 19.23
C GLU B 129 26.60 -6.15 18.67
N GLY B 130 26.66 -5.01 19.34
CA GLY B 130 27.46 -3.90 18.85
C GLY B 130 28.89 -3.91 19.35
N TRP B 131 29.49 -5.09 19.45
CA TRP B 131 30.87 -5.20 19.92
C TRP B 131 31.89 -4.71 18.90
N ALA B 132 31.48 -4.47 17.66
CA ALA B 132 32.37 -3.97 16.63
C ALA B 132 32.27 -2.47 16.41
N ILE B 133 31.45 -1.77 17.20
CA ILE B 133 31.30 -0.33 17.03
C ILE B 133 32.61 0.41 17.30
N PRO B 134 33.32 0.20 18.43
CA PRO B 134 34.56 0.95 18.65
C PRO B 134 35.77 0.28 18.02
N ALA B 135 35.54 -0.55 16.99
CA ALA B 135 36.61 -1.25 16.29
C ALA B 135 36.78 -0.72 14.87
N ALA B 136 36.48 0.55 14.65
CA ALA B 136 36.57 1.18 13.34
C ALA B 136 37.29 2.51 13.45
N THR B 137 37.58 3.10 12.29
CA THR B 137 38.30 4.37 12.25
C THR B 137 37.87 5.14 11.00
N ASP B 138 37.45 6.38 11.20
CA ASP B 138 37.07 7.27 10.10
C ASP B 138 38.34 7.75 9.41
N ILE B 139 38.62 7.22 8.23
CA ILE B 139 39.87 7.54 7.54
C ILE B 139 39.91 9.02 7.13
N ALA B 140 38.75 9.59 6.80
CA ALA B 140 38.73 10.99 6.35
C ALA B 140 39.09 11.94 7.48
N PHE B 141 38.54 11.72 8.68
CA PHE B 141 38.81 12.61 9.80
C PHE B 141 40.16 12.30 10.45
N ALA B 142 40.51 11.02 10.54
CA ALA B 142 41.78 10.66 11.16
C ALA B 142 42.96 11.17 10.35
N LEU B 143 42.89 11.06 9.03
CA LEU B 143 43.94 11.62 8.18
C LEU B 143 43.80 13.13 8.01
N GLY B 144 42.60 13.67 8.19
CA GLY B 144 42.42 15.11 8.10
C GLY B 144 43.06 15.85 9.25
N VAL B 145 42.87 15.36 10.48
CA VAL B 145 43.52 15.97 11.63
C VAL B 145 45.02 15.74 11.57
N LEU B 146 45.46 14.66 10.93
CA LEU B 146 46.89 14.42 10.73
C LEU B 146 47.48 15.38 9.70
N ALA B 147 46.64 15.97 8.85
CA ALA B 147 47.08 17.00 7.92
C ALA B 147 46.99 18.40 8.50
N LEU B 148 46.24 18.59 9.58
CA LEU B 148 46.20 19.88 10.26
C LEU B 148 47.57 20.24 10.82
N LEU B 149 48.38 19.23 11.13
CA LEU B 149 49.79 19.40 11.48
C LEU B 149 50.71 18.82 10.41
N GLY B 150 50.18 18.50 9.23
CA GLY B 150 50.94 17.81 8.21
C GLY B 150 51.97 18.65 7.49
N SER B 151 52.69 19.49 8.24
CA SER B 151 53.79 20.25 7.64
C SER B 151 54.98 19.34 7.36
N ARG B 152 55.47 18.66 8.39
CA ARG B 152 56.58 17.73 8.25
C ARG B 152 56.33 16.48 9.09
N VAL B 153 55.17 15.86 8.90
CA VAL B 153 54.88 14.55 9.50
C VAL B 153 55.39 13.48 8.54
N PRO B 154 55.85 12.34 9.04
CA PRO B 154 56.36 11.30 8.13
C PRO B 154 55.28 10.80 7.19
N LEU B 155 55.67 10.65 5.92
CA LEU B 155 54.72 10.19 4.91
C LEU B 155 54.24 8.77 5.19
N ALA B 156 55.14 7.92 5.69
CA ALA B 156 54.76 6.55 6.01
C ALA B 156 53.82 6.47 7.20
N LEU B 157 53.80 7.49 8.06
CA LEU B 157 52.87 7.51 9.18
C LEU B 157 51.43 7.60 8.68
N LYS B 158 51.17 8.53 7.76
CA LYS B 158 49.84 8.64 7.18
C LYS B 158 49.51 7.41 6.33
N ILE B 159 50.53 6.73 5.80
CA ILE B 159 50.30 5.48 5.10
C ILE B 159 49.91 4.38 6.09
N PHE B 160 50.58 4.33 7.23
CA PHE B 160 50.26 3.31 8.24
C PHE B 160 48.84 3.48 8.76
N LEU B 161 48.40 4.72 8.96
CA LEU B 161 47.03 4.95 9.43
C LEU B 161 46.01 4.53 8.37
N MET B 162 46.26 4.88 7.11
CA MET B 162 45.33 4.54 6.04
C MET B 162 45.22 3.04 5.85
N ALA B 163 46.34 2.33 6.03
CA ALA B 163 46.32 0.87 5.90
C ALA B 163 45.72 0.21 7.14
N LEU B 164 45.99 0.77 8.32
CA LEU B 164 45.46 0.19 9.55
C LEU B 164 43.95 0.36 9.64
N ALA B 165 43.44 1.54 9.26
CA ALA B 165 42.01 1.79 9.35
C ALA B 165 41.22 0.95 8.36
N ILE B 166 41.80 0.66 7.19
CA ILE B 166 41.09 -0.11 6.17
C ILE B 166 40.83 -1.54 6.62
N ILE B 167 41.83 -2.16 7.27
CA ILE B 167 41.67 -3.55 7.69
C ILE B 167 40.58 -3.67 8.74
N ASP B 168 40.50 -2.71 9.65
CA ASP B 168 39.44 -2.74 10.66
C ASP B 168 38.08 -2.41 10.05
N ASP B 169 38.05 -1.48 9.09
CA ASP B 169 36.78 -1.11 8.47
C ASP B 169 36.25 -2.23 7.59
N LEU B 170 37.10 -2.75 6.69
CA LEU B 170 36.67 -3.83 5.81
C LEU B 170 36.43 -5.12 6.59
N GLY B 171 37.27 -5.40 7.58
CA GLY B 171 37.11 -6.60 8.38
C GLY B 171 35.81 -6.60 9.18
N ALA B 172 35.37 -5.43 9.63
CA ALA B 172 34.11 -5.35 10.37
C ALA B 172 32.93 -5.67 9.46
N ILE B 173 32.94 -5.17 8.23
CA ILE B 173 31.84 -5.43 7.30
C ILE B 173 31.78 -6.91 6.95
N VAL B 174 32.94 -7.56 6.82
CA VAL B 174 32.97 -8.97 6.48
C VAL B 174 32.36 -9.81 7.59
N ILE B 175 32.76 -9.54 8.84
CA ILE B 175 32.23 -10.31 9.97
C ILE B 175 30.72 -10.10 10.10
N ILE B 176 30.26 -8.87 9.87
CA ILE B 176 28.82 -8.59 9.94
C ILE B 176 28.08 -9.31 8.82
N ALA B 177 28.67 -9.35 7.62
CA ALA B 177 28.03 -9.96 6.46
C ALA B 177 28.11 -11.48 6.45
N LEU B 178 28.76 -12.09 7.45
CA LEU B 178 28.89 -13.54 7.51
C LEU B 178 28.10 -14.18 8.64
N PHE B 179 27.97 -13.51 9.77
CA PHE B 179 27.28 -14.07 10.93
C PHE B 179 26.13 -13.21 11.39
N TYR B 180 26.33 -11.90 11.50
CA TYR B 180 25.31 -10.98 11.99
C TYR B 180 24.52 -10.31 10.87
N THR B 181 24.33 -11.00 9.76
CA THR B 181 23.58 -10.48 8.62
C THR B 181 22.26 -11.20 8.47
N SER B 182 21.34 -10.57 7.74
CA SER B 182 20.04 -11.16 7.46
C SER B 182 20.11 -12.05 6.23
N ASP B 183 19.22 -13.04 6.19
CA ASP B 183 19.20 -13.97 5.07
C ASP B 183 18.61 -13.32 3.84
N LEU B 184 19.33 -13.40 2.73
CA LEU B 184 18.81 -12.99 1.43
C LEU B 184 18.20 -14.19 0.72
N SER B 185 17.31 -13.90 -0.22
CA SER B 185 16.66 -14.96 -0.98
C SER B 185 17.68 -15.70 -1.83
N ILE B 186 17.36 -16.96 -2.14
CA ILE B 186 18.24 -17.75 -2.99
C ILE B 186 18.34 -17.14 -4.39
N VAL B 187 17.27 -16.47 -4.84
CA VAL B 187 17.31 -15.80 -6.13
C VAL B 187 18.29 -14.62 -6.08
N SER B 188 18.37 -13.94 -4.94
CA SER B 188 19.32 -12.83 -4.81
C SER B 188 20.75 -13.32 -4.89
N LEU B 189 21.07 -14.42 -4.21
CA LEU B 189 22.42 -14.95 -4.26
C LEU B 189 22.78 -15.50 -5.64
N GLY B 190 21.78 -16.00 -6.38
CA GLY B 190 22.07 -16.49 -7.72
C GLY B 190 22.45 -15.38 -8.67
N VAL B 191 21.66 -14.30 -8.69
CA VAL B 191 22.00 -13.15 -9.53
C VAL B 191 23.29 -12.50 -9.05
N ALA B 192 23.54 -12.50 -7.73
CA ALA B 192 24.78 -11.96 -7.21
C ALA B 192 25.98 -12.79 -7.66
N ALA B 193 25.88 -14.12 -7.52
CA ALA B 193 26.98 -14.99 -7.94
C ALA B 193 27.19 -14.92 -9.45
N PHE B 194 26.10 -14.80 -10.22
CA PHE B 194 26.24 -14.63 -11.66
C PHE B 194 26.88 -13.29 -12.00
N ALA B 195 26.67 -12.27 -11.16
CA ALA B 195 27.35 -11.00 -11.37
C ALA B 195 28.82 -11.09 -11.02
N ILE B 196 29.19 -11.95 -10.08
CA ILE B 196 30.60 -12.17 -9.77
C ILE B 196 31.27 -12.96 -10.89
N ALA B 197 30.53 -13.87 -11.53
CA ALA B 197 31.10 -14.68 -12.60
C ALA B 197 31.48 -13.81 -13.80
N VAL B 198 30.58 -12.92 -14.22
CA VAL B 198 30.90 -12.04 -15.34
C VAL B 198 31.98 -11.04 -14.96
N LEU B 199 32.00 -10.60 -13.70
CA LEU B 199 33.10 -9.74 -13.24
C LEU B 199 34.43 -10.46 -13.36
N ALA B 200 34.48 -11.75 -13.01
CA ALA B 200 35.70 -12.51 -13.17
C ALA B 200 36.01 -12.81 -14.63
N LEU B 201 34.98 -12.97 -15.46
CA LEU B 201 35.21 -13.21 -16.88
C LEU B 201 35.65 -11.94 -17.58
N LEU B 202 35.09 -10.78 -17.20
CA LEU B 202 35.54 -9.52 -17.78
C LEU B 202 36.98 -9.22 -17.39
N ASN B 203 37.42 -9.70 -16.22
CA ASN B 203 38.79 -9.45 -15.79
C ASN B 203 39.79 -10.34 -16.52
N LEU B 204 39.44 -11.62 -16.71
CA LEU B 204 40.35 -12.52 -17.41
C LEU B 204 40.46 -12.19 -18.89
N CYS B 205 39.40 -11.65 -19.48
CA CYS B 205 39.41 -11.28 -20.89
C CYS B 205 40.10 -9.94 -21.14
N GLY B 206 40.54 -9.25 -20.09
CA GLY B 206 41.27 -8.01 -20.27
C GLY B 206 40.42 -6.82 -20.64
N VAL B 207 39.17 -6.77 -20.18
CA VAL B 207 38.31 -5.63 -20.47
C VAL B 207 38.80 -4.41 -19.70
N ARG B 208 39.04 -3.32 -20.42
CA ARG B 208 39.58 -2.10 -19.84
C ARG B 208 38.53 -1.04 -19.55
N ARG B 209 37.31 -1.22 -20.06
CA ARG B 209 36.25 -0.23 -19.86
C ARG B 209 35.82 -0.21 -18.39
N THR B 210 35.98 0.95 -17.75
CA THR B 210 35.57 1.08 -16.36
C THR B 210 34.06 1.02 -16.20
N GLY B 211 33.32 1.55 -17.18
CA GLY B 211 31.87 1.59 -17.06
C GLY B 211 31.22 0.22 -17.16
N VAL B 212 31.84 -0.72 -17.86
CA VAL B 212 31.26 -2.05 -18.01
C VAL B 212 31.28 -2.80 -16.68
N TYR B 213 32.36 -2.64 -15.91
CA TYR B 213 32.41 -3.26 -14.59
C TYR B 213 31.40 -2.65 -13.64
N ILE B 214 31.08 -1.36 -13.81
CA ILE B 214 30.13 -0.71 -12.92
C ILE B 214 28.70 -1.02 -13.33
N LEU B 215 28.45 -1.14 -14.64
CA LEU B 215 27.14 -1.59 -15.10
C LEU B 215 26.83 -2.98 -14.56
N VAL B 216 27.82 -3.86 -14.53
CA VAL B 216 27.64 -5.16 -13.91
C VAL B 216 27.47 -5.02 -12.40
N GLY B 217 28.26 -4.12 -11.79
CA GLY B 217 28.11 -3.88 -10.36
C GLY B 217 26.75 -3.34 -9.98
N ALA B 218 26.11 -2.62 -10.90
CA ALA B 218 24.74 -2.16 -10.64
C ALA B 218 23.79 -3.34 -10.52
N VAL B 219 24.02 -4.40 -11.30
CA VAL B 219 23.22 -5.62 -11.16
C VAL B 219 23.54 -6.31 -9.84
N LEU B 220 24.81 -6.33 -9.46
CA LEU B 220 25.20 -6.94 -8.19
C LEU B 220 24.65 -6.15 -7.01
N TRP B 221 24.66 -4.82 -7.10
CA TRP B 221 24.20 -4.00 -5.99
C TRP B 221 22.68 -4.10 -5.80
N THR B 222 21.94 -4.15 -6.91
CA THR B 222 20.48 -4.24 -6.81
C THR B 222 20.03 -5.63 -6.38
N ALA B 223 20.83 -6.66 -6.67
CA ALA B 223 20.43 -8.02 -6.29
C ALA B 223 20.46 -8.22 -4.78
N VAL B 224 21.41 -7.57 -4.10
CA VAL B 224 21.55 -7.73 -2.65
C VAL B 224 21.06 -6.46 -1.96
N LEU B 225 20.08 -5.79 -2.57
CA LEU B 225 19.63 -4.49 -2.06
C LEU B 225 18.87 -4.64 -0.75
N LYS B 226 18.24 -5.79 -0.51
CA LYS B 226 17.50 -5.98 0.74
C LYS B 226 18.40 -6.00 1.96
N SER B 227 19.69 -6.27 1.80
CA SER B 227 20.65 -6.29 2.89
C SER B 227 21.64 -5.15 2.69
N GLY B 228 21.61 -4.18 3.60
CA GLY B 228 22.51 -3.04 3.47
C GLY B 228 23.97 -3.41 3.63
N VAL B 229 24.26 -4.47 4.39
CA VAL B 229 25.64 -4.90 4.56
C VAL B 229 26.19 -5.48 3.27
N HIS B 230 25.40 -6.34 2.62
CA HIS B 230 25.85 -6.95 1.36
C HIS B 230 25.88 -5.96 0.23
N ALA B 231 24.97 -4.97 0.22
CA ALA B 231 25.02 -3.92 -0.78
C ALA B 231 26.28 -3.09 -0.63
N THR B 232 26.72 -2.86 0.61
CA THR B 232 27.99 -2.20 0.83
C THR B 232 29.16 -3.12 0.48
N LEU B 233 29.07 -4.39 0.87
CA LEU B 233 30.10 -5.35 0.53
C LEU B 233 30.21 -5.58 -0.97
N ALA B 234 29.15 -5.29 -1.73
CA ALA B 234 29.21 -5.40 -3.18
C ALA B 234 30.07 -4.30 -3.80
N GLY B 235 30.34 -3.22 -3.06
CA GLY B 235 31.15 -2.14 -3.61
C GLY B 235 32.63 -2.47 -3.65
N VAL B 236 33.13 -3.14 -2.61
CA VAL B 236 34.54 -3.49 -2.59
C VAL B 236 34.84 -4.57 -3.62
N ILE B 237 33.88 -5.44 -3.92
CA ILE B 237 34.11 -6.51 -4.88
C ILE B 237 34.30 -5.93 -6.29
N VAL B 238 33.52 -4.92 -6.65
CA VAL B 238 33.70 -4.26 -7.94
C VAL B 238 35.08 -3.61 -8.00
N GLY B 239 35.52 -3.00 -6.91
CA GLY B 239 36.85 -2.42 -6.86
C GLY B 239 37.97 -3.44 -6.96
N PHE B 240 37.70 -4.69 -6.59
CA PHE B 240 38.72 -5.72 -6.69
C PHE B 240 38.88 -6.25 -8.12
N PHE B 241 37.82 -6.17 -8.93
CA PHE B 241 37.86 -6.68 -10.29
C PHE B 241 38.20 -5.61 -11.32
N ILE B 242 38.30 -4.34 -10.92
CA ILE B 242 38.76 -3.30 -11.86
C ILE B 242 40.21 -3.57 -12.21
N PRO B 243 40.57 -3.60 -13.49
CA PRO B 243 41.96 -3.89 -13.86
C PRO B 243 42.91 -2.81 -13.39
N LEU B 244 44.05 -3.24 -12.84
CA LEU B 244 45.07 -2.34 -12.32
C LEU B 244 46.35 -2.34 -13.15
N LYS B 245 46.47 -3.23 -14.14
CA LYS B 245 47.68 -3.34 -14.93
C LYS B 245 47.95 -2.03 -15.67
N GLU B 246 49.21 -1.59 -15.62
CA GLU B 246 49.64 -0.33 -16.23
C GLU B 246 50.09 -0.49 -17.68
N LYS B 247 49.37 -1.27 -18.48
CA LYS B 247 49.74 -1.45 -19.88
C LYS B 247 49.34 -0.22 -20.69
N HIS B 248 50.16 0.12 -21.68
CA HIS B 248 49.93 1.26 -22.58
C HIS B 248 49.79 2.57 -21.81
N GLY B 249 50.38 2.66 -20.62
CA GLY B 249 50.29 3.85 -19.81
C GLY B 249 48.95 4.08 -19.13
N ARG B 250 47.96 3.23 -19.37
CA ARG B 250 46.64 3.39 -18.78
C ARG B 250 46.49 2.47 -17.58
N SER B 251 45.70 2.91 -16.61
CA SER B 251 45.38 2.12 -15.43
C SER B 251 43.95 2.43 -15.03
N PRO B 252 43.00 1.56 -15.35
CA PRO B 252 41.59 1.86 -15.06
C PRO B 252 41.30 2.03 -13.58
N ALA B 253 42.04 1.34 -12.71
CA ALA B 253 41.82 1.48 -11.28
C ALA B 253 42.42 2.77 -10.73
N LYS B 254 43.56 3.21 -11.27
CA LYS B 254 44.18 4.44 -10.81
C LYS B 254 43.36 5.66 -11.22
N ARG B 255 42.98 5.74 -12.50
CA ARG B 255 42.22 6.90 -12.98
C ARG B 255 40.85 6.96 -12.34
N LEU B 256 40.21 5.80 -12.12
CA LEU B 256 38.93 5.78 -11.45
C LEU B 256 39.04 6.29 -10.02
N GLU B 257 40.12 5.92 -9.32
CA GLU B 257 40.32 6.42 -7.96
C GLU B 257 40.58 7.91 -7.95
N HIS B 258 41.30 8.42 -8.96
CA HIS B 258 41.56 9.85 -9.03
C HIS B 258 40.29 10.66 -9.27
N VAL B 259 39.32 10.06 -9.96
CA VAL B 259 38.01 10.71 -10.15
C VAL B 259 37.10 10.47 -8.96
N LEU B 260 37.18 9.28 -8.35
CA LEU B 260 36.28 8.95 -7.25
C LEU B 260 36.67 9.65 -5.95
N HIS B 261 37.96 9.96 -5.78
CA HIS B 261 38.42 10.50 -4.49
C HIS B 261 37.81 11.86 -4.16
N PRO B 262 37.78 12.85 -5.06
CA PRO B 262 37.18 14.13 -4.67
C PRO B 262 35.68 14.04 -4.44
N TRP B 263 34.99 13.10 -5.07
CA TRP B 263 33.55 12.95 -4.84
C TRP B 263 33.27 12.33 -3.47
N VAL B 264 34.08 11.34 -3.07
CA VAL B 264 33.87 10.70 -1.77
C VAL B 264 34.17 11.67 -0.64
N ALA B 265 35.22 12.48 -0.79
CA ALA B 265 35.65 13.36 0.29
C ALA B 265 34.74 14.56 0.47
N TYR B 266 34.14 15.08 -0.62
CA TYR B 266 33.36 16.30 -0.56
C TYR B 266 31.87 16.10 -0.73
N LEU B 267 31.41 14.88 -1.02
CA LEU B 267 29.98 14.67 -1.23
C LEU B 267 29.45 13.46 -0.47
N ILE B 268 30.04 12.29 -0.70
CA ILE B 268 29.51 11.06 -0.14
C ILE B 268 29.63 11.08 1.38
N LEU B 269 30.83 11.35 1.90
CA LEU B 269 31.05 11.35 3.34
C LEU B 269 30.36 12.53 4.02
N PRO B 270 30.39 13.75 3.47
CA PRO B 270 29.61 14.84 4.09
C PRO B 270 28.11 14.55 4.12
N LEU B 271 27.55 14.00 3.04
CA LEU B 271 26.13 13.68 3.05
C LEU B 271 25.82 12.56 4.03
N PHE B 272 26.70 11.56 4.13
CA PHE B 272 26.50 10.50 5.11
C PHE B 272 26.57 11.04 6.52
N ALA B 273 27.46 12.00 6.77
CA ALA B 273 27.54 12.62 8.09
C ALA B 273 26.32 13.50 8.35
N PHE B 274 25.87 14.25 7.34
CA PHE B 274 24.71 15.11 7.53
C PHE B 274 23.43 14.30 7.74
N ALA B 275 23.38 13.08 7.22
CA ALA B 275 22.20 12.25 7.34
C ALA B 275 22.23 11.30 8.54
N ASN B 276 23.37 11.20 9.23
CA ASN B 276 23.49 10.26 10.33
C ASN B 276 23.93 10.89 11.65
N ALA B 277 24.80 11.91 11.59
CA ALA B 277 25.30 12.51 12.83
C ALA B 277 24.27 13.40 13.54
N GLY B 278 23.06 13.54 12.98
CA GLY B 278 22.05 14.36 13.63
C GLY B 278 21.31 13.64 14.73
N VAL B 279 21.61 14.00 15.98
CA VAL B 279 21.00 13.39 17.16
C VAL B 279 20.45 14.49 18.06
N SER B 280 19.20 14.32 18.50
CA SER B 280 18.60 15.29 19.41
C SER B 280 19.22 15.15 20.79
N LEU B 281 19.88 16.21 21.25
CA LEU B 281 20.55 16.23 22.54
C LEU B 281 19.62 16.67 23.68
N GLN B 282 18.33 16.80 23.42
CA GLN B 282 17.41 17.21 24.47
C GLN B 282 17.26 16.10 25.50
N GLY B 283 17.45 16.45 26.77
CA GLY B 283 17.35 15.48 27.85
C GLY B 283 18.60 14.67 28.10
N VAL B 284 19.67 14.89 27.33
CA VAL B 284 20.90 14.14 27.54
C VAL B 284 21.58 14.64 28.81
N THR B 285 21.78 13.73 29.76
CA THR B 285 22.41 14.04 31.03
C THR B 285 23.73 13.29 31.14
N ILE B 286 24.47 13.59 32.21
CA ILE B 286 25.74 12.92 32.45
C ILE B 286 25.49 11.46 32.84
N ASP B 287 24.43 11.20 33.60
CA ASP B 287 24.10 9.83 33.96
C ASP B 287 23.71 9.01 32.73
N GLY B 288 23.09 9.63 31.74
CA GLY B 288 22.71 8.91 30.54
C GLY B 288 23.90 8.57 29.66
N LEU B 289 24.88 9.47 29.58
CA LEU B 289 26.06 9.22 28.77
C LEU B 289 26.99 8.19 29.38
N THR B 290 26.83 7.88 30.66
CA THR B 290 27.67 6.92 31.37
C THR B 290 27.04 5.54 31.47
N SER B 291 26.00 5.26 30.68
CA SER B 291 25.39 3.94 30.66
C SER B 291 26.32 2.93 29.98
N MET B 292 25.93 1.66 30.06
CA MET B 292 26.80 0.61 29.55
C MET B 292 26.98 0.69 28.03
N LEU B 293 26.00 1.26 27.32
CA LEU B 293 26.09 1.34 25.86
C LEU B 293 26.95 2.52 25.42
N PRO B 294 26.65 3.76 25.82
CA PRO B 294 27.48 4.88 25.32
C PRO B 294 28.88 4.88 25.90
N LEU B 295 29.02 4.66 27.22
CA LEU B 295 30.34 4.66 27.82
C LEU B 295 31.19 3.51 27.31
N GLY B 296 30.58 2.37 26.99
CA GLY B 296 31.33 1.28 26.40
C GLY B 296 31.97 1.65 25.08
N ILE B 297 31.33 2.55 24.32
CA ILE B 297 31.94 3.06 23.10
C ILE B 297 32.99 4.11 23.42
N ILE B 298 32.80 4.88 24.50
CA ILE B 298 33.80 5.86 24.89
CA ILE B 298 33.80 5.86 24.90
C ILE B 298 35.10 5.17 25.26
N ALA B 299 35.01 4.12 26.07
CA ALA B 299 36.22 3.40 26.47
C ALA B 299 36.82 2.61 25.32
N GLY B 300 35.97 2.06 24.45
CA GLY B 300 36.47 1.30 23.32
C GLY B 300 37.22 2.14 22.31
N LEU B 301 36.87 3.41 22.20
CA LEU B 301 37.51 4.31 21.23
C LEU B 301 38.63 5.11 21.88
N LEU B 302 38.36 5.76 23.01
CA LEU B 302 39.36 6.61 23.65
C LEU B 302 40.43 5.80 24.36
N ILE B 303 40.11 4.58 24.80
CA ILE B 303 41.04 3.73 25.54
C ILE B 303 41.29 2.41 24.83
N GLY B 304 40.22 1.76 24.33
CA GLY B 304 40.38 0.47 23.71
C GLY B 304 41.19 0.52 22.43
N ARG B 305 41.00 1.57 21.62
CA ARG B 305 41.79 1.71 20.39
C ARG B 305 43.25 2.02 20.67
N PRO B 306 43.60 3.03 21.48
CA PRO B 306 45.03 3.30 21.71
C PRO B 306 45.74 2.17 22.43
N LEU B 307 45.16 1.67 23.54
CA LEU B 307 45.81 0.59 24.28
C LEU B 307 45.88 -0.68 23.45
N GLY B 308 44.85 -0.96 22.65
CA GLY B 308 44.86 -2.15 21.83
C GLY B 308 45.90 -2.11 20.74
N ILE B 309 46.08 -0.94 20.11
CA ILE B 309 47.07 -0.80 19.06
C ILE B 309 48.48 -0.79 19.64
N SER B 310 48.69 -0.03 20.71
CA SER B 310 50.03 0.10 21.29
C SER B 310 50.51 -1.22 21.88
N LEU B 311 49.63 -1.94 22.59
CA LEU B 311 50.02 -3.19 23.21
C LEU B 311 50.36 -4.25 22.16
N PHE B 312 49.61 -4.30 21.06
CA PHE B 312 49.86 -5.29 20.03
C PHE B 312 51.05 -4.93 19.15
N CYS B 313 51.35 -3.63 19.02
CA CYS B 313 52.60 -3.25 18.38
C CYS B 313 53.80 -3.58 19.29
N TRP B 314 53.60 -3.47 20.60
CA TRP B 314 54.64 -3.88 21.55
C TRP B 314 55.00 -5.35 21.37
N LEU B 315 54.00 -6.23 21.42
CA LEU B 315 54.25 -7.66 21.28
C LEU B 315 54.84 -8.00 19.93
N ALA B 316 54.46 -7.28 18.87
CA ALA B 316 55.00 -7.58 17.55
C ALA B 316 56.42 -7.07 17.39
N LEU B 317 56.78 -6.00 18.09
CA LEU B 317 58.11 -5.41 17.94
C LEU B 317 59.18 -6.20 18.70
N ARG B 318 58.96 -6.43 20.00
CA ARG B 318 59.98 -7.10 20.80
C ARG B 318 60.20 -8.53 20.33
N PHE B 319 59.18 -9.17 19.77
CA PHE B 319 59.30 -10.50 19.20
C PHE B 319 59.68 -10.46 17.72
N LYS B 320 60.14 -9.29 17.24
CA LYS B 320 60.63 -9.10 15.86
C LYS B 320 59.71 -9.70 14.81
N LEU B 321 58.40 -9.73 15.10
CA LEU B 321 57.43 -10.18 14.10
C LEU B 321 57.30 -9.17 12.97
N ALA B 322 57.39 -7.88 13.30
CA ALA B 322 57.25 -6.82 12.31
C ALA B 322 58.28 -5.74 12.61
N HIS B 323 58.43 -4.81 11.67
CA HIS B 323 59.43 -3.75 11.75
C HIS B 323 58.74 -2.40 11.77
N LEU B 324 59.17 -1.53 12.68
CA LEU B 324 58.64 -0.18 12.74
C LEU B 324 59.07 0.60 11.50
N PRO B 325 58.15 1.21 10.77
CA PRO B 325 58.49 1.79 9.47
C PRO B 325 59.49 2.94 9.60
N GLN B 326 60.15 3.24 8.47
CA GLN B 326 61.11 4.34 8.44
C GLN B 326 60.41 5.67 8.71
N GLY B 327 61.09 6.53 9.47
CA GLY B 327 60.53 7.81 9.84
C GLY B 327 59.51 7.77 10.95
N THR B 328 59.34 6.63 11.60
CA THR B 328 58.37 6.47 12.67
C THR B 328 59.08 6.27 14.01
N THR B 329 58.35 6.52 15.09
CA THR B 329 58.78 6.18 16.44
C THR B 329 57.65 5.45 17.13
N TYR B 330 57.99 4.59 18.10
CA TYR B 330 56.95 3.86 18.83
C TYR B 330 56.06 4.83 19.60
N GLN B 331 56.65 5.90 20.15
CA GLN B 331 55.84 6.93 20.79
C GLN B 331 55.00 7.68 19.77
N GLN B 332 55.49 7.83 18.53
CA GLN B 332 54.68 8.38 17.46
C GLN B 332 53.64 7.38 16.97
N ILE B 333 53.88 6.08 17.14
CA ILE B 333 52.93 5.07 16.72
C ILE B 333 51.64 5.18 17.54
N MET B 334 51.77 5.28 18.87
CA MET B 334 50.59 5.38 19.72
C MET B 334 49.87 6.71 19.54
N ALA B 335 50.54 7.73 19.03
CA ALA B 335 49.85 8.97 18.68
C ALA B 335 48.83 8.73 17.59
N VAL B 336 49.05 7.71 16.75
CA VAL B 336 48.03 7.28 15.80
C VAL B 336 46.97 6.45 16.52
N GLY B 337 47.36 5.70 17.56
CA GLY B 337 46.40 4.92 18.31
C GLY B 337 45.33 5.79 18.97
N ILE B 338 45.77 6.85 19.66
CA ILE B 338 44.81 7.80 20.19
C ILE B 338 44.10 8.56 19.08
N LEU B 339 44.67 8.57 17.88
CA LEU B 339 44.03 9.18 16.71
C LEU B 339 43.22 8.17 15.90
N CYS B 340 43.34 6.87 16.19
CA CYS B 340 42.51 5.86 15.56
C CYS B 340 41.18 5.67 16.27
N GLY B 341 40.93 6.41 17.35
CA GLY B 341 39.65 6.33 18.03
C GLY B 341 38.62 7.19 17.34
N ILE B 342 38.91 7.59 16.11
CA ILE B 342 37.99 8.44 15.33
C ILE B 342 37.04 7.48 14.61
N GLY B 343 36.02 7.04 15.35
CA GLY B 343 34.98 6.24 14.75
C GLY B 343 34.16 7.03 13.74
N PHE B 344 33.35 7.95 14.26
CA PHE B 344 32.63 8.97 13.48
C PHE B 344 31.79 8.27 12.40
N THR B 345 31.94 8.61 11.12
CA THR B 345 31.05 8.08 10.10
C THR B 345 31.16 6.57 9.98
N MET B 346 32.36 6.02 10.15
CA MET B 346 32.54 4.59 9.99
C MET B 346 31.87 3.82 11.13
N SER B 347 32.06 4.26 12.37
CA SER B 347 31.43 3.59 13.50
C SER B 347 29.92 3.80 13.51
N ILE B 348 29.46 4.97 13.05
CA ILE B 348 28.02 5.20 12.93
C ILE B 348 27.41 4.22 11.93
N PHE B 349 28.13 3.94 10.83
CA PHE B 349 27.64 2.96 9.87
C PHE B 349 27.65 1.56 10.46
N ILE B 350 28.70 1.23 11.24
CA ILE B 350 28.72 -0.07 11.91
C ILE B 350 27.60 -0.15 12.94
N ALA B 351 27.35 0.94 13.66
CA ALA B 351 26.28 0.94 14.65
C ALA B 351 24.91 0.86 14.00
N SER B 352 24.76 1.46 12.82
CA SER B 352 23.46 1.41 12.13
C SER B 352 23.14 -0.01 11.66
N LEU B 353 24.15 -0.79 11.31
CA LEU B 353 23.91 -2.16 10.87
C LEU B 353 23.67 -3.10 12.04
N ALA B 354 24.43 -2.94 13.13
CA ALA B 354 24.27 -3.82 14.28
C ALA B 354 22.98 -3.52 15.04
N PHE B 355 22.54 -2.27 15.05
CA PHE B 355 21.31 -1.91 15.74
C PHE B 355 20.20 -1.63 14.75
N GLY B 356 20.02 -2.53 13.79
CA GLY B 356 18.92 -2.44 12.83
C GLY B 356 17.80 -3.39 13.22
N ASN B 357 16.56 -2.95 13.00
CA ASN B 357 15.36 -3.70 13.36
C ASN B 357 15.34 -4.04 14.85
N VAL B 358 15.70 -3.06 15.67
CA VAL B 358 15.60 -3.18 17.13
C VAL B 358 15.04 -1.88 17.68
N ASP B 359 15.23 -1.65 18.98
CA ASP B 359 14.74 -0.43 19.60
C ASP B 359 15.39 0.78 18.94
N PRO B 360 14.60 1.76 18.48
CA PRO B 360 15.19 2.88 17.72
C PRO B 360 16.09 3.79 18.55
N GLU B 361 16.00 3.75 19.88
CA GLU B 361 16.86 4.59 20.69
C GLU B 361 18.25 3.98 20.91
N LEU B 362 18.48 2.75 20.47
CA LEU B 362 19.81 2.16 20.57
C LEU B 362 20.80 2.86 19.66
N ILE B 363 20.38 3.20 18.44
CA ILE B 363 21.27 3.89 17.51
C ILE B 363 21.52 5.32 17.97
N ASN B 364 20.56 5.92 18.69
CA ASN B 364 20.74 7.28 19.16
C ASN B 364 21.76 7.34 20.28
N TRP B 365 21.68 6.42 21.24
CA TRP B 365 22.67 6.40 22.32
C TRP B 365 24.03 5.95 21.82
N ALA B 366 24.07 5.12 20.76
CA ALA B 366 25.34 4.70 20.20
C ALA B 366 26.07 5.86 19.54
N LYS B 367 25.34 6.71 18.82
CA LYS B 367 25.98 7.85 18.16
C LYS B 367 26.56 8.83 19.17
N LEU B 368 25.90 8.99 20.32
CA LEU B 368 26.44 9.86 21.36
C LEU B 368 27.77 9.33 21.88
N GLY B 369 27.86 8.02 22.09
CA GLY B 369 29.12 7.42 22.50
C GLY B 369 30.17 7.39 21.41
N ILE B 370 29.80 7.65 20.17
CA ILE B 370 30.76 7.68 19.07
C ILE B 370 31.34 9.07 18.88
N LEU B 371 30.48 10.11 18.90
CA LEU B 371 30.98 11.46 18.70
CA LEU B 371 30.98 11.46 18.70
C LEU B 371 31.78 11.95 19.89
N ILE B 372 31.36 11.59 21.10
CA ILE B 372 32.11 12.00 22.29
C ILE B 372 33.44 11.26 22.34
N GLY B 373 33.45 9.97 21.99
CA GLY B 373 34.69 9.21 21.96
C GLY B 373 35.63 9.65 20.86
N SER B 374 35.08 10.07 19.72
CA SER B 374 35.93 10.52 18.62
C SER B 374 36.47 11.92 18.89
N LEU B 375 35.63 12.83 19.39
CA LEU B 375 36.10 14.18 19.72
C LEU B 375 37.20 14.13 20.78
N LEU B 376 37.04 13.25 21.78
CA LEU B 376 38.10 13.06 22.76
C LEU B 376 39.31 12.37 22.15
N SER B 377 39.12 11.61 21.06
CA SER B 377 40.26 11.00 20.38
C SER B 377 40.97 11.99 19.46
N ALA B 378 40.23 12.92 18.87
CA ALA B 378 40.86 13.90 17.98
C ALA B 378 41.64 14.93 18.77
N VAL B 379 41.09 15.38 19.91
CA VAL B 379 41.79 16.38 20.71
C VAL B 379 43.04 15.80 21.34
N VAL B 380 42.93 14.59 21.91
CA VAL B 380 44.09 13.96 22.53
C VAL B 380 45.15 13.62 21.47
N GLY B 381 44.71 13.07 20.34
CA GLY B 381 45.66 12.72 19.29
C GLY B 381 46.36 13.94 18.71
N TYR B 382 45.63 15.05 18.57
CA TYR B 382 46.23 16.28 18.05
C TYR B 382 47.18 16.90 19.07
N SER B 383 46.75 17.01 20.32
CA SER B 383 47.55 17.71 21.33
C SER B 383 48.77 16.89 21.74
N TRP B 384 48.67 15.57 21.75
CA TRP B 384 49.78 14.75 22.20
C TRP B 384 50.79 14.46 21.11
N LEU B 385 50.40 14.54 19.84
CA LEU B 385 51.36 14.33 18.76
C LEU B 385 52.09 15.62 18.40
N ARG B 386 51.47 16.78 18.59
CA ARG B 386 52.13 18.04 18.31
C ARG B 386 53.33 18.29 19.22
N ALA B 387 53.36 17.66 20.39
CA ALA B 387 54.51 17.76 21.28
C ALA B 387 55.68 16.93 20.79
N ARG B 388 55.41 15.80 20.14
CA ARG B 388 56.46 14.94 19.63
C ARG B 388 56.59 15.07 18.11
N ALA C 1 -15.11 5.52 -5.37
CA ALA C 1 -16.20 4.83 -6.04
C ALA C 1 -16.65 5.58 -7.30
N VAL C 2 -16.38 5.00 -8.46
CA VAL C 2 -16.74 5.63 -9.72
C VAL C 2 -18.26 5.60 -9.88
N THR C 3 -18.86 6.77 -10.10
CA THR C 3 -20.31 6.89 -10.20
C THR C 3 -20.66 7.63 -11.49
N LEU C 4 -21.55 7.03 -12.28
CA LEU C 4 -22.07 7.63 -13.50
C LEU C 4 -23.59 7.67 -13.41
N ASP C 5 -24.15 8.88 -13.40
CA ASP C 5 -25.58 9.08 -13.22
C ASP C 5 -26.12 9.80 -14.45
N GLU C 6 -27.02 9.14 -15.17
CA GLU C 6 -27.66 9.71 -16.36
C GLU C 6 -29.01 10.30 -16.01
N SER C 7 -29.45 11.25 -16.84
CA SER C 7 -30.77 11.86 -16.70
C SER C 7 -31.12 12.54 -18.01
N GLY C 8 -32.36 13.02 -18.09
CA GLY C 8 -32.84 13.73 -19.26
C GLY C 8 -33.64 12.89 -20.23
N GLY C 9 -33.60 11.57 -20.10
CA GLY C 9 -34.37 10.73 -20.98
C GLY C 9 -35.85 10.71 -20.65
N GLY C 10 -36.65 10.39 -21.65
CA GLY C 10 -38.09 10.34 -21.45
C GLY C 10 -38.83 10.12 -22.75
N LEU C 11 -40.07 10.59 -22.79
CA LEU C 11 -40.92 10.44 -23.95
C LEU C 11 -40.77 11.65 -24.88
N GLN C 12 -40.83 11.38 -26.19
CA GLN C 12 -40.72 12.43 -27.19
C GLN C 12 -41.36 11.95 -28.48
N THR C 13 -42.10 12.85 -29.13
CA THR C 13 -42.73 12.52 -30.40
C THR C 13 -41.67 12.41 -31.49
N PRO C 14 -41.90 11.58 -32.51
CA PRO C 14 -40.92 11.47 -33.61
C PRO C 14 -40.72 12.80 -34.31
N GLY C 15 -39.45 13.12 -34.57
CA GLY C 15 -39.06 14.36 -35.18
C GLY C 15 -38.36 15.32 -34.24
N GLY C 16 -38.74 15.31 -32.96
CA GLY C 16 -38.11 16.14 -31.96
C GLY C 16 -36.76 15.57 -31.52
N GLY C 17 -36.26 16.14 -30.42
CA GLY C 17 -34.98 15.72 -29.89
C GLY C 17 -35.02 15.60 -28.37
N LEU C 18 -33.93 15.06 -27.82
CA LEU C 18 -33.77 14.92 -26.39
C LEU C 18 -32.33 15.24 -26.02
N SER C 19 -32.12 15.65 -24.77
CA SER C 19 -30.81 16.01 -24.26
C SER C 19 -30.54 15.20 -23.01
N LEU C 20 -29.50 14.36 -23.07
CA LEU C 20 -29.08 13.55 -21.93
C LEU C 20 -27.80 14.11 -21.33
N VAL C 21 -27.65 13.94 -20.03
CA VAL C 21 -26.47 14.42 -19.31
C VAL C 21 -26.02 13.33 -18.33
N CYS C 22 -24.72 13.22 -18.14
CA CYS C 22 -24.11 12.17 -17.32
C CYS C 22 -23.25 12.82 -16.25
N LYS C 23 -23.79 12.93 -15.04
CA LYS C 23 -23.05 13.49 -13.91
C LYS C 23 -22.07 12.45 -13.38
N ALA C 24 -20.77 12.71 -13.53
CA ALA C 24 -19.74 11.78 -13.14
C ALA C 24 -19.09 12.22 -11.83
N SER C 25 -18.63 11.24 -11.06
CA SER C 25 -17.96 11.49 -9.78
C SER C 25 -17.14 10.27 -9.42
N GLY C 26 -16.24 10.45 -8.44
CA GLY C 26 -15.39 9.38 -7.98
C GLY C 26 -14.09 9.22 -8.72
N PHE C 27 -13.81 10.06 -9.73
CA PHE C 27 -12.57 9.98 -10.49
C PHE C 27 -12.32 11.32 -11.16
N THR C 28 -11.07 11.53 -11.56
CA THR C 28 -10.69 12.76 -12.25
C THR C 28 -11.30 12.74 -13.65
N PHE C 29 -12.40 13.49 -13.82
CA PHE C 29 -13.20 13.40 -15.03
C PHE C 29 -12.42 13.81 -16.27
N SER C 30 -11.50 14.76 -16.14
CA SER C 30 -10.81 15.35 -17.28
C SER C 30 -9.73 14.45 -17.87
N ASP C 31 -9.44 13.31 -17.25
CA ASP C 31 -8.34 12.45 -17.69
C ASP C 31 -8.81 11.22 -18.46
N TYR C 32 -10.11 11.05 -18.66
CA TYR C 32 -10.65 9.86 -19.30
C TYR C 32 -11.64 10.24 -20.38
N GLY C 33 -11.54 9.57 -21.52
CA GLY C 33 -12.55 9.73 -22.55
C GLY C 33 -13.88 9.14 -22.11
N MET C 34 -14.95 9.69 -22.67
CA MET C 34 -16.31 9.27 -22.33
C MET C 34 -17.04 8.88 -23.61
N GLY C 35 -18.22 8.30 -23.42
CA GLY C 35 -19.02 7.88 -24.56
C GLY C 35 -20.39 7.44 -24.11
N TRP C 36 -21.28 7.28 -25.08
CA TRP C 36 -22.65 6.87 -24.84
C TRP C 36 -22.95 5.59 -25.60
N VAL C 37 -23.64 4.66 -24.92
CA VAL C 37 -24.06 3.40 -25.50
C VAL C 37 -25.55 3.23 -25.24
N ARG C 38 -26.30 2.82 -26.26
CA ARG C 38 -27.72 2.59 -26.13
C ARG C 38 -28.04 1.12 -26.36
N GLN C 39 -29.22 0.71 -25.91
CA GLN C 39 -29.68 -0.67 -26.05
C GLN C 39 -31.16 -0.66 -26.33
N ALA C 40 -31.54 -0.98 -27.56
CA ALA C 40 -32.94 -1.07 -27.93
C ALA C 40 -33.63 -2.21 -27.18
N PRO C 41 -34.95 -2.14 -27.01
CA PRO C 41 -35.65 -3.23 -26.32
C PRO C 41 -35.43 -4.57 -27.02
N ASP C 42 -35.02 -5.57 -26.23
CA ASP C 42 -34.77 -6.93 -26.71
C ASP C 42 -33.72 -6.94 -27.83
N LYS C 43 -32.70 -6.10 -27.69
CA LYS C 43 -31.58 -6.06 -28.61
C LYS C 43 -30.29 -5.89 -27.82
N GLY C 44 -29.17 -5.93 -28.53
CA GLY C 44 -27.87 -5.82 -27.91
C GLY C 44 -27.41 -4.38 -27.77
N LEU C 45 -26.14 -4.23 -27.42
CA LEU C 45 -25.56 -2.91 -27.20
C LEU C 45 -25.14 -2.28 -28.52
N GLU C 46 -25.34 -0.96 -28.63
CA GLU C 46 -24.98 -0.21 -29.83
C GLU C 46 -24.29 1.07 -29.41
N TRP C 47 -23.12 1.34 -29.98
CA TRP C 47 -22.37 2.54 -29.64
C TRP C 47 -23.02 3.77 -30.27
N VAL C 48 -23.18 4.82 -29.47
CA VAL C 48 -23.85 6.04 -29.92
C VAL C 48 -22.81 7.08 -30.30
N ALA C 49 -22.04 7.55 -29.31
CA ALA C 49 -21.06 8.59 -29.55
C ALA C 49 -19.92 8.45 -28.55
N GLY C 50 -18.84 9.19 -28.81
CA GLY C 50 -17.71 9.25 -27.91
C GLY C 50 -17.02 10.59 -28.05
N ILE C 51 -16.31 10.97 -26.98
CA ILE C 51 -15.60 12.24 -26.96
C ILE C 51 -14.23 12.02 -26.35
N TYR C 52 -13.22 12.66 -26.96
CA TYR C 52 -11.84 12.55 -26.52
C TYR C 52 -11.60 13.45 -25.31
N THR C 53 -10.40 13.36 -24.75
CA THR C 53 -10.04 14.21 -23.61
C THR C 53 -9.58 15.59 -24.07
N THR C 54 -8.40 15.66 -24.67
CA THR C 54 -7.85 16.93 -25.12
C THR C 54 -8.68 17.48 -26.27
N GLY C 55 -9.17 18.71 -26.13
CA GLY C 55 -9.99 19.29 -27.17
C GLY C 55 -11.36 18.65 -27.23
N SER C 56 -12.05 18.91 -28.35
CA SER C 56 -13.38 18.36 -28.56
C SER C 56 -13.39 17.45 -29.78
N GLY C 57 -12.54 16.42 -29.77
CA GLY C 57 -12.55 15.43 -30.82
C GLY C 57 -13.64 14.40 -30.61
N THR C 58 -14.75 14.54 -31.32
CA THR C 58 -15.91 13.68 -31.13
C THR C 58 -16.04 12.69 -32.26
N ARG C 59 -16.71 11.57 -31.96
CA ARG C 59 -17.00 10.53 -32.94
C ARG C 59 -18.36 9.94 -32.61
N TYR C 60 -19.14 9.66 -33.66
CA TYR C 60 -20.51 9.21 -33.50
C TYR C 60 -20.72 7.87 -34.20
N GLY C 61 -21.72 7.13 -33.74
CA GLY C 61 -22.10 5.89 -34.37
C GLY C 61 -22.71 6.12 -35.73
N ALA C 62 -22.83 5.03 -36.50
CA ALA C 62 -23.35 5.12 -37.85
C ALA C 62 -24.81 5.52 -37.88
N ALA C 63 -25.59 5.06 -36.89
CA ALA C 63 -27.03 5.30 -36.90
C ALA C 63 -27.40 6.70 -36.44
N VAL C 64 -26.54 7.37 -35.66
CA VAL C 64 -26.84 8.68 -35.13
C VAL C 64 -25.96 9.77 -35.70
N LYS C 65 -25.06 9.44 -36.64
CA LYS C 65 -24.19 10.44 -37.23
C LYS C 65 -25.01 11.43 -38.05
N GLY C 66 -24.66 12.71 -37.94
CA GLY C 66 -25.37 13.77 -38.62
C GLY C 66 -26.53 14.35 -37.85
N ARG C 67 -26.91 13.76 -36.73
CA ARG C 67 -27.99 14.29 -35.91
C ARG C 67 -27.75 14.10 -34.41
N ALA C 68 -26.49 13.89 -34.01
CA ALA C 68 -26.13 13.74 -32.61
C ALA C 68 -24.98 14.69 -32.29
N THR C 69 -24.94 15.13 -31.02
CA THR C 69 -23.91 16.05 -30.56
C THR C 69 -23.53 15.68 -29.14
N ILE C 70 -22.26 15.32 -28.94
CA ILE C 70 -21.74 14.95 -27.63
C ILE C 70 -20.74 16.02 -27.18
N SER C 71 -20.87 16.46 -25.94
CA SER C 71 -19.97 17.46 -25.37
C SER C 71 -19.73 17.11 -23.91
N ARG C 72 -18.64 17.66 -23.36
CA ARG C 72 -18.28 17.42 -21.97
C ARG C 72 -18.00 18.74 -21.28
N ASP C 73 -18.38 18.81 -20.01
CA ASP C 73 -18.12 19.97 -19.15
C ASP C 73 -17.20 19.49 -18.04
N ASN C 74 -15.89 19.72 -18.21
CA ASN C 74 -14.92 19.24 -17.23
C ASN C 74 -15.05 19.96 -15.89
N GLY C 75 -15.63 21.16 -15.87
CA GLY C 75 -15.89 21.83 -14.60
C GLY C 75 -17.03 21.21 -13.83
N GLN C 76 -18.02 20.67 -14.54
CA GLN C 76 -19.16 20.01 -13.90
C GLN C 76 -19.07 18.50 -13.94
N SER C 77 -18.08 17.94 -14.64
CA SER C 77 -17.93 16.49 -14.80
C SER C 77 -19.21 15.88 -15.37
N THR C 78 -19.68 16.46 -16.47
CA THR C 78 -20.91 16.03 -17.13
C THR C 78 -20.64 15.76 -18.60
N VAL C 79 -21.21 14.66 -19.11
CA VAL C 79 -21.18 14.32 -20.52
C VAL C 79 -22.60 14.51 -21.06
N ARG C 80 -22.75 15.46 -21.98
CA ARG C 80 -24.05 15.74 -22.57
C ARG C 80 -24.16 15.12 -23.94
N LEU C 81 -25.32 14.52 -24.22
CA LEU C 81 -25.61 13.91 -25.52
C LEU C 81 -26.97 14.39 -26.00
N GLN C 82 -27.00 15.09 -27.13
CA GLN C 82 -28.23 15.53 -27.75
C GLN C 82 -28.45 14.74 -29.04
N LEU C 83 -29.66 14.21 -29.21
CA LEU C 83 -30.01 13.40 -30.37
C LEU C 83 -31.19 14.07 -31.07
N ASN C 84 -30.97 14.54 -32.29
CA ASN C 84 -31.99 15.24 -33.07
C ASN C 84 -32.67 14.29 -34.05
N ASN C 85 -33.86 14.70 -34.50
CA ASN C 85 -34.65 13.95 -35.46
C ASN C 85 -34.87 12.52 -34.99
N LEU C 86 -35.55 12.39 -33.86
CA LEU C 86 -35.73 11.10 -33.22
C LEU C 86 -36.62 10.18 -34.07
N ARG C 87 -36.34 8.89 -33.98
CA ARG C 87 -37.05 7.85 -34.73
CA ARG C 87 -37.06 7.86 -34.72
C ARG C 87 -37.45 6.74 -33.77
N ALA C 88 -38.31 5.85 -34.25
CA ALA C 88 -38.71 4.71 -33.44
C ALA C 88 -37.52 3.80 -33.13
N GLU C 89 -36.52 3.76 -34.01
CA GLU C 89 -35.33 2.96 -33.76
C GLU C 89 -34.47 3.55 -32.66
N ASP C 90 -34.71 4.80 -32.27
CA ASP C 90 -33.94 5.45 -31.21
C ASP C 90 -34.46 5.14 -29.82
N THR C 91 -35.53 4.36 -29.70
CA THR C 91 -36.05 4.00 -28.39
C THR C 91 -35.14 2.98 -27.73
N GLY C 92 -34.83 3.19 -26.46
CA GLY C 92 -33.99 2.26 -25.73
C GLY C 92 -33.43 2.92 -24.48
N THR C 93 -32.53 2.18 -23.84
CA THR C 93 -31.84 2.64 -22.64
C THR C 93 -30.44 3.12 -23.02
N TYR C 94 -30.13 4.37 -22.70
CA TYR C 94 -28.86 4.99 -23.06
C TYR C 94 -27.94 4.98 -21.85
N TYR C 95 -26.82 4.28 -21.96
CA TYR C 95 -25.87 4.14 -20.87
C TYR C 95 -24.68 5.07 -21.07
N CYS C 96 -24.24 5.69 -19.98
CA CYS C 96 -23.02 6.49 -19.97
C CYS C 96 -21.84 5.58 -19.71
N ALA C 97 -20.84 5.65 -20.59
CA ALA C 97 -19.69 4.74 -20.54
C ALA C 97 -18.41 5.55 -20.37
N LYS C 98 -17.65 5.23 -19.33
CA LYS C 98 -16.36 5.84 -19.07
C LYS C 98 -15.26 4.93 -19.60
N SER C 99 -14.28 5.53 -20.28
CA SER C 99 -13.16 4.78 -20.83
C SER C 99 -12.04 4.68 -19.81
N THR C 100 -11.17 3.69 -20.01
CA THR C 100 -10.00 3.52 -19.16
C THR C 100 -8.92 4.55 -19.51
N GLY C 101 -8.74 4.84 -20.79
CA GLY C 101 -7.75 5.79 -21.25
C GLY C 101 -8.38 7.06 -21.79
N ARG C 102 -7.55 7.82 -22.50
CA ARG C 102 -8.01 9.07 -23.10
C ARG C 102 -8.88 8.84 -24.33
N ASP C 103 -8.82 7.64 -24.92
CA ASP C 103 -9.61 7.33 -26.10
C ASP C 103 -11.03 6.94 -25.66
N TYR C 104 -11.84 6.49 -26.63
CA TYR C 104 -13.21 6.08 -26.38
C TYR C 104 -13.56 4.78 -27.06
N TYR C 105 -12.57 3.96 -27.37
CA TYR C 105 -12.83 2.69 -28.04
C TYR C 105 -13.57 1.74 -27.10
N GLY C 106 -14.25 0.76 -27.70
CA GLY C 106 -15.05 -0.17 -26.92
C GLY C 106 -14.23 -1.05 -26.00
N GLY C 107 -12.98 -1.33 -26.36
CA GLY C 107 -12.15 -2.21 -25.56
C GLY C 107 -11.74 -1.61 -24.23
N GLY C 108 -11.86 -0.30 -24.05
CA GLY C 108 -11.43 0.36 -22.84
C GLY C 108 -12.52 0.79 -21.89
N ILE C 109 -13.78 0.51 -22.21
CA ILE C 109 -14.88 0.92 -21.33
C ILE C 109 -14.81 0.11 -20.05
N ASP C 110 -14.66 0.79 -18.91
CA ASP C 110 -14.52 0.12 -17.63
C ASP C 110 -15.60 0.49 -16.61
N ALA C 111 -16.39 1.54 -16.84
CA ALA C 111 -17.44 1.93 -15.92
C ALA C 111 -18.70 2.27 -16.71
N TRP C 112 -19.84 1.85 -16.19
CA TRP C 112 -21.14 2.07 -16.83
C TRP C 112 -22.09 2.72 -15.85
N GLY C 113 -22.96 3.60 -16.38
CA GLY C 113 -24.00 4.20 -15.58
C GLY C 113 -25.25 3.34 -15.55
N HIS C 114 -26.21 3.75 -14.70
CA HIS C 114 -27.45 3.01 -14.59
C HIS C 114 -28.33 3.15 -15.82
N GLY C 115 -28.08 4.14 -16.66
CA GLY C 115 -28.82 4.30 -17.89
C GLY C 115 -30.14 5.03 -17.73
N THR C 116 -30.46 5.89 -18.69
CA THR C 116 -31.75 6.58 -18.74
C THR C 116 -32.58 6.05 -19.89
N GLU C 117 -33.90 6.11 -19.74
CA GLU C 117 -34.81 5.52 -20.71
C GLU C 117 -35.26 6.58 -21.71
N VAL C 118 -35.24 6.21 -22.99
CA VAL C 118 -35.67 7.08 -24.08
C VAL C 118 -36.76 6.35 -24.86
N ILE C 119 -37.92 6.99 -24.98
CA ILE C 119 -39.06 6.43 -25.70
C ILE C 119 -39.48 7.45 -26.75
N VAL C 120 -39.54 7.01 -28.00
CA VAL C 120 -39.94 7.85 -29.12
C VAL C 120 -41.28 7.34 -29.61
N SER C 121 -42.35 8.06 -29.27
CA SER C 121 -43.70 7.67 -29.65
C SER C 121 -44.61 8.89 -29.55
N SER C 122 -45.73 8.83 -30.27
CA SER C 122 -46.72 9.89 -30.25
C SER C 122 -47.78 9.71 -29.18
N ALA C 123 -47.79 8.56 -28.49
CA ALA C 123 -48.76 8.32 -27.45
C ALA C 123 -48.52 9.25 -26.26
N SER C 124 -49.58 9.52 -25.52
CA SER C 124 -49.51 10.42 -24.38
C SER C 124 -49.21 9.65 -23.09
N THR C 125 -48.71 10.38 -22.11
CA THR C 125 -48.37 9.77 -20.83
C THR C 125 -49.65 9.40 -20.06
N LYS C 126 -49.66 8.20 -19.48
CA LYS C 126 -50.80 7.70 -18.74
C LYS C 126 -50.34 7.09 -17.42
N GLY C 127 -51.09 7.37 -16.37
CA GLY C 127 -50.78 6.85 -15.05
C GLY C 127 -51.17 5.39 -14.90
N PRO C 128 -50.54 4.70 -13.96
CA PRO C 128 -50.82 3.27 -13.76
C PRO C 128 -52.12 3.04 -13.01
N SER C 129 -52.57 1.79 -13.05
CA SER C 129 -53.74 1.33 -12.31
C SER C 129 -53.34 0.12 -11.49
N VAL C 130 -53.25 0.28 -10.18
CA VAL C 130 -52.75 -0.78 -9.29
C VAL C 130 -53.93 -1.65 -8.86
N PHE C 131 -53.76 -2.96 -9.00
CA PHE C 131 -54.77 -3.93 -8.58
C PHE C 131 -54.07 -4.98 -7.72
N PRO C 132 -54.52 -5.21 -6.49
CA PRO C 132 -53.84 -6.18 -5.63
C PRO C 132 -54.13 -7.62 -6.04
N LEU C 133 -53.11 -8.46 -5.93
CA LEU C 133 -53.23 -9.89 -6.20
C LEU C 133 -53.45 -10.59 -4.86
N ALA C 134 -54.72 -10.71 -4.47
CA ALA C 134 -55.04 -11.28 -3.17
C ALA C 134 -54.74 -12.78 -3.17
N PRO C 135 -54.15 -13.31 -2.08
CA PRO C 135 -53.84 -14.74 -1.93
C PRO C 135 -55.09 -15.62 -1.98
N ALA C 146 -46.92 -15.36 -3.15
CA ALA C 146 -47.99 -15.44 -2.17
C ALA C 146 -48.98 -14.29 -2.36
N LEU C 147 -48.46 -13.10 -2.64
CA LEU C 147 -49.29 -11.92 -2.85
C LEU C 147 -48.49 -10.91 -3.67
N GLY C 148 -49.15 -9.82 -4.04
CA GLY C 148 -48.48 -8.79 -4.81
C GLY C 148 -49.49 -7.81 -5.38
N CYS C 149 -48.95 -6.86 -6.16
CA CYS C 149 -49.74 -5.82 -6.79
C CYS C 149 -49.57 -5.87 -8.29
N LEU C 150 -50.64 -5.57 -9.02
CA LEU C 150 -50.66 -5.60 -10.48
C LEU C 150 -50.71 -4.17 -11.00
N VAL C 151 -49.57 -3.67 -11.48
CA VAL C 151 -49.49 -2.37 -12.12
C VAL C 151 -49.99 -2.53 -13.55
N LYS C 152 -51.20 -2.06 -13.82
CA LYS C 152 -51.90 -2.34 -15.07
C LYS C 152 -52.06 -1.06 -15.88
N ASP C 153 -51.70 -1.14 -17.16
CA ASP C 153 -51.92 -0.06 -18.13
C ASP C 153 -51.30 1.27 -17.69
N TYR C 154 -50.02 1.45 -18.00
CA TYR C 154 -49.36 2.73 -17.78
C TYR C 154 -48.41 3.00 -18.94
N PHE C 155 -48.00 4.27 -19.06
CA PHE C 155 -47.13 4.66 -20.15
C PHE C 155 -46.53 6.03 -19.83
N PRO C 156 -45.23 6.24 -20.08
CA PRO C 156 -44.33 5.19 -20.56
C PRO C 156 -43.51 4.56 -19.44
N GLU C 157 -42.35 4.04 -19.80
CA GLU C 157 -41.43 3.50 -18.81
C GLU C 157 -40.77 4.64 -18.04
N PRO C 158 -40.38 4.40 -16.77
CA PRO C 158 -40.62 3.18 -16.01
C PRO C 158 -41.57 3.37 -14.84
N VAL C 159 -41.73 2.33 -14.03
CA VAL C 159 -42.51 2.38 -12.80
C VAL C 159 -41.70 1.69 -11.71
N THR C 160 -41.56 2.37 -10.57
CA THR C 160 -40.84 1.81 -9.43
C THR C 160 -41.84 1.27 -8.41
N VAL C 161 -41.55 0.07 -7.90
CA VAL C 161 -42.41 -0.60 -6.94
C VAL C 161 -41.58 -0.98 -5.73
N SER C 162 -42.05 -0.59 -4.55
CA SER C 162 -41.43 -0.94 -3.28
C SER C 162 -42.48 -1.52 -2.35
N TRP C 163 -42.05 -1.99 -1.18
CA TRP C 163 -42.94 -2.61 -0.20
C TRP C 163 -42.64 -2.06 1.19
N ASN C 164 -43.69 -1.60 1.86
CA ASN C 164 -43.59 -1.07 3.23
C ASN C 164 -42.58 0.08 3.30
N SER C 165 -42.59 0.94 2.28
CA SER C 165 -41.71 2.11 2.21
C SER C 165 -40.25 1.72 2.28
N GLY C 166 -39.89 0.62 1.62
CA GLY C 166 -38.53 0.15 1.58
C GLY C 166 -38.13 -0.76 2.73
N ALA C 167 -39.00 -0.97 3.70
CA ALA C 167 -38.70 -1.83 4.84
C ALA C 167 -39.00 -3.31 4.57
N LEU C 168 -39.32 -3.66 3.33
CA LEU C 168 -39.63 -5.04 2.95
C LEU C 168 -38.97 -5.31 1.60
N THR C 169 -37.84 -6.01 1.62
CA THR C 169 -37.12 -6.35 0.40
C THR C 169 -36.86 -7.84 0.24
N SER C 170 -37.06 -8.65 1.27
CA SER C 170 -36.78 -10.08 1.19
C SER C 170 -37.93 -10.80 0.50
N GLY C 171 -37.59 -11.69 -0.45
CA GLY C 171 -38.59 -12.45 -1.17
C GLY C 171 -39.39 -11.67 -2.17
N VAL C 172 -38.98 -10.45 -2.52
CA VAL C 172 -39.71 -9.61 -3.45
C VAL C 172 -39.22 -9.89 -4.86
N HIS C 173 -40.15 -10.03 -5.80
CA HIS C 173 -39.84 -10.28 -7.21
C HIS C 173 -40.65 -9.29 -8.05
N THR C 174 -40.01 -8.22 -8.48
CA THR C 174 -40.64 -7.24 -9.36
C THR C 174 -40.37 -7.63 -10.81
N PHE C 175 -41.41 -8.08 -11.50
CA PHE C 175 -41.27 -8.55 -12.87
C PHE C 175 -41.14 -7.37 -13.83
N PRO C 176 -40.36 -7.51 -14.89
CA PRO C 176 -40.26 -6.43 -15.88
C PRO C 176 -41.58 -6.24 -16.62
N ALA C 177 -41.84 -4.99 -17.00
CA ALA C 177 -43.08 -4.66 -17.67
C ALA C 177 -43.12 -5.26 -19.07
N VAL C 178 -44.29 -5.70 -19.48
CA VAL C 178 -44.52 -6.25 -20.82
C VAL C 178 -45.45 -5.30 -21.56
N LEU C 179 -45.05 -4.90 -22.77
CA LEU C 179 -45.83 -3.95 -23.57
C LEU C 179 -47.10 -4.63 -24.05
N GLN C 180 -48.24 -4.19 -23.52
CA GLN C 180 -49.52 -4.73 -23.95
C GLN C 180 -49.86 -4.23 -25.35
N SER C 181 -50.88 -4.86 -25.95
CA SER C 181 -51.27 -4.51 -27.31
C SER C 181 -51.86 -3.11 -27.41
N SER C 182 -52.34 -2.56 -26.31
CA SER C 182 -52.91 -1.21 -26.29
C SER C 182 -51.85 -0.12 -26.23
N GLY C 183 -50.57 -0.47 -26.36
CA GLY C 183 -49.50 0.50 -26.24
C GLY C 183 -49.11 0.84 -24.83
N LEU C 184 -49.82 0.34 -23.82
CA LEU C 184 -49.53 0.61 -22.42
C LEU C 184 -48.77 -0.55 -21.81
N TYR C 185 -47.95 -0.23 -20.80
CA TYR C 185 -47.17 -1.24 -20.11
C TYR C 185 -47.95 -1.81 -18.93
N SER C 186 -47.49 -2.98 -18.46
CA SER C 186 -48.15 -3.65 -17.34
C SER C 186 -47.17 -4.61 -16.70
N LEU C 187 -46.87 -4.40 -15.43
CA LEU C 187 -45.98 -5.28 -14.67
C LEU C 187 -46.72 -5.80 -13.44
N SER C 188 -46.10 -6.78 -12.78
CA SER C 188 -46.68 -7.39 -11.59
C SER C 188 -45.61 -7.56 -10.54
N SER C 189 -45.90 -7.10 -9.32
CA SER C 189 -45.01 -7.29 -8.20
C SER C 189 -45.41 -8.52 -7.41
N VAL C 190 -44.42 -9.20 -6.83
CA VAL C 190 -44.61 -10.46 -6.12
C VAL C 190 -43.69 -10.49 -4.92
N VAL C 191 -44.23 -10.88 -3.76
CA VAL C 191 -43.46 -11.04 -2.54
C VAL C 191 -43.92 -12.31 -1.83
N THR C 192 -42.96 -13.10 -1.35
CA THR C 192 -43.24 -14.33 -0.63
C THR C 192 -43.02 -14.08 0.86
N VAL C 193 -44.10 -14.10 1.62
CA VAL C 193 -44.06 -13.79 3.05
C VAL C 193 -44.44 -15.03 3.84
N PRO C 194 -43.97 -15.18 5.09
CA PRO C 194 -44.39 -16.32 5.90
C PRO C 194 -45.85 -16.20 6.31
N SER C 195 -46.56 -17.33 6.28
CA SER C 195 -47.98 -17.35 6.60
C SER C 195 -48.28 -17.18 8.07
N SER C 196 -47.25 -17.17 8.94
CA SER C 196 -47.48 -17.02 10.37
C SER C 196 -47.96 -15.61 10.73
N SER C 197 -47.71 -14.63 9.88
CA SER C 197 -48.10 -13.24 10.12
C SER C 197 -48.79 -12.71 8.87
N LEU C 198 -50.13 -12.77 8.85
CA LEU C 198 -50.91 -12.27 7.74
C LEU C 198 -51.86 -11.16 8.18
N GLY C 199 -52.81 -11.46 9.07
CA GLY C 199 -53.72 -10.46 9.57
C GLY C 199 -53.17 -9.54 10.63
N THR C 200 -51.92 -9.74 11.04
CA THR C 200 -51.28 -8.91 12.05
C THR C 200 -50.34 -7.87 11.46
N GLN C 201 -49.64 -8.21 10.38
CA GLN C 201 -48.70 -7.30 9.74
C GLN C 201 -49.34 -6.68 8.51
N THR C 202 -49.05 -5.41 8.27
CA THR C 202 -49.60 -4.66 7.15
C THR C 202 -48.58 -4.63 6.01
N TYR C 203 -49.00 -5.06 4.83
CA TYR C 203 -48.16 -5.06 3.63
C TYR C 203 -48.78 -4.14 2.60
N ILE C 204 -48.07 -3.07 2.24
CA ILE C 204 -48.54 -2.08 1.28
C ILE C 204 -47.49 -1.92 0.19
N CYS C 205 -47.93 -1.98 -1.06
CA CYS C 205 -47.04 -1.77 -2.20
C CYS C 205 -47.07 -0.30 -2.60
N ASN C 206 -45.89 0.24 -2.89
CA ASN C 206 -45.73 1.65 -3.22
C ASN C 206 -45.30 1.77 -4.68
N VAL C 207 -46.19 2.28 -5.52
CA VAL C 207 -45.94 2.45 -6.95
C VAL C 207 -45.69 3.93 -7.21
N ASN C 208 -44.52 4.24 -7.78
CA ASN C 208 -44.13 5.61 -8.08
C ASN C 208 -43.81 5.70 -9.58
N HIS C 209 -44.67 6.40 -10.32
CA HIS C 209 -44.49 6.60 -11.75
C HIS C 209 -43.87 7.99 -11.96
N LYS C 210 -42.57 8.01 -12.24
CA LYS C 210 -41.87 9.28 -12.42
C LYS C 210 -42.40 10.11 -13.57
N PRO C 211 -42.66 9.58 -14.77
CA PRO C 211 -43.09 10.45 -15.87
C PRO C 211 -44.38 11.20 -15.59
N SER C 212 -45.32 10.62 -14.86
CA SER C 212 -46.58 11.28 -14.55
C SER C 212 -46.62 11.87 -13.16
N ASN C 213 -45.52 11.77 -12.40
CA ASN C 213 -45.45 12.29 -11.02
C ASN C 213 -46.57 11.70 -10.17
N THR C 214 -46.69 10.38 -10.21
CA THR C 214 -47.79 9.65 -9.58
C THR C 214 -47.23 8.70 -8.53
N LYS C 215 -47.77 8.79 -7.31
CA LYS C 215 -47.44 7.87 -6.23
C LYS C 215 -48.75 7.28 -5.70
N VAL C 216 -48.92 5.97 -5.87
CA VAL C 216 -50.15 5.29 -5.48
C VAL C 216 -49.79 4.13 -4.56
N ASP C 217 -50.45 4.06 -3.42
CA ASP C 217 -50.32 2.94 -2.49
C ASP C 217 -51.55 2.06 -2.57
N LYS C 218 -51.37 0.77 -2.25
CA LYS C 218 -52.46 -0.19 -2.30
C LYS C 218 -52.14 -1.33 -1.34
N LYS C 219 -53.00 -1.53 -0.34
CA LYS C 219 -52.82 -2.60 0.62
C LYS C 219 -53.47 -3.89 0.11
N VAL C 220 -52.76 -4.99 0.29
CA VAL C 220 -53.25 -6.30 -0.14
C VAL C 220 -54.01 -6.94 1.00
N GLU C 221 -55.20 -7.45 0.71
CA GLU C 221 -56.07 -8.04 1.71
C GLU C 221 -56.37 -9.49 1.39
N PRO C 222 -56.56 -10.34 2.41
CA PRO C 222 -56.93 -11.73 2.14
C PRO C 222 -58.41 -11.88 1.80
N LYS C 223 -58.72 -11.89 0.51
CA LYS C 223 -60.11 -12.03 0.07
C LYS C 223 -60.25 -13.23 -0.88
N ALA D 1 -19.61 -5.14 -36.14
CA ALA D 1 -19.02 -6.11 -37.07
C ALA D 1 -18.29 -7.20 -36.32
N LEU D 2 -18.54 -7.29 -35.01
CA LEU D 2 -17.95 -8.32 -34.18
C LEU D 2 -18.79 -9.58 -34.22
N THR D 3 -18.12 -10.74 -34.21
CA THR D 3 -18.78 -12.03 -34.29
C THR D 3 -18.44 -12.83 -33.04
N GLN D 4 -19.48 -13.26 -32.31
CA GLN D 4 -19.34 -14.08 -31.13
C GLN D 4 -20.50 -15.06 -31.07
N PRO D 5 -20.30 -16.24 -30.46
CA PRO D 5 -21.37 -17.24 -30.45
C PRO D 5 -22.60 -16.76 -29.70
N SER D 6 -23.76 -17.29 -30.11
CA SER D 6 -25.02 -16.86 -29.50
C SER D 6 -25.14 -17.34 -28.07
N SER D 7 -24.72 -18.57 -27.79
CA SER D 7 -24.85 -19.13 -26.45
C SER D 7 -23.70 -20.09 -26.20
N VAL D 8 -23.26 -20.13 -24.94
CA VAL D 8 -22.23 -21.05 -24.47
C VAL D 8 -22.70 -21.65 -23.16
N SER D 9 -22.63 -22.97 -23.05
CA SER D 9 -23.06 -23.68 -21.85
C SER D 9 -21.87 -24.25 -21.11
N ALA D 10 -22.05 -24.44 -19.80
CA ALA D 10 -20.99 -24.98 -18.96
C ALA D 10 -21.58 -25.43 -17.63
N ASN D 11 -20.79 -26.26 -16.90
CA ASN D 11 -21.10 -26.77 -15.56
C ASN D 11 -20.39 -25.93 -14.51
N PRO D 12 -20.98 -25.79 -13.32
CA PRO D 12 -20.33 -25.03 -12.25
C PRO D 12 -18.99 -25.66 -11.86
N GLY D 13 -17.93 -24.91 -12.09
CA GLY D 13 -16.58 -25.38 -11.85
C GLY D 13 -15.77 -25.65 -13.11
N GLY D 14 -16.42 -25.70 -14.27
CA GLY D 14 -15.72 -25.90 -15.53
C GLY D 14 -15.13 -24.61 -16.05
N THR D 15 -14.57 -24.69 -17.26
CA THR D 15 -13.93 -23.57 -17.91
C THR D 15 -14.75 -23.13 -19.12
N VAL D 16 -15.05 -21.84 -19.18
CA VAL D 16 -15.81 -21.24 -20.28
C VAL D 16 -14.86 -20.44 -21.14
N LYS D 17 -15.01 -20.54 -22.46
CA LYS D 17 -14.23 -19.75 -23.41
C LYS D 17 -15.17 -19.18 -24.45
N ILE D 18 -15.35 -17.85 -24.42
CA ILE D 18 -16.21 -17.14 -25.35
C ILE D 18 -15.32 -16.34 -26.29
N THR D 19 -15.34 -16.69 -27.57
CA THR D 19 -14.51 -16.03 -28.56
C THR D 19 -15.24 -14.85 -29.19
N CYS D 20 -14.46 -13.97 -29.81
CA CYS D 20 -14.99 -12.78 -30.46
C CYS D 20 -13.92 -12.23 -31.40
N SER D 21 -14.30 -12.01 -32.65
CA SER D 21 -13.38 -11.54 -33.68
C SER D 21 -14.00 -10.37 -34.44
N GLY D 22 -13.20 -9.79 -35.34
CA GLY D 22 -13.65 -8.70 -36.18
C GLY D 22 -13.17 -7.32 -35.75
N GLY D 23 -12.49 -7.22 -34.62
CA GLY D 23 -12.02 -5.95 -34.14
C GLY D 23 -10.59 -5.65 -34.60
N THR D 24 -10.30 -4.36 -34.73
CA THR D 24 -8.97 -3.90 -35.10
C THR D 24 -8.12 -3.53 -33.90
N TYR D 25 -8.73 -3.04 -32.83
CA TYR D 25 -8.01 -2.63 -31.63
C TYR D 25 -8.31 -3.62 -30.49
N SER D 26 -8.05 -3.19 -29.25
CA SER D 26 -8.16 -4.08 -28.12
C SER D 26 -9.62 -4.52 -27.92
N TYR D 27 -9.78 -5.61 -27.18
CA TYR D 27 -11.10 -6.18 -26.91
C TYR D 27 -11.44 -6.02 -25.43
N GLY D 28 -12.73 -5.86 -25.16
CA GLY D 28 -13.22 -5.79 -23.80
C GLY D 28 -14.53 -6.53 -23.65
N TRP D 29 -14.75 -7.17 -22.51
CA TRP D 29 -15.95 -7.96 -22.27
C TRP D 29 -16.80 -7.32 -21.18
N PHE D 30 -18.11 -7.29 -21.39
CA PHE D 30 -19.04 -6.66 -20.47
C PHE D 30 -20.14 -7.65 -20.12
N GLN D 31 -20.36 -7.85 -18.83
CA GLN D 31 -21.37 -8.78 -18.34
C GLN D 31 -22.67 -8.03 -18.07
N GLN D 32 -23.77 -8.54 -18.62
CA GLN D 32 -25.10 -7.98 -18.39
C GLN D 32 -25.98 -9.10 -17.86
N LYS D 33 -26.40 -8.98 -16.61
CA LYS D 33 -27.20 -10.04 -15.98
C LYS D 33 -28.60 -10.11 -16.56
N SER D 34 -29.18 -8.98 -16.93
CA SER D 34 -30.52 -8.93 -17.49
C SER D 34 -30.63 -7.67 -18.34
N PRO D 35 -31.54 -7.65 -19.32
CA PRO D 35 -31.67 -6.45 -20.17
C PRO D 35 -32.03 -5.18 -19.41
N GLY D 36 -32.64 -5.31 -18.23
CA GLY D 36 -33.00 -4.14 -17.44
C GLY D 36 -31.98 -3.79 -16.38
N SER D 37 -30.72 -4.14 -16.63
CA SER D 37 -29.63 -3.84 -15.71
C SER D 37 -28.40 -3.40 -16.49
N ALA D 38 -27.63 -2.51 -15.88
CA ALA D 38 -26.46 -1.95 -16.55
C ALA D 38 -25.36 -2.99 -16.67
N PRO D 39 -24.58 -2.94 -17.75
CA PRO D 39 -23.48 -3.89 -17.91
C PRO D 39 -22.36 -3.64 -16.89
N VAL D 40 -21.50 -4.65 -16.77
CA VAL D 40 -20.36 -4.62 -15.86
C VAL D 40 -19.15 -5.11 -16.64
N THR D 41 -18.12 -4.27 -16.74
CA THR D 41 -16.89 -4.67 -17.43
C THR D 41 -16.17 -5.73 -16.61
N VAL D 42 -15.94 -6.89 -17.22
CA VAL D 42 -15.22 -7.97 -16.55
C VAL D 42 -13.78 -8.02 -17.06
N ILE D 43 -13.58 -7.61 -18.31
CA ILE D 43 -12.26 -7.59 -18.94
C ILE D 43 -12.20 -6.40 -19.88
N TYR D 44 -11.13 -5.62 -19.78
CA TYR D 44 -10.90 -4.50 -20.68
C TYR D 44 -9.45 -4.52 -21.15
N TRP D 45 -9.22 -3.91 -22.31
CA TRP D 45 -7.90 -3.84 -22.94
C TRP D 45 -7.25 -5.23 -23.00
N ASN D 46 -7.90 -6.12 -23.73
CA ASN D 46 -7.43 -7.48 -23.97
C ASN D 46 -7.35 -8.31 -22.69
N ASP D 47 -6.45 -7.96 -21.77
CA ASP D 47 -6.15 -8.81 -20.63
C ASP D 47 -6.33 -8.16 -19.27
N LYS D 48 -6.57 -6.85 -19.21
CA LYS D 48 -6.70 -6.17 -17.92
C LYS D 48 -8.05 -6.47 -17.29
N ARG D 49 -8.03 -6.75 -15.99
CA ARG D 49 -9.23 -7.05 -15.22
C ARG D 49 -9.42 -6.01 -14.14
N PRO D 50 -10.63 -5.48 -13.95
CA PRO D 50 -10.86 -4.51 -12.86
C PRO D 50 -10.66 -5.14 -11.49
N SER D 51 -10.62 -4.28 -10.48
CA SER D 51 -10.28 -4.73 -9.14
C SER D 51 -11.45 -5.48 -8.49
N ASN D 52 -12.67 -5.00 -8.67
CA ASN D 52 -13.83 -5.61 -8.04
C ASN D 52 -14.30 -6.88 -8.74
N ILE D 53 -13.67 -7.25 -9.86
CA ILE D 53 -14.05 -8.44 -10.61
C ILE D 53 -13.24 -9.63 -10.10
N PRO D 54 -13.87 -10.78 -9.82
CA PRO D 54 -13.11 -11.93 -9.32
C PRO D 54 -12.08 -12.41 -10.33
N SER D 55 -10.99 -12.99 -9.81
CA SER D 55 -9.84 -13.36 -10.63
C SER D 55 -10.14 -14.50 -11.61
N ARG D 56 -11.31 -15.15 -11.51
CA ARG D 56 -11.62 -16.23 -12.44
C ARG D 56 -11.91 -15.72 -13.84
N PHE D 57 -12.13 -14.41 -14.02
CA PHE D 57 -12.32 -13.82 -15.33
C PHE D 57 -10.96 -13.43 -15.90
N SER D 58 -10.73 -13.79 -17.17
CA SER D 58 -9.49 -13.44 -17.84
C SER D 58 -9.73 -13.32 -19.33
N GLY D 59 -8.83 -12.61 -20.00
CA GLY D 59 -8.92 -12.44 -21.43
C GLY D 59 -7.55 -12.50 -22.07
N SER D 60 -7.55 -12.80 -23.37
CA SER D 60 -6.31 -12.93 -24.13
C SER D 60 -6.60 -12.77 -25.61
N LYS D 61 -5.88 -11.88 -26.27
CA LYS D 61 -6.00 -11.70 -27.71
C LYS D 61 -5.01 -12.61 -28.43
N SER D 62 -5.51 -13.36 -29.42
CA SER D 62 -4.70 -14.29 -30.20
C SER D 62 -4.92 -13.97 -31.67
N GLY D 63 -4.27 -12.91 -32.14
CA GLY D 63 -4.39 -12.50 -33.52
C GLY D 63 -5.72 -11.85 -33.84
N SER D 64 -6.52 -12.53 -34.66
CA SER D 64 -7.82 -11.98 -35.05
C SER D 64 -8.92 -12.30 -34.06
N THR D 65 -8.68 -13.20 -33.10
CA THR D 65 -9.71 -13.67 -32.18
C THR D 65 -9.30 -13.36 -30.75
N HIS D 66 -10.22 -12.80 -29.98
CA HIS D 66 -10.04 -12.59 -28.56
C HIS D 66 -10.94 -13.55 -27.80
N THR D 67 -10.47 -14.03 -26.66
CA THR D 67 -11.17 -15.06 -25.89
C THR D 67 -11.37 -14.59 -24.45
N LEU D 68 -12.61 -14.64 -23.99
CA LEU D 68 -12.93 -14.45 -22.58
C LEU D 68 -12.96 -15.81 -21.90
N THR D 69 -12.19 -15.95 -20.83
CA THR D 69 -12.05 -17.23 -20.12
C THR D 69 -12.54 -17.07 -18.69
N ILE D 70 -13.40 -18.00 -18.27
CA ILE D 70 -13.89 -18.05 -16.89
C ILE D 70 -13.45 -19.39 -16.33
N THR D 71 -12.35 -19.40 -15.57
CA THR D 71 -11.83 -20.62 -14.98
C THR D 71 -12.60 -20.93 -13.71
N GLY D 72 -13.22 -22.11 -13.67
CA GLY D 72 -14.06 -22.48 -12.54
C GLY D 72 -15.30 -21.61 -12.47
N VAL D 73 -16.11 -21.65 -13.53
CA VAL D 73 -17.27 -20.78 -13.61
C VAL D 73 -18.25 -21.11 -12.49
N ARG D 74 -18.81 -20.06 -11.88
CA ARG D 74 -19.75 -20.20 -10.78
C ARG D 74 -21.18 -20.06 -11.29
N ALA D 75 -22.13 -20.37 -10.41
CA ALA D 75 -23.53 -20.35 -10.80
C ALA D 75 -24.03 -18.94 -11.10
N GLU D 76 -23.51 -17.93 -10.39
CA GLU D 76 -23.93 -16.55 -10.59
CA GLU D 76 -23.94 -16.56 -10.60
C GLU D 76 -23.29 -15.91 -11.81
N ASP D 77 -22.44 -16.63 -12.54
CA ASP D 77 -21.83 -16.09 -13.75
C ASP D 77 -22.72 -16.24 -14.97
N GLU D 78 -23.90 -16.83 -14.84
CA GLU D 78 -24.84 -16.98 -15.95
C GLU D 78 -25.41 -15.62 -16.30
N ALA D 79 -25.03 -15.09 -17.46
CA ALA D 79 -25.49 -13.78 -17.92
C ALA D 79 -25.18 -13.68 -19.41
N VAL D 80 -25.39 -12.48 -19.97
CA VAL D 80 -25.05 -12.19 -21.35
C VAL D 80 -23.75 -11.38 -21.36
N TYR D 81 -22.79 -11.82 -22.17
CA TYR D 81 -21.48 -11.19 -22.24
C TYR D 81 -21.28 -10.59 -23.63
N PHE D 82 -21.13 -9.27 -23.69
CA PHE D 82 -20.83 -8.56 -24.92
C PHE D 82 -19.33 -8.28 -25.02
N CYS D 83 -18.77 -8.42 -26.21
CA CYS D 83 -17.40 -8.02 -26.47
C CYS D 83 -17.41 -6.68 -27.20
N GLY D 84 -16.49 -5.80 -26.81
CA GLY D 84 -16.38 -4.48 -27.41
C GLY D 84 -14.98 -4.26 -27.96
N SER D 85 -14.92 -3.48 -29.04
CA SER D 85 -13.64 -3.16 -29.66
C SER D 85 -13.81 -1.90 -30.50
N ALA D 86 -13.11 -1.83 -31.63
CA ALA D 86 -13.21 -0.69 -32.52
C ALA D 86 -12.76 -1.11 -33.91
N ASP D 87 -13.43 -0.60 -34.93
CA ASP D 87 -13.11 -0.95 -36.31
C ASP D 87 -11.88 -0.17 -36.76
N SER D 88 -11.53 -0.31 -38.04
CA SER D 88 -10.34 0.35 -38.57
C SER D 88 -10.47 1.87 -38.57
N SER D 89 -11.69 2.40 -38.57
CA SER D 89 -11.91 3.84 -38.63
C SER D 89 -11.95 4.50 -37.25
N GLY D 90 -11.75 3.74 -36.17
CA GLY D 90 -11.77 4.28 -34.84
C GLY D 90 -13.14 4.37 -34.20
N THR D 91 -14.14 3.70 -34.75
CA THR D 91 -15.49 3.70 -34.19
C THR D 91 -15.65 2.49 -33.29
N ALA D 92 -16.10 2.72 -32.05
CA ALA D 92 -16.34 1.61 -31.14
C ALA D 92 -17.51 0.76 -31.64
N ILE D 93 -17.34 -0.56 -31.56
CA ILE D 93 -18.36 -1.50 -32.01
C ILE D 93 -18.49 -2.61 -30.98
N PHE D 94 -19.70 -3.14 -30.85
CA PHE D 94 -20.00 -4.22 -29.92
C PHE D 94 -20.48 -5.45 -30.69
N GLY D 95 -20.33 -6.61 -30.07
CA GLY D 95 -20.84 -7.84 -30.62
C GLY D 95 -22.32 -8.02 -30.35
N ALA D 96 -22.84 -9.15 -30.83
CA ALA D 96 -24.27 -9.44 -30.65
C ALA D 96 -24.58 -9.92 -29.24
N GLY D 97 -23.63 -10.51 -28.56
CA GLY D 97 -23.83 -10.99 -27.21
C GLY D 97 -23.82 -12.51 -27.16
N THR D 98 -23.34 -13.05 -26.04
CA THR D 98 -23.27 -14.48 -25.81
C THR D 98 -23.99 -14.81 -24.52
N THR D 99 -25.01 -15.67 -24.61
CA THR D 99 -25.79 -16.09 -23.44
C THR D 99 -25.06 -17.26 -22.78
N LEU D 100 -24.34 -16.98 -21.70
CA LEU D 100 -23.67 -18.03 -20.95
C LEU D 100 -24.67 -18.72 -20.03
N THR D 101 -24.72 -20.05 -20.11
CA THR D 101 -25.67 -20.85 -19.34
C THR D 101 -24.87 -21.77 -18.40
N VAL D 102 -24.98 -21.51 -17.11
CA VAL D 102 -24.33 -22.31 -16.08
C VAL D 102 -25.38 -23.27 -15.53
N LEU D 103 -25.18 -24.57 -15.77
CA LEU D 103 -26.17 -25.59 -15.43
C LEU D 103 -26.04 -25.96 -13.95
N ARG D 104 -26.69 -25.18 -13.10
CA ARG D 104 -26.72 -25.46 -11.67
C ARG D 104 -27.76 -26.54 -11.39
N THR D 105 -28.07 -26.76 -10.11
CA THR D 105 -29.02 -27.79 -9.73
C THR D 105 -30.43 -27.41 -10.18
N VAL D 106 -31.15 -28.39 -10.74
CA VAL D 106 -32.52 -28.15 -11.19
C VAL D 106 -33.42 -27.89 -10.00
N ALA D 107 -34.30 -26.89 -10.14
CA ALA D 107 -35.21 -26.50 -9.07
C ALA D 107 -36.62 -26.35 -9.65
N ALA D 108 -37.59 -26.99 -9.01
CA ALA D 108 -38.97 -26.95 -9.47
C ALA D 108 -39.66 -25.67 -9.00
N PRO D 109 -40.56 -25.12 -9.82
CA PRO D 109 -41.25 -23.89 -9.42
C PRO D 109 -42.46 -24.17 -8.56
N SER D 110 -42.77 -23.20 -7.69
CA SER D 110 -43.97 -23.23 -6.88
C SER D 110 -45.04 -22.40 -7.58
N VAL D 111 -46.13 -23.06 -7.97
CA VAL D 111 -47.15 -22.42 -8.80
C VAL D 111 -48.10 -21.64 -7.89
N PHE D 112 -48.38 -20.39 -8.26
CA PHE D 112 -49.33 -19.54 -7.57
C PHE D 112 -50.23 -18.88 -8.61
N ILE D 113 -51.54 -18.96 -8.42
CA ILE D 113 -52.51 -18.36 -9.32
C ILE D 113 -53.37 -17.39 -8.54
N PHE D 114 -53.68 -16.25 -9.14
CA PHE D 114 -54.43 -15.20 -8.49
C PHE D 114 -55.66 -14.83 -9.31
N PRO D 115 -56.85 -14.83 -8.71
CA PRO D 115 -58.05 -14.41 -9.44
C PRO D 115 -58.00 -12.92 -9.75
N PRO D 116 -58.76 -12.46 -10.74
CA PRO D 116 -58.78 -11.02 -11.05
C PRO D 116 -59.27 -10.20 -9.87
N SER D 117 -58.71 -9.01 -9.72
CA SER D 117 -59.05 -8.12 -8.62
C SER D 117 -60.48 -7.65 -8.72
N ASP D 118 -61.10 -7.42 -7.57
CA ASP D 118 -62.49 -6.95 -7.55
C ASP D 118 -62.60 -5.55 -8.15
N GLU D 119 -61.59 -4.70 -7.91
CA GLU D 119 -61.59 -3.39 -8.53
C GLU D 119 -61.37 -3.47 -10.04
N GLN D 120 -60.59 -4.45 -10.49
CA GLN D 120 -60.35 -4.61 -11.92
C GLN D 120 -61.57 -5.18 -12.63
N LEU D 121 -62.28 -6.10 -11.97
CA LEU D 121 -63.48 -6.68 -12.57
C LEU D 121 -64.54 -5.61 -12.81
N LYS D 122 -64.64 -4.62 -11.91
CA LYS D 122 -65.59 -3.55 -12.09
C LYS D 122 -65.16 -2.57 -13.18
N SER D 123 -63.88 -2.57 -13.55
CA SER D 123 -63.37 -1.71 -14.60
C SER D 123 -63.54 -2.31 -15.99
N GLY D 124 -64.02 -3.55 -16.09
CA GLY D 124 -64.23 -4.18 -17.37
C GLY D 124 -63.08 -5.02 -17.86
N THR D 125 -62.19 -5.49 -16.98
CA THR D 125 -61.04 -6.27 -17.36
C THR D 125 -60.79 -7.34 -16.32
N ALA D 126 -60.41 -8.53 -16.78
CA ALA D 126 -60.10 -9.65 -15.89
C ALA D 126 -58.70 -10.16 -16.23
N SER D 127 -57.77 -10.04 -15.27
CA SER D 127 -56.39 -10.46 -15.45
C SER D 127 -56.05 -11.45 -14.35
N VAL D 128 -56.05 -12.74 -14.68
CA VAL D 128 -55.65 -13.80 -13.77
C VAL D 128 -54.22 -14.19 -14.10
N VAL D 129 -53.35 -14.15 -13.09
CA VAL D 129 -51.93 -14.38 -13.30
C VAL D 129 -51.55 -15.76 -12.80
N CYS D 130 -50.36 -16.21 -13.21
CA CYS D 130 -49.84 -17.52 -12.83
C CYS D 130 -48.37 -17.34 -12.44
N LEU D 131 -48.07 -17.49 -11.16
CA LEU D 131 -46.74 -17.23 -10.63
C LEU D 131 -45.95 -18.52 -10.52
N LEU D 132 -44.73 -18.51 -11.04
CA LEU D 132 -43.78 -19.60 -10.89
C LEU D 132 -42.57 -19.04 -10.14
N ASN D 133 -42.45 -19.37 -8.86
CA ASN D 133 -41.49 -18.73 -7.97
C ASN D 133 -40.26 -19.62 -7.77
N ASN D 134 -39.08 -19.05 -8.02
CA ASN D 134 -37.80 -19.68 -7.72
C ASN D 134 -37.64 -21.03 -8.41
N PHE D 135 -37.14 -21.04 -9.64
CA PHE D 135 -36.95 -22.27 -10.39
C PHE D 135 -35.75 -22.12 -11.30
N TYR D 136 -35.24 -23.27 -11.76
CA TYR D 136 -34.11 -23.33 -12.67
C TYR D 136 -34.22 -24.66 -13.41
N PRO D 137 -34.05 -24.67 -14.74
CA PRO D 137 -33.73 -23.51 -15.57
C PRO D 137 -34.93 -22.62 -15.86
N ARG D 138 -34.69 -21.52 -16.57
CA ARG D 138 -35.76 -20.57 -16.88
C ARG D 138 -36.76 -21.11 -17.89
N GLU D 139 -36.44 -22.20 -18.58
CA GLU D 139 -37.35 -22.77 -19.57
C GLU D 139 -38.57 -23.39 -18.88
N ALA D 140 -39.60 -22.58 -18.65
CA ALA D 140 -40.85 -23.04 -18.07
C ALA D 140 -41.98 -22.80 -19.06
N LYS D 141 -42.89 -23.77 -19.15
CA LYS D 141 -44.00 -23.73 -20.10
C LYS D 141 -45.31 -23.66 -19.32
N VAL D 142 -45.95 -22.49 -19.37
CA VAL D 142 -47.22 -22.27 -18.68
C VAL D 142 -48.35 -22.40 -19.70
N GLN D 143 -49.40 -23.12 -19.34
CA GLN D 143 -50.53 -23.37 -20.22
C GLN D 143 -51.82 -23.05 -19.48
N TRP D 144 -52.59 -22.12 -20.03
CA TRP D 144 -53.86 -21.71 -19.43
C TRP D 144 -54.99 -22.61 -19.92
N LYS D 145 -55.84 -23.03 -18.99
CA LYS D 145 -56.99 -23.89 -19.30
C LYS D 145 -58.23 -23.31 -18.65
N VAL D 146 -59.18 -22.88 -19.47
CA VAL D 146 -60.44 -22.31 -19.01
C VAL D 146 -61.57 -23.25 -19.40
N ASP D 147 -62.24 -23.82 -18.40
CA ASP D 147 -63.27 -24.84 -18.61
C ASP D 147 -62.71 -26.02 -19.41
N ASN D 148 -61.46 -26.39 -19.11
CA ASN D 148 -60.76 -27.46 -19.82
C ASN D 148 -60.69 -27.19 -21.32
N ALA D 149 -60.51 -25.91 -21.67
CA ALA D 149 -60.37 -25.50 -23.06
C ALA D 149 -59.09 -24.68 -23.20
N LEU D 150 -58.45 -24.83 -24.35
CA LEU D 150 -57.17 -24.16 -24.58
C LEU D 150 -57.38 -22.67 -24.83
N GLN D 151 -56.38 -21.88 -24.41
CA GLN D 151 -56.38 -20.44 -24.61
C GLN D 151 -55.18 -20.06 -25.48
N SER D 152 -55.37 -19.02 -26.29
CA SER D 152 -54.35 -18.60 -27.24
C SER D 152 -54.34 -17.08 -27.34
N GLY D 153 -53.15 -16.49 -27.29
CA GLY D 153 -52.97 -15.07 -27.49
C GLY D 153 -53.34 -14.19 -26.32
N ASN D 154 -54.23 -14.65 -25.43
CA ASN D 154 -54.70 -13.85 -24.31
C ASN D 154 -53.82 -13.97 -23.07
N SER D 155 -52.55 -14.32 -23.23
CA SER D 155 -51.65 -14.49 -22.10
C SER D 155 -50.27 -13.97 -22.46
N GLN D 156 -49.57 -13.44 -21.45
CA GLN D 156 -48.23 -12.92 -21.61
C GLN D 156 -47.37 -13.39 -20.45
N GLU D 157 -46.10 -13.66 -20.73
CA GLU D 157 -45.15 -14.13 -19.73
C GLU D 157 -44.14 -13.04 -19.40
N SER D 158 -43.44 -13.23 -18.29
CA SER D 158 -42.42 -12.29 -17.85
C SER D 158 -41.51 -13.00 -16.85
N VAL D 159 -40.20 -12.95 -17.10
CA VAL D 159 -39.20 -13.60 -16.27
C VAL D 159 -38.37 -12.53 -15.60
N THR D 160 -38.20 -12.64 -14.28
CA THR D 160 -37.37 -11.69 -13.55
C THR D 160 -35.90 -11.93 -13.83
N GLU D 161 -35.07 -10.99 -13.37
CA GLU D 161 -33.63 -11.18 -13.44
C GLU D 161 -33.21 -12.35 -12.55
N GLN D 162 -32.22 -13.11 -13.02
CA GLN D 162 -31.72 -14.23 -12.25
C GLN D 162 -31.17 -13.75 -10.91
N ASP D 163 -31.61 -14.37 -9.83
CA ASP D 163 -31.20 -13.96 -8.50
C ASP D 163 -29.70 -14.12 -8.33
N SER D 164 -29.10 -13.19 -7.57
CA SER D 164 -27.65 -13.17 -7.38
C SER D 164 -27.19 -14.07 -6.24
N LYS D 165 -28.10 -14.65 -5.47
CA LYS D 165 -27.73 -15.50 -4.34
C LYS D 165 -27.86 -16.98 -4.65
N ASP D 166 -28.99 -17.41 -5.18
CA ASP D 166 -29.23 -18.82 -5.49
C ASP D 166 -29.39 -19.09 -6.99
N SER D 167 -29.38 -18.05 -7.83
CA SER D 167 -29.45 -18.18 -9.28
C SER D 167 -30.73 -18.90 -9.71
N THR D 168 -31.86 -18.34 -9.27
CA THR D 168 -33.17 -18.86 -9.62
C THR D 168 -33.96 -17.80 -10.37
N TYR D 169 -34.90 -18.25 -11.19
CA TYR D 169 -35.76 -17.37 -11.97
C TYR D 169 -37.18 -17.39 -11.42
N SER D 170 -37.95 -16.39 -11.83
CA SER D 170 -39.36 -16.29 -11.45
C SER D 170 -40.16 -15.87 -12.67
N LEU D 171 -41.24 -16.59 -12.96
CA LEU D 171 -42.05 -16.35 -14.14
C LEU D 171 -43.48 -16.02 -13.72
N SER D 172 -44.12 -15.11 -14.46
CA SER D 172 -45.50 -14.72 -14.20
C SER D 172 -46.24 -14.67 -15.53
N SER D 173 -47.18 -15.61 -15.72
CA SER D 173 -48.03 -15.63 -16.90
C SER D 173 -49.36 -14.98 -16.55
N THR D 174 -49.69 -13.89 -17.24
CA THR D 174 -50.89 -13.11 -16.96
C THR D 174 -51.92 -13.38 -18.04
N LEU D 175 -53.03 -13.99 -17.65
CA LEU D 175 -54.15 -14.26 -18.56
C LEU D 175 -55.13 -13.10 -18.49
N THR D 176 -55.07 -12.20 -19.47
CA THR D 176 -55.96 -11.05 -19.53
C THR D 176 -57.18 -11.40 -20.37
N LEU D 177 -58.36 -11.39 -19.74
CA LEU D 177 -59.62 -11.67 -20.40
C LEU D 177 -60.58 -10.51 -20.20
N SER D 178 -61.52 -10.37 -21.13
CA SER D 178 -62.54 -9.34 -21.01
C SER D 178 -63.49 -9.65 -19.87
N LYS D 179 -64.20 -8.62 -19.40
CA LYS D 179 -65.17 -8.81 -18.34
C LYS D 179 -66.32 -9.69 -18.79
N ALA D 180 -66.77 -9.52 -20.03
CA ALA D 180 -67.86 -10.35 -20.54
C ALA D 180 -67.41 -11.79 -20.77
N ASP D 181 -66.20 -11.99 -21.29
CA ASP D 181 -65.71 -13.33 -21.51
C ASP D 181 -65.36 -14.02 -20.19
N TYR D 182 -65.04 -13.25 -19.14
CA TYR D 182 -64.74 -13.84 -17.85
C TYR D 182 -65.99 -14.37 -17.15
N GLU D 183 -67.17 -13.90 -17.54
CA GLU D 183 -68.40 -14.33 -16.91
C GLU D 183 -69.03 -15.55 -17.57
N LYS D 184 -68.69 -15.83 -18.84
CA LYS D 184 -69.28 -16.97 -19.52
C LYS D 184 -68.77 -18.29 -18.95
N HIS D 185 -67.45 -18.43 -18.85
CA HIS D 185 -66.84 -19.66 -18.36
C HIS D 185 -66.75 -19.63 -16.84
N LYS D 186 -66.29 -20.76 -16.27
CA LYS D 186 -66.28 -20.91 -14.81
C LYS D 186 -64.94 -21.41 -14.30
N VAL D 187 -64.40 -22.47 -14.90
CA VAL D 187 -63.15 -23.05 -14.46
C VAL D 187 -61.99 -22.27 -15.04
N TYR D 188 -60.99 -21.99 -14.22
CA TYR D 188 -59.78 -21.29 -14.65
C TYR D 188 -58.57 -21.95 -14.00
N ALA D 189 -57.54 -22.22 -14.80
CA ALA D 189 -56.36 -22.90 -14.29
C ALA D 189 -55.19 -22.62 -15.22
N CYS D 190 -53.98 -22.71 -14.65
CA CYS D 190 -52.75 -22.63 -15.43
C CYS D 190 -51.90 -23.85 -15.11
N GLU D 191 -51.38 -24.50 -16.15
CA GLU D 191 -50.59 -25.71 -16.02
C GLU D 191 -49.15 -25.40 -16.40
N VAL D 192 -48.22 -25.75 -15.52
CA VAL D 192 -46.80 -25.50 -15.75
C VAL D 192 -46.14 -26.78 -16.23
N THR D 193 -45.02 -26.62 -16.93
CA THR D 193 -44.25 -27.74 -17.46
C THR D 193 -42.77 -27.38 -17.37
N HIS D 194 -42.11 -27.85 -16.32
CA HIS D 194 -40.71 -27.55 -16.09
C HIS D 194 -39.89 -28.83 -16.12
N GLN D 195 -38.57 -28.67 -16.20
CA GLN D 195 -37.68 -29.81 -16.22
C GLN D 195 -37.66 -30.53 -14.87
N GLY D 196 -37.73 -29.77 -13.78
CA GLY D 196 -37.69 -30.36 -12.45
C GLY D 196 -39.03 -30.86 -11.96
N LEU D 197 -39.91 -31.23 -12.89
CA LEU D 197 -41.24 -31.74 -12.56
C LEU D 197 -41.47 -33.01 -13.37
N SER D 198 -41.54 -34.15 -12.69
CA SER D 198 -41.83 -35.41 -13.37
C SER D 198 -43.23 -35.40 -13.96
N LEU D 199 -44.20 -34.86 -13.22
CA LEU D 199 -45.57 -34.73 -13.67
C LEU D 199 -45.98 -33.26 -13.65
N PRO D 200 -46.83 -32.83 -14.59
CA PRO D 200 -47.24 -31.43 -14.63
C PRO D 200 -48.01 -31.02 -13.38
N VAL D 201 -47.91 -29.73 -13.05
CA VAL D 201 -48.58 -29.15 -11.88
C VAL D 201 -49.64 -28.18 -12.38
N THR D 202 -50.88 -28.38 -11.93
CA THR D 202 -52.01 -27.55 -12.32
C THR D 202 -52.56 -26.84 -11.10
N LYS D 203 -52.71 -25.52 -11.20
CA LYS D 203 -53.27 -24.70 -10.13
C LYS D 203 -54.57 -24.08 -10.64
N SER D 204 -55.69 -24.54 -10.10
CA SER D 204 -57.01 -24.11 -10.53
C SER D 204 -57.71 -23.33 -9.41
N PHE D 205 -58.72 -22.57 -9.80
CA PHE D 205 -59.52 -21.81 -8.85
C PHE D 205 -60.90 -21.56 -9.45
N ASN D 206 -61.86 -21.26 -8.58
CA ASN D 206 -63.21 -20.92 -8.99
C ASN D 206 -63.73 -19.79 -8.12
N ARG D 207 -64.76 -19.11 -8.62
CA ARG D 207 -65.34 -17.97 -7.93
C ARG D 207 -66.01 -18.38 -6.63
N ALA E 1 -2.72 -13.81 10.42
CA ALA E 1 -2.83 -12.90 11.57
C ALA E 1 -1.93 -13.35 12.71
N VAL E 2 -1.36 -12.38 13.42
CA VAL E 2 -0.49 -12.70 14.56
C VAL E 2 -1.33 -13.22 15.71
N THR E 3 -1.11 -14.47 16.08
CA THR E 3 -1.82 -15.12 17.17
C THR E 3 -0.84 -15.64 18.20
N LEU E 4 -1.19 -15.50 19.48
CA LEU E 4 -0.36 -15.96 20.60
C LEU E 4 -1.25 -16.78 21.52
N ASP E 5 -1.30 -18.09 21.28
CA ASP E 5 -2.08 -19.00 22.12
C ASP E 5 -1.23 -19.47 23.28
N GLU E 6 -1.75 -19.33 24.49
CA GLU E 6 -1.02 -19.64 25.71
C GLU E 6 -1.63 -20.84 26.42
N SER E 7 -0.81 -21.50 27.23
CA SER E 7 -1.23 -22.66 27.99
C SER E 7 -0.38 -22.77 29.25
N GLY E 8 -0.83 -23.61 30.17
CA GLY E 8 -0.12 -23.80 31.42
C GLY E 8 -0.73 -23.04 32.57
N GLY E 9 0.12 -22.50 33.44
CA GLY E 9 -0.38 -21.76 34.59
C GLY E 9 -1.05 -22.69 35.59
N GLY E 10 -2.19 -22.26 36.11
CA GLY E 10 -2.93 -23.06 37.05
C GLY E 10 -2.62 -22.70 38.49
N LEU E 11 -3.08 -23.57 39.38
CA LEU E 11 -2.92 -23.39 40.82
C LEU E 11 -1.71 -24.17 41.30
N GLN E 12 -0.92 -23.54 42.18
CA GLN E 12 0.26 -24.18 42.74
C GLN E 12 0.52 -23.60 44.12
N THR E 13 1.01 -24.45 45.03
CA THR E 13 1.38 -23.99 46.35
C THR E 13 2.70 -23.23 46.28
N PRO E 14 2.97 -22.34 47.24
CA PRO E 14 4.24 -21.62 47.24
C PRO E 14 5.41 -22.58 47.39
N GLY E 15 6.50 -22.28 46.68
CA GLY E 15 7.64 -23.15 46.61
C GLY E 15 7.63 -24.13 45.46
N GLY E 16 6.46 -24.39 44.87
CA GLY E 16 6.35 -25.29 43.73
C GLY E 16 6.80 -24.62 42.44
N GLY E 17 6.31 -25.17 41.34
CA GLY E 17 6.71 -24.68 40.04
C GLY E 17 5.61 -24.84 39.02
N LEU E 18 5.56 -23.89 38.08
CA LEU E 18 4.61 -23.92 36.99
C LEU E 18 5.32 -23.55 35.69
N SER E 19 4.85 -24.11 34.59
CA SER E 19 5.41 -23.85 33.27
C SER E 19 4.35 -23.18 32.40
N LEU E 20 4.76 -22.12 31.70
CA LEU E 20 3.89 -21.38 30.80
C LEU E 20 4.43 -21.51 29.37
N VAL E 21 3.57 -21.92 28.45
CA VAL E 21 3.95 -22.08 27.04
C VAL E 21 3.13 -21.10 26.21
N CYS E 22 3.73 -20.63 25.12
CA CYS E 22 3.09 -19.67 24.23
C CYS E 22 3.35 -20.08 22.80
N LYS E 23 2.33 -20.63 22.14
CA LYS E 23 2.42 -21.05 20.75
C LYS E 23 2.11 -19.87 19.84
N ALA E 24 3.08 -19.49 19.01
CA ALA E 24 2.96 -18.34 18.13
C ALA E 24 2.76 -18.79 16.69
N SER E 25 1.97 -18.01 15.96
CA SER E 25 1.72 -18.29 14.55
C SER E 25 1.33 -16.98 13.86
N GLY E 26 1.39 -17.01 12.54
CA GLY E 26 1.06 -15.84 11.73
C GLY E 26 2.23 -14.94 11.41
N PHE E 27 3.44 -15.30 11.83
CA PHE E 27 4.63 -14.50 11.53
C PHE E 27 5.85 -15.39 11.69
N THR E 28 6.97 -14.92 11.14
CA THR E 28 8.24 -15.63 11.25
C THR E 28 8.73 -15.51 12.69
N PHE E 29 8.55 -16.58 13.47
CA PHE E 29 8.80 -16.53 14.90
C PHE E 29 10.26 -16.23 15.22
N SER E 30 11.19 -16.72 14.40
CA SER E 30 12.60 -16.58 14.69
C SER E 30 13.14 -15.17 14.44
N ASP E 31 12.36 -14.28 13.84
CA ASP E 31 12.82 -12.94 13.51
C ASP E 31 12.43 -11.89 14.55
N TYR E 32 11.76 -12.28 15.62
CA TYR E 32 11.30 -11.32 16.62
C TYR E 32 11.62 -11.82 18.02
N GLY E 33 11.93 -10.88 18.91
CA GLY E 33 12.12 -11.22 20.31
C GLY E 33 10.79 -11.40 21.03
N MET E 34 10.80 -12.26 22.04
CA MET E 34 9.61 -12.58 22.80
C MET E 34 9.84 -12.24 24.27
N GLY E 35 8.74 -12.23 25.02
CA GLY E 35 8.81 -11.94 26.45
C GLY E 35 7.50 -12.27 27.12
N TRP E 36 7.55 -12.30 28.45
CA TRP E 36 6.38 -12.55 29.28
C TRP E 36 6.14 -11.36 30.19
N VAL E 37 4.87 -10.95 30.29
CA VAL E 37 4.45 -9.85 31.12
C VAL E 37 3.26 -10.31 31.96
N ARG E 38 3.31 -10.06 33.26
CA ARG E 38 2.26 -10.47 34.17
C ARG E 38 1.56 -9.26 34.77
N GLN E 39 0.37 -9.49 35.30
CA GLN E 39 -0.43 -8.45 35.93
C GLN E 39 -1.10 -9.03 37.16
N ALA E 40 -0.86 -8.41 38.32
CA ALA E 40 -1.51 -8.82 39.56
C ALA E 40 -3.02 -8.60 39.45
N PRO E 41 -3.81 -9.25 40.33
CA PRO E 41 -5.27 -9.11 40.24
C PRO E 41 -5.77 -7.67 40.19
N ASP E 42 -5.31 -6.81 41.09
CA ASP E 42 -5.76 -5.42 41.14
C ASP E 42 -4.60 -4.44 41.02
N LYS E 43 -3.61 -4.79 40.20
CA LYS E 43 -2.48 -3.89 39.98
C LYS E 43 -2.17 -3.77 38.48
N GLY E 44 -1.01 -3.23 38.14
CA GLY E 44 -0.65 -2.95 36.77
C GLY E 44 0.26 -4.00 36.16
N LEU E 45 0.72 -3.69 34.94
CA LEU E 45 1.57 -4.62 34.21
C LEU E 45 2.96 -4.67 34.81
N GLU E 46 3.59 -5.84 34.71
CA GLU E 46 4.94 -6.05 35.23
C GLU E 46 5.67 -7.00 34.30
N TRP E 47 6.86 -6.58 33.86
CA TRP E 47 7.66 -7.41 32.96
C TRP E 47 8.25 -8.58 33.72
N VAL E 48 8.16 -9.77 33.13
CA VAL E 48 8.64 -10.99 33.78
C VAL E 48 9.98 -11.39 33.17
N ALA E 49 9.96 -11.85 31.93
CA ALA E 49 11.17 -12.33 31.27
C ALA E 49 11.13 -11.91 29.80
N GLY E 50 12.29 -12.04 29.15
CA GLY E 50 12.42 -11.75 27.74
C GLY E 50 13.61 -12.47 27.15
N ILE E 51 13.48 -12.95 25.92
CA ILE E 51 14.54 -13.73 25.27
C ILE E 51 14.82 -13.13 23.90
N TYR E 52 16.10 -13.11 23.53
CA TYR E 52 16.55 -12.55 22.26
C TYR E 52 16.22 -13.50 21.11
N THR E 53 16.48 -13.03 19.88
CA THR E 53 16.20 -13.85 18.70
C THR E 53 17.15 -15.03 18.60
N THR E 54 18.37 -14.90 19.11
CA THR E 54 19.32 -16.00 19.06
C THR E 54 18.99 -17.11 20.05
N GLY E 55 18.19 -16.82 21.08
CA GLY E 55 17.79 -17.80 22.05
C GLY E 55 18.75 -17.97 23.22
N SER E 56 19.97 -17.44 23.11
CA SER E 56 20.97 -17.56 24.17
C SER E 56 21.04 -16.34 25.07
N GLY E 57 20.28 -15.28 24.77
CA GLY E 57 20.29 -14.09 25.59
C GLY E 57 18.95 -13.81 26.24
N THR E 58 18.91 -13.82 27.57
CA THR E 58 17.69 -13.64 28.33
C THR E 58 17.89 -12.60 29.41
N ARG E 59 16.80 -11.91 29.76
CA ARG E 59 16.78 -11.00 30.89
C ARG E 59 15.50 -11.21 31.68
N TYR E 60 15.54 -10.86 32.96
CA TYR E 60 14.42 -11.11 33.86
C TYR E 60 14.17 -9.90 34.73
N GLY E 61 12.92 -9.74 35.15
CA GLY E 61 12.58 -8.67 36.07
C GLY E 61 13.16 -8.89 37.45
N ALA E 62 13.20 -7.82 38.23
CA ALA E 62 13.82 -7.88 39.55
C ALA E 62 13.03 -8.78 40.51
N ALA E 63 11.71 -8.89 40.31
CA ALA E 63 10.90 -9.70 41.21
C ALA E 63 11.05 -11.18 40.93
N VAL E 64 11.31 -11.56 39.68
CA VAL E 64 11.43 -12.97 39.29
C VAL E 64 12.86 -13.34 38.95
N LYS E 65 13.83 -12.46 39.22
CA LYS E 65 15.22 -12.77 38.93
C LYS E 65 15.69 -13.92 39.82
N GLY E 66 16.32 -14.91 39.20
CA GLY E 66 16.77 -16.09 39.91
C GLY E 66 15.72 -17.17 40.07
N ARG E 67 14.44 -16.86 39.84
CA ARG E 67 13.37 -17.84 39.96
C ARG E 67 12.66 -18.11 38.63
N ALA E 68 13.03 -17.43 37.55
CA ALA E 68 12.39 -17.59 36.26
C ALA E 68 13.42 -18.01 35.22
N THR E 69 12.96 -18.78 34.23
CA THR E 69 13.78 -19.25 33.13
C THR E 69 12.94 -19.26 31.87
N ILE E 70 13.31 -18.44 30.89
CA ILE E 70 12.59 -18.33 29.63
C ILE E 70 13.41 -18.98 28.53
N SER E 71 12.74 -19.70 27.64
CA SER E 71 13.39 -20.36 26.51
C SER E 71 12.49 -20.19 25.28
N ARG E 72 12.98 -20.67 24.15
CA ARG E 72 12.21 -20.61 22.92
C ARG E 72 12.63 -21.76 22.00
N ASP E 73 11.68 -22.23 21.20
CA ASP E 73 11.90 -23.30 20.24
C ASP E 73 11.48 -22.76 18.87
N ASN E 74 12.47 -22.35 18.07
CA ASN E 74 12.16 -21.74 16.78
C ASN E 74 11.55 -22.75 15.82
N GLY E 75 11.93 -24.04 15.95
CA GLY E 75 11.32 -25.07 15.12
C GLY E 75 9.87 -25.34 15.46
N GLN E 76 9.42 -24.94 16.65
CA GLN E 76 8.05 -25.12 17.09
C GLN E 76 7.29 -23.80 17.25
N SER E 77 7.97 -22.67 17.12
CA SER E 77 7.36 -21.35 17.28
C SER E 77 6.73 -21.20 18.66
N THR E 78 7.43 -21.68 19.69
CA THR E 78 6.97 -21.62 21.06
C THR E 78 8.00 -20.92 21.94
N VAL E 79 7.53 -20.14 22.90
CA VAL E 79 8.36 -19.56 23.94
C VAL E 79 7.81 -20.04 25.28
N ARG E 80 8.67 -20.68 26.07
CA ARG E 80 8.26 -21.31 27.32
CA ARG E 80 8.26 -21.30 27.32
C ARG E 80 8.85 -20.54 28.51
N LEU E 81 8.02 -20.35 29.54
CA LEU E 81 8.42 -19.67 30.77
C LEU E 81 8.30 -20.66 31.92
N GLN E 82 9.40 -20.87 32.65
CA GLN E 82 9.44 -21.77 33.80
C GLN E 82 9.57 -20.94 35.07
N LEU E 83 8.64 -21.13 36.00
CA LEU E 83 8.63 -20.41 37.27
C LEU E 83 8.89 -21.40 38.40
N ASN E 84 9.94 -21.14 39.18
CA ASN E 84 10.30 -21.97 40.33
C ASN E 84 10.33 -21.12 41.59
N ASN E 85 10.19 -21.79 42.73
CA ASN E 85 10.08 -21.14 44.04
C ASN E 85 8.99 -20.07 44.01
N LEU E 86 7.79 -20.52 43.68
CA LEU E 86 6.65 -19.61 43.57
C LEU E 86 6.33 -18.99 44.92
N ARG E 87 5.93 -17.72 44.88
CA ARG E 87 5.47 -16.99 46.05
C ARG E 87 4.04 -16.52 45.81
N ALA E 88 3.35 -16.18 46.89
CA ALA E 88 1.97 -15.71 46.78
C ALA E 88 1.87 -14.47 45.90
N GLU E 89 2.93 -13.66 45.85
CA GLU E 89 2.93 -12.45 45.03
C GLU E 89 2.96 -12.75 43.53
N ASP E 90 3.28 -13.99 43.14
CA ASP E 90 3.32 -14.35 41.73
C ASP E 90 1.94 -14.61 41.14
N THR E 91 0.89 -14.51 41.94
CA THR E 91 -0.47 -14.72 41.43
C THR E 91 -0.86 -13.59 40.48
N GLY E 92 -1.45 -13.96 39.37
CA GLY E 92 -1.93 -12.97 38.42
C GLY E 92 -2.01 -13.55 37.02
N THR E 93 -2.41 -12.69 36.09
CA THR E 93 -2.51 -13.06 34.68
C THR E 93 -1.17 -12.84 34.00
N TYR E 94 -0.73 -13.85 33.25
CA TYR E 94 0.55 -13.82 32.55
C TYR E 94 0.29 -13.72 31.05
N TYR E 95 0.86 -12.71 30.41
CA TYR E 95 0.66 -12.45 28.99
C TYR E 95 1.92 -12.79 28.20
N CYS E 96 1.71 -13.23 26.96
CA CYS E 96 2.79 -13.48 26.02
C CYS E 96 2.95 -12.24 25.14
N ALA E 97 4.16 -11.70 25.10
CA ALA E 97 4.42 -10.45 24.40
C ALA E 97 5.36 -10.68 23.22
N LYS E 98 5.00 -10.15 22.07
CA LYS E 98 5.83 -10.17 20.87
C LYS E 98 6.42 -8.78 20.64
N SER E 99 7.69 -8.75 20.26
CA SER E 99 8.38 -7.49 20.01
C SER E 99 8.37 -7.16 18.52
N THR E 100 8.46 -5.87 18.22
CA THR E 100 8.50 -5.43 16.82
C THR E 100 9.81 -5.84 16.15
N GLY E 101 10.92 -5.80 16.90
CA GLY E 101 12.21 -6.16 16.35
C GLY E 101 12.89 -7.31 17.07
N ARG E 102 14.21 -7.37 16.99
CA ARG E 102 14.96 -8.45 17.61
C ARG E 102 15.08 -8.29 19.13
N ASP E 103 14.87 -7.08 19.65
CA ASP E 103 15.01 -6.84 21.08
C ASP E 103 13.76 -7.30 21.82
N TYR E 104 13.67 -6.95 23.10
CA TYR E 104 12.50 -7.28 23.91
C TYR E 104 12.11 -6.14 24.84
N TYR E 105 12.56 -4.92 24.54
CA TYR E 105 12.24 -3.78 25.38
C TYR E 105 10.74 -3.47 25.32
N GLY E 106 10.27 -2.72 26.32
CA GLY E 106 8.84 -2.45 26.42
C GLY E 106 8.31 -1.61 25.29
N GLY E 107 9.14 -0.76 24.69
CA GLY E 107 8.67 0.15 23.67
C GLY E 107 8.33 -0.49 22.34
N GLY E 108 8.66 -1.77 22.16
CA GLY E 108 8.46 -2.42 20.88
C GLY E 108 7.46 -3.55 20.90
N ILE E 109 6.79 -3.77 22.03
CA ILE E 109 5.80 -4.83 22.13
C ILE E 109 4.61 -4.47 21.27
N ASP E 110 4.36 -5.25 20.21
CA ASP E 110 3.26 -4.98 19.30
C ASP E 110 2.13 -5.98 19.39
N ALA E 111 2.40 -7.21 19.83
CA ALA E 111 1.39 -8.25 19.93
C ALA E 111 1.32 -8.78 21.36
N TRP E 112 0.10 -8.97 21.85
CA TRP E 112 -0.15 -9.48 23.19
C TRP E 112 -0.98 -10.75 23.10
N GLY E 113 -0.63 -11.74 23.93
CA GLY E 113 -1.38 -12.97 23.99
C GLY E 113 -2.66 -12.81 24.79
N HIS E 114 -3.45 -13.88 24.81
CA HIS E 114 -4.75 -13.85 25.48
C HIS E 114 -4.58 -13.69 26.99
N GLY E 115 -3.77 -14.55 27.61
CA GLY E 115 -3.58 -14.49 29.06
C GLY E 115 -3.86 -15.81 29.74
N THR E 116 -3.08 -16.13 30.77
CA THR E 116 -3.21 -17.39 31.50
C THR E 116 -3.13 -17.11 32.98
N GLU E 117 -4.08 -17.66 33.73
CA GLU E 117 -4.14 -17.44 35.17
C GLU E 117 -3.10 -18.28 35.89
N VAL E 118 -2.37 -17.65 36.79
CA VAL E 118 -1.44 -18.33 37.69
C VAL E 118 -1.84 -17.96 39.11
N ILE E 119 -2.14 -18.98 39.93
CA ILE E 119 -2.59 -18.78 41.30
C ILE E 119 -1.62 -19.52 42.21
N VAL E 120 -1.01 -18.78 43.14
CA VAL E 120 -0.08 -19.34 44.11
C VAL E 120 -0.63 -19.06 45.50
N SER E 121 -0.98 -20.11 46.23
CA SER E 121 -1.59 -19.97 47.54
C SER E 121 -1.47 -21.28 48.30
N SER E 122 -1.48 -21.17 49.63
CA SER E 122 -1.42 -22.33 50.51
C SER E 122 -2.80 -22.83 50.92
N ALA E 123 -3.86 -22.12 50.56
CA ALA E 123 -5.20 -22.50 50.99
C ALA E 123 -5.65 -23.78 50.31
N SER E 124 -6.49 -24.54 51.00
CA SER E 124 -7.10 -25.74 50.45
C SER E 124 -8.43 -25.39 49.78
N THR E 125 -8.85 -26.27 48.88
CA THR E 125 -10.12 -26.08 48.17
C THR E 125 -11.28 -26.18 49.16
N LYS E 126 -12.03 -25.10 49.31
CA LYS E 126 -13.10 -25.02 50.29
C LYS E 126 -14.31 -24.34 49.66
N GLY E 127 -15.49 -24.92 49.88
CA GLY E 127 -16.72 -24.33 49.42
C GLY E 127 -17.08 -23.08 50.20
N PRO E 128 -17.94 -22.25 49.63
CA PRO E 128 -18.26 -20.96 50.27
C PRO E 128 -19.35 -21.10 51.31
N SER E 129 -19.45 -20.06 52.14
CA SER E 129 -20.55 -19.89 53.08
C SER E 129 -21.40 -18.74 52.60
N VAL E 130 -22.69 -18.98 52.40
CA VAL E 130 -23.59 -17.99 51.81
C VAL E 130 -24.48 -17.43 52.93
N PHE E 131 -24.35 -16.14 53.18
CA PHE E 131 -25.16 -15.44 54.17
C PHE E 131 -26.03 -14.39 53.49
N PRO E 132 -27.29 -14.27 53.89
CA PRO E 132 -28.19 -13.33 53.20
C PRO E 132 -27.95 -11.89 53.62
N LEU E 133 -28.03 -10.99 52.65
CA LEU E 133 -28.04 -9.54 52.90
C LEU E 133 -29.51 -9.13 52.86
N ALA E 134 -30.16 -9.20 54.02
CA ALA E 134 -31.60 -9.01 54.08
C ALA E 134 -31.96 -7.57 53.71
N PRO E 135 -33.06 -7.38 52.98
CA PRO E 135 -33.50 -6.01 52.67
C PRO E 135 -33.85 -5.27 53.95
N SER E 136 -33.16 -4.15 54.17
CA SER E 136 -33.30 -3.41 55.43
C SER E 136 -34.74 -2.94 55.61
N SER E 137 -35.19 -2.95 56.87
CA SER E 137 -36.53 -2.49 57.20
C SER E 137 -36.73 -1.01 56.94
N LYS E 138 -35.65 -0.26 56.70
CA LYS E 138 -35.76 1.15 56.36
C LYS E 138 -36.41 1.31 54.98
N SER E 139 -36.68 2.57 54.62
CA SER E 139 -37.25 2.88 53.32
C SER E 139 -36.25 2.72 52.18
N THR E 140 -35.03 2.24 52.47
CA THR E 140 -33.97 2.05 51.47
C THR E 140 -33.74 3.32 50.66
N SER E 141 -34.27 3.36 49.43
CA SER E 141 -34.05 4.53 48.56
C SER E 141 -35.23 4.64 47.59
N GLY E 142 -36.30 5.27 48.06
CA GLY E 142 -37.44 5.62 47.21
C GLY E 142 -38.15 4.45 46.54
N GLY E 143 -38.79 3.60 47.34
CA GLY E 143 -39.57 2.52 46.79
C GLY E 143 -38.79 1.37 46.19
N THR E 144 -37.46 1.48 46.10
CA THR E 144 -36.61 0.43 45.56
C THR E 144 -35.76 -0.13 46.68
N ALA E 145 -35.99 -1.41 47.01
CA ALA E 145 -35.25 -2.08 48.07
C ALA E 145 -34.09 -2.86 47.49
N ALA E 146 -32.97 -2.86 48.20
CA ALA E 146 -31.78 -3.60 47.81
C ALA E 146 -31.60 -4.80 48.72
N LEU E 147 -31.24 -5.93 48.11
CA LEU E 147 -30.99 -7.15 48.85
C LEU E 147 -29.95 -7.98 48.10
N GLY E 148 -29.30 -8.86 48.83
CA GLY E 148 -28.28 -9.72 48.24
C GLY E 148 -27.97 -10.89 49.14
N CYS E 149 -26.87 -11.56 48.82
CA CYS E 149 -26.34 -12.64 49.66
C CYS E 149 -24.83 -12.56 49.64
N LEU E 150 -24.22 -12.77 50.81
CA LEU E 150 -22.78 -12.65 50.98
C LEU E 150 -22.13 -14.02 50.80
N VAL E 151 -21.34 -14.16 49.74
CA VAL E 151 -20.62 -15.39 49.46
C VAL E 151 -19.22 -15.24 50.07
N LYS E 152 -18.98 -15.91 51.20
CA LYS E 152 -17.80 -15.68 52.01
C LYS E 152 -17.00 -16.96 52.20
N ASP E 153 -15.68 -16.80 52.24
CA ASP E 153 -14.74 -17.87 52.58
C ASP E 153 -14.81 -19.03 51.60
N TYR E 154 -14.16 -18.90 50.45
CA TYR E 154 -14.05 -19.98 49.49
C TYR E 154 -12.71 -19.89 48.78
N PHE E 155 -12.30 -21.02 48.20
CA PHE E 155 -11.04 -21.08 47.46
C PHE E 155 -11.07 -22.31 46.57
N PRO E 156 -10.62 -22.20 45.31
CA PRO E 156 -10.20 -20.94 44.71
C PRO E 156 -11.31 -20.27 43.92
N GLU E 157 -10.97 -19.28 43.11
CA GLU E 157 -11.92 -18.68 42.20
C GLU E 157 -12.24 -19.67 41.07
N PRO E 158 -13.41 -19.53 40.43
CA PRO E 158 -14.46 -18.54 40.71
C PRO E 158 -15.75 -19.13 41.25
N VAL E 159 -16.65 -18.24 41.69
CA VAL E 159 -18.01 -18.61 42.03
C VAL E 159 -18.95 -17.88 41.09
N THR E 160 -20.06 -18.54 40.75
CA THR E 160 -21.07 -17.97 39.87
C THR E 160 -22.36 -17.82 40.65
N VAL E 161 -22.81 -16.59 40.84
CA VAL E 161 -24.02 -16.27 41.59
C VAL E 161 -25.10 -15.85 40.61
N SER E 162 -26.27 -16.48 40.71
CA SER E 162 -27.45 -16.08 39.95
C SER E 162 -28.61 -15.93 40.91
N TRP E 163 -29.70 -15.36 40.40
CA TRP E 163 -30.89 -15.09 41.21
C TRP E 163 -32.11 -15.70 40.55
N ASN E 164 -32.89 -16.44 41.34
CA ASN E 164 -34.12 -17.09 40.85
C ASN E 164 -33.84 -17.98 39.65
N SER E 165 -32.72 -18.71 39.70
CA SER E 165 -32.33 -19.65 38.65
C SER E 165 -32.17 -18.96 37.30
N GLY E 166 -31.73 -17.71 37.31
CA GLY E 166 -31.55 -16.95 36.09
C GLY E 166 -32.75 -16.17 35.61
N ALA E 167 -33.87 -16.24 36.34
CA ALA E 167 -35.07 -15.49 35.96
C ALA E 167 -35.02 -14.03 36.39
N LEU E 168 -34.05 -13.64 37.20
CA LEU E 168 -33.91 -12.26 37.67
C LEU E 168 -32.52 -11.78 37.28
N THR E 169 -32.44 -10.95 36.23
CA THR E 169 -31.18 -10.43 35.75
C THR E 169 -31.12 -8.90 35.74
N SER E 170 -32.26 -8.21 35.66
CA SER E 170 -32.25 -6.76 35.62
C SER E 170 -31.94 -6.19 37.00
N GLY E 171 -30.86 -5.43 37.09
CA GLY E 171 -30.49 -4.81 38.34
C GLY E 171 -29.65 -5.67 39.26
N VAL E 172 -28.95 -6.66 38.73
CA VAL E 172 -28.11 -7.55 39.51
C VAL E 172 -26.67 -7.12 39.37
N HIS E 173 -25.95 -7.04 40.49
CA HIS E 173 -24.54 -6.67 40.52
C HIS E 173 -23.79 -7.71 41.34
N THR E 174 -22.89 -8.45 40.69
CA THR E 174 -22.04 -9.42 41.35
C THR E 174 -20.62 -8.84 41.39
N PHE E 175 -20.20 -8.39 42.57
CA PHE E 175 -18.93 -7.71 42.69
C PHE E 175 -17.77 -8.69 42.54
N PRO E 176 -16.61 -8.22 42.07
CA PRO E 176 -15.46 -9.11 41.91
C PRO E 176 -14.99 -9.65 43.25
N ALA E 177 -14.41 -10.85 43.22
CA ALA E 177 -13.92 -11.48 44.43
C ALA E 177 -12.78 -10.67 45.04
N VAL E 178 -12.73 -10.66 46.37
CA VAL E 178 -11.69 -10.00 47.13
C VAL E 178 -10.97 -11.04 47.97
N LEU E 179 -9.65 -11.09 47.84
CA LEU E 179 -8.85 -12.04 48.62
C LEU E 179 -8.68 -11.51 50.04
N GLN E 180 -9.12 -12.29 51.02
CA GLN E 180 -9.04 -11.91 52.42
C GLN E 180 -7.68 -12.25 53.00
N SER E 181 -7.43 -11.76 54.22
CA SER E 181 -6.17 -12.04 54.90
C SER E 181 -6.01 -13.52 55.23
N SER E 182 -7.10 -14.26 55.31
CA SER E 182 -7.04 -15.69 55.59
C SER E 182 -6.70 -16.54 54.37
N GLY E 183 -6.46 -15.92 53.22
CA GLY E 183 -6.20 -16.64 52.00
C GLY E 183 -7.44 -17.10 51.26
N LEU E 184 -8.63 -16.84 51.79
CA LEU E 184 -9.88 -17.26 51.19
C LEU E 184 -10.58 -16.08 50.51
N TYR E 185 -11.26 -16.37 49.41
CA TYR E 185 -11.95 -15.34 48.66
C TYR E 185 -13.36 -15.13 49.19
N SER E 186 -13.94 -13.98 48.85
CA SER E 186 -15.30 -13.65 49.25
C SER E 186 -15.80 -12.53 48.34
N LEU E 187 -17.10 -12.56 48.04
CA LEU E 187 -17.73 -11.53 47.25
C LEU E 187 -19.19 -11.44 47.62
N SER E 188 -19.84 -10.38 47.14
CA SER E 188 -21.26 -10.14 47.36
C SER E 188 -21.95 -9.98 46.03
N SER E 189 -23.23 -10.37 46.00
CA SER E 189 -24.08 -10.21 44.82
C SER E 189 -25.40 -9.61 45.28
N VAL E 190 -25.60 -8.34 44.97
CA VAL E 190 -26.79 -7.62 45.38
C VAL E 190 -27.73 -7.47 44.19
N VAL E 191 -28.95 -7.04 44.46
CA VAL E 191 -29.94 -6.80 43.42
C VAL E 191 -30.98 -5.84 43.96
N THR E 192 -31.34 -4.85 43.15
CA THR E 192 -32.36 -3.87 43.51
C THR E 192 -33.69 -4.25 42.87
N VAL E 193 -34.73 -4.32 43.70
CA VAL E 193 -36.06 -4.70 43.24
C VAL E 193 -37.07 -3.73 43.84
N PRO E 194 -38.26 -3.63 43.24
CA PRO E 194 -39.31 -2.79 43.86
C PRO E 194 -39.66 -3.30 45.26
N SER E 195 -39.66 -2.37 46.22
CA SER E 195 -39.92 -2.72 47.61
C SER E 195 -41.34 -3.21 47.85
N SER E 196 -42.26 -3.00 46.90
CA SER E 196 -43.62 -3.50 47.04
C SER E 196 -43.72 -5.00 46.86
N SER E 197 -42.69 -5.64 46.33
CA SER E 197 -42.69 -7.08 46.09
C SER E 197 -41.87 -7.85 47.13
N LEU E 198 -41.46 -7.20 48.22
CA LEU E 198 -40.67 -7.90 49.24
C LEU E 198 -41.50 -8.97 49.96
N GLY E 199 -42.78 -8.72 50.16
CA GLY E 199 -43.66 -9.68 50.79
C GLY E 199 -44.38 -10.60 49.84
N THR E 200 -44.11 -10.51 48.53
CA THR E 200 -44.78 -11.34 47.54
C THR E 200 -43.77 -12.22 46.81
N GLN E 201 -42.89 -11.63 46.00
CA GLN E 201 -41.91 -12.41 45.25
C GLN E 201 -40.81 -12.91 46.16
N THR E 202 -40.46 -14.19 46.01
CA THR E 202 -39.36 -14.77 46.76
C THR E 202 -38.06 -14.61 45.97
N TYR E 203 -36.99 -14.29 46.67
CA TYR E 203 -35.69 -14.03 46.05
C TYR E 203 -34.68 -15.05 46.58
N ILE E 204 -34.23 -15.93 45.69
CA ILE E 204 -33.24 -16.95 46.02
C ILE E 204 -31.99 -16.65 45.21
N CYS E 205 -30.84 -16.63 45.87
CA CYS E 205 -29.56 -16.47 45.19
C CYS E 205 -28.90 -17.83 45.06
N ASN E 206 -28.42 -18.15 43.86
CA ASN E 206 -27.88 -19.46 43.54
C ASN E 206 -26.37 -19.36 43.39
N VAL E 207 -25.65 -19.85 44.40
CA VAL E 207 -24.19 -19.78 44.42
C VAL E 207 -23.64 -21.13 43.98
N ASN E 208 -22.72 -21.10 43.01
CA ASN E 208 -22.14 -22.32 42.45
C ASN E 208 -20.62 -22.19 42.49
N HIS E 209 -19.98 -23.09 43.23
CA HIS E 209 -18.53 -23.13 43.35
C HIS E 209 -18.05 -24.41 42.66
N LYS E 210 -17.59 -24.27 41.42
CA LYS E 210 -17.16 -25.45 40.65
C LYS E 210 -15.96 -26.15 41.24
N PRO E 211 -14.87 -25.47 41.64
CA PRO E 211 -13.67 -26.20 42.09
C PRO E 211 -13.92 -27.14 43.26
N SER E 212 -14.87 -26.81 44.15
CA SER E 212 -15.20 -27.66 45.28
C SER E 212 -16.48 -28.46 45.07
N ASN E 213 -17.11 -28.35 43.89
CA ASN E 213 -18.35 -29.07 43.58
C ASN E 213 -19.43 -28.76 44.62
N THR E 214 -19.65 -27.47 44.85
CA THR E 214 -20.56 -27.00 45.88
C THR E 214 -21.61 -26.07 45.27
N LYS E 215 -22.88 -26.33 45.57
CA LYS E 215 -23.99 -25.49 45.15
C LYS E 215 -24.82 -25.14 46.37
N VAL E 216 -25.12 -23.86 46.55
CA VAL E 216 -25.89 -23.38 47.69
C VAL E 216 -26.99 -22.45 47.18
N ASP E 217 -28.22 -22.71 47.60
CA ASP E 217 -29.36 -21.86 47.30
C ASP E 217 -29.83 -21.20 48.59
N LYS E 218 -29.77 -19.87 48.64
CA LYS E 218 -30.07 -19.12 49.84
C LYS E 218 -31.27 -18.22 49.59
N LYS E 219 -32.28 -18.34 50.46
CA LYS E 219 -33.45 -17.47 50.40
C LYS E 219 -33.17 -16.20 51.19
N VAL E 220 -33.34 -15.05 50.55
CA VAL E 220 -33.10 -13.75 51.16
C VAL E 220 -34.47 -13.16 51.52
N GLU E 221 -34.75 -13.08 52.81
CA GLU E 221 -36.01 -12.53 53.30
C GLU E 221 -35.76 -11.34 54.23
N PRO E 222 -36.72 -10.43 54.35
CA PRO E 222 -36.56 -9.32 55.29
C PRO E 222 -36.52 -9.84 56.73
N LYS E 223 -36.00 -8.99 57.61
CA LYS E 223 -35.91 -9.34 59.03
C LYS E 223 -37.28 -9.31 59.70
N ALA F 1 10.03 1.71 36.61
CA ALA F 1 10.22 2.99 37.28
C ALA F 1 9.65 4.13 36.44
N LEU F 2 8.79 3.78 35.48
CA LEU F 2 8.18 4.79 34.62
C LEU F 2 7.14 5.58 35.39
N THR F 3 7.22 6.91 35.27
CA THR F 3 6.30 7.81 35.96
C THR F 3 5.27 8.32 34.95
N GLN F 4 4.01 7.94 35.17
CA GLN F 4 2.90 8.42 34.36
C GLN F 4 1.75 8.77 35.29
N PRO F 5 0.92 9.75 34.93
CA PRO F 5 -0.17 10.17 35.82
C PRO F 5 -1.17 9.03 36.05
N SER F 6 -1.76 9.04 37.24
CA SER F 6 -2.69 7.98 37.62
C SER F 6 -4.01 8.06 36.86
N SER F 7 -4.39 9.24 36.37
CA SER F 7 -5.66 9.40 35.67
C SER F 7 -5.64 10.70 34.88
N VAL F 8 -6.33 10.67 33.73
CA VAL F 8 -6.55 11.87 32.91
C VAL F 8 -8.02 11.89 32.52
N SER F 9 -8.58 13.10 32.48
CA SER F 9 -10.00 13.29 32.18
C SER F 9 -10.14 14.03 30.86
N ALA F 10 -10.90 13.46 29.94
CA ALA F 10 -11.11 14.05 28.63
C ALA F 10 -12.60 14.00 28.28
N ASN F 11 -13.02 14.92 27.41
CA ASN F 11 -14.38 14.99 26.92
C ASN F 11 -14.48 14.42 25.51
N PRO F 12 -15.63 13.86 25.15
CA PRO F 12 -15.78 13.29 23.80
C PRO F 12 -15.51 14.32 22.72
N GLY F 13 -14.62 13.96 21.80
CA GLY F 13 -14.21 14.85 20.73
C GLY F 13 -13.00 15.70 21.03
N GLY F 14 -12.56 15.76 22.29
CA GLY F 14 -11.42 16.58 22.65
C GLY F 14 -10.10 15.81 22.60
N THR F 15 -9.02 16.56 22.77
CA THR F 15 -7.67 16.02 22.74
C THR F 15 -7.17 15.78 24.16
N VAL F 16 -6.56 14.62 24.39
CA VAL F 16 -6.01 14.26 25.68
C VAL F 16 -4.56 13.84 25.49
N LYS F 17 -3.69 14.24 26.42
CA LYS F 17 -2.28 13.89 26.40
C LYS F 17 -1.91 13.17 27.68
N ILE F 18 -1.18 12.07 27.55
CA ILE F 18 -0.71 11.29 28.68
C ILE F 18 0.81 11.21 28.60
N THR F 19 1.49 11.65 29.66
CA THR F 19 2.94 11.69 29.68
C THR F 19 3.51 10.45 30.36
N CYS F 20 4.80 10.25 30.15
CA CYS F 20 5.52 9.10 30.70
C CYS F 20 7.01 9.40 30.67
N SER F 21 7.67 9.29 31.82
CA SER F 21 9.09 9.58 31.93
C SER F 21 9.78 8.47 32.71
N GLY F 22 11.11 8.49 32.68
CA GLY F 22 11.92 7.55 33.41
C GLY F 22 12.56 6.47 32.56
N GLY F 23 12.22 6.38 31.28
CA GLY F 23 12.77 5.37 30.41
C GLY F 23 14.03 5.86 29.69
N THR F 24 14.88 4.90 29.35
CA THR F 24 16.12 5.17 28.62
C THR F 24 15.98 4.96 27.13
N TYR F 25 15.22 3.95 26.71
CA TYR F 25 15.05 3.64 25.30
C TYR F 25 13.65 4.09 24.84
N SER F 26 13.16 3.50 23.76
CA SER F 26 11.92 3.96 23.15
C SER F 26 10.73 3.69 24.08
N TYR F 27 9.65 4.42 23.83
CA TYR F 27 8.42 4.31 24.61
C TYR F 27 7.32 3.69 23.77
N GLY F 28 6.43 2.96 24.43
CA GLY F 28 5.29 2.36 23.78
C GLY F 28 4.08 2.33 24.69
N TRP F 29 2.89 2.57 24.13
CA TRP F 29 1.67 2.64 24.91
C TRP F 29 0.76 1.46 24.59
N PHE F 30 0.09 0.95 25.62
CA PHE F 30 -0.74 -0.24 25.52
C PHE F 30 -2.09 0.03 26.14
N GLN F 31 -3.15 -0.32 25.43
CA GLN F 31 -4.52 -0.05 25.85
C GLN F 31 -5.13 -1.31 26.46
N GLN F 32 -5.69 -1.17 27.66
CA GLN F 32 -6.36 -2.27 28.35
C GLN F 32 -7.72 -1.78 28.81
N LYS F 33 -8.78 -2.27 28.17
CA LYS F 33 -10.14 -1.82 28.47
C LYS F 33 -10.74 -2.46 29.70
N SER F 34 -10.12 -3.50 30.26
CA SER F 34 -10.61 -4.13 31.48
C SER F 34 -9.48 -4.91 32.13
N PRO F 35 -9.39 -4.95 33.45
CA PRO F 35 -8.30 -5.70 34.11
C PRO F 35 -8.41 -7.18 33.79
N GLY F 36 -7.27 -7.77 33.42
CA GLY F 36 -7.20 -9.17 33.06
C GLY F 36 -7.32 -9.45 31.58
N SER F 37 -7.68 -8.46 30.78
CA SER F 37 -7.81 -8.63 29.34
C SER F 37 -6.49 -8.31 28.65
N ALA F 38 -6.36 -8.80 27.42
CA ALA F 38 -5.13 -8.61 26.67
C ALA F 38 -4.94 -7.14 26.33
N PRO F 39 -3.78 -6.55 26.62
CA PRO F 39 -3.52 -5.18 26.19
C PRO F 39 -3.40 -5.09 24.68
N VAL F 40 -3.59 -3.88 24.17
CA VAL F 40 -3.50 -3.58 22.75
C VAL F 40 -2.48 -2.47 22.55
N THR F 41 -1.41 -2.75 21.82
CA THR F 41 -0.43 -1.72 21.51
C THR F 41 -1.04 -0.69 20.57
N VAL F 42 -1.14 0.54 21.04
CA VAL F 42 -1.67 1.64 20.22
C VAL F 42 -0.50 2.41 19.62
N ILE F 43 0.62 2.45 20.34
CA ILE F 43 1.83 3.15 19.91
C ILE F 43 3.03 2.32 20.34
N TYR F 44 3.98 2.12 19.42
CA TYR F 44 5.22 1.45 19.72
C TYR F 44 6.36 2.21 19.05
N TRP F 45 7.57 2.06 19.61
CA TRP F 45 8.76 2.74 19.12
C TRP F 45 8.52 4.23 18.95
N ASN F 46 8.20 4.88 20.08
CA ASN F 46 8.03 6.33 20.17
C ASN F 46 6.84 6.85 19.34
N ASP F 47 6.89 6.70 18.02
CA ASP F 47 5.90 7.34 17.16
C ASP F 47 5.29 6.40 16.12
N LYS F 48 5.61 5.10 16.15
CA LYS F 48 5.07 4.17 15.18
C LYS F 48 3.73 3.63 15.65
N ARG F 49 2.75 3.60 14.74
CA ARG F 49 1.41 3.16 15.05
C ARG F 49 1.05 1.93 14.23
N PRO F 50 0.49 0.90 14.83
CA PRO F 50 0.07 -0.29 14.07
C PRO F 50 -1.03 0.04 13.07
N SER F 51 -1.22 -0.88 12.12
CA SER F 51 -2.16 -0.65 11.03
C SER F 51 -3.62 -0.80 11.47
N ASN F 52 -3.88 -1.57 12.52
CA ASN F 52 -5.23 -1.76 13.02
C ASN F 52 -5.67 -0.71 14.02
N ILE F 53 -4.82 0.27 14.31
CA ILE F 53 -5.08 1.31 15.29
C ILE F 53 -5.58 2.55 14.57
N PRO F 54 -6.65 3.19 15.04
CA PRO F 54 -7.12 4.43 14.40
C PRO F 54 -6.04 5.50 14.41
N SER F 55 -6.08 6.37 13.40
CA SER F 55 -5.05 7.39 13.21
C SER F 55 -5.12 8.51 14.24
N ARG F 56 -6.09 8.50 15.16
CA ARG F 56 -6.17 9.54 16.17
C ARG F 56 -5.17 9.34 17.31
N PHE F 57 -4.41 8.26 17.30
CA PHE F 57 -3.37 8.01 18.29
C PHE F 57 -2.01 8.43 17.73
N SER F 58 -1.22 9.10 18.56
CA SER F 58 0.12 9.53 18.16
C SER F 58 1.03 9.53 19.37
N GLY F 59 2.33 9.60 19.10
CA GLY F 59 3.33 9.63 20.16
C GLY F 59 4.55 10.45 19.78
N SER F 60 5.08 11.22 20.74
CA SER F 60 6.26 12.03 20.51
C SER F 60 7.16 11.96 21.73
N LYS F 61 8.46 11.80 21.49
CA LYS F 61 9.46 11.71 22.55
C LYS F 61 10.20 13.04 22.63
N SER F 62 9.99 13.76 23.72
CA SER F 62 10.63 15.05 23.94
C SER F 62 11.70 14.88 25.02
N GLY F 63 12.79 14.22 24.65
CA GLY F 63 13.90 13.99 25.56
C GLY F 63 13.62 12.93 26.60
N SER F 64 13.40 13.34 27.84
CA SER F 64 13.14 12.42 28.93
C SER F 64 11.65 12.13 29.13
N THR F 65 10.79 12.75 28.34
CA THR F 65 9.34 12.59 28.49
C THR F 65 8.73 12.21 27.15
N HIS F 66 7.85 11.21 27.17
CA HIS F 66 7.10 10.79 26.01
C HIS F 66 5.62 11.10 26.23
N THR F 67 4.94 11.51 25.17
CA THR F 67 3.56 11.96 25.24
C THR F 67 2.69 11.15 24.29
N LEU F 68 1.63 10.55 24.82
CA LEU F 68 0.62 9.88 24.04
C LEU F 68 -0.55 10.83 23.82
N THR F 69 -0.84 11.15 22.57
CA THR F 69 -1.88 12.11 22.21
C THR F 69 -3.02 11.38 21.50
N ILE F 70 -4.24 11.66 21.94
CA ILE F 70 -5.44 11.11 21.32
C ILE F 70 -6.28 12.31 20.85
N THR F 71 -6.08 12.71 19.60
CA THR F 71 -6.84 13.83 19.05
C THR F 71 -8.28 13.40 18.77
N GLY F 72 -9.23 14.07 19.41
CA GLY F 72 -10.62 13.69 19.28
C GLY F 72 -10.91 12.34 19.90
N VAL F 73 -10.95 12.28 21.23
CA VAL F 73 -11.11 11.01 21.93
C VAL F 73 -12.54 10.52 21.76
N ARG F 74 -12.72 9.20 21.86
CA ARG F 74 -14.00 8.56 21.66
C ARG F 74 -14.36 7.73 22.88
N ALA F 75 -15.66 7.41 23.01
CA ALA F 75 -16.11 6.63 24.14
C ALA F 75 -15.45 5.26 24.19
N GLU F 76 -15.16 4.67 23.02
CA GLU F 76 -14.50 3.38 22.98
C GLU F 76 -13.05 3.45 23.43
N ASP F 77 -12.47 4.64 23.51
CA ASP F 77 -11.10 4.81 23.94
C ASP F 77 -10.93 4.78 25.45
N GLU F 78 -12.03 4.76 26.20
CA GLU F 78 -11.99 4.72 27.65
C GLU F 78 -11.36 3.42 28.12
N ALA F 79 -10.13 3.49 28.64
CA ALA F 79 -9.40 2.30 29.07
C ALA F 79 -8.26 2.75 29.97
N VAL F 80 -7.37 1.81 30.31
CA VAL F 80 -6.16 2.10 31.06
C VAL F 80 -4.98 1.98 30.10
N TYR F 81 -4.11 2.99 30.09
CA TYR F 81 -3.00 3.06 29.17
C TYR F 81 -1.69 2.92 29.93
N PHE F 82 -0.94 1.86 29.65
CA PHE F 82 0.37 1.62 30.23
C PHE F 82 1.44 2.03 29.22
N CYS F 83 2.44 2.76 29.69
CA CYS F 83 3.61 3.04 28.88
C CYS F 83 4.72 2.05 29.23
N GLY F 84 5.51 1.70 28.22
CA GLY F 84 6.57 0.73 28.39
C GLY F 84 7.85 1.19 27.73
N SER F 85 8.97 0.90 28.38
CA SER F 85 10.27 1.25 27.85
C SER F 85 11.33 0.28 28.36
N ALA F 86 12.51 0.79 28.70
CA ALA F 86 13.59 -0.04 29.21
C ALA F 86 14.59 0.84 29.93
N ASP F 87 15.14 0.33 31.03
CA ASP F 87 16.13 1.07 31.80
C ASP F 87 17.50 0.95 31.13
N SER F 88 18.52 1.54 31.78
CA SER F 88 19.86 1.55 31.21
C SER F 88 20.48 0.16 31.16
N SER F 89 19.97 -0.80 31.93
CA SER F 89 20.51 -2.15 31.96
C SER F 89 19.89 -3.07 30.92
N GLY F 90 19.00 -2.57 30.08
CA GLY F 90 18.37 -3.40 29.08
C GLY F 90 17.21 -4.23 29.59
N THR F 91 16.50 -3.76 30.61
CA THR F 91 15.38 -4.47 31.20
C THR F 91 14.10 -3.70 30.92
N ALA F 92 13.14 -4.37 30.28
CA ALA F 92 11.87 -3.72 29.96
C ALA F 92 11.09 -3.41 31.23
N ILE F 93 10.51 -2.21 31.28
CA ILE F 93 9.74 -1.75 32.43
C ILE F 93 8.45 -1.12 31.94
N PHE F 94 7.44 -1.12 32.82
CA PHE F 94 6.15 -0.54 32.53
C PHE F 94 5.81 0.50 33.59
N GLY F 95 4.88 1.39 33.25
CA GLY F 95 4.37 2.36 34.19
C GLY F 95 3.22 1.83 35.01
N ALA F 96 2.78 2.64 35.99
CA ALA F 96 1.67 2.24 36.84
C ALA F 96 0.34 2.25 36.10
N GLY F 97 0.26 2.94 34.96
CA GLY F 97 -0.97 2.98 34.20
C GLY F 97 -1.75 4.27 34.38
N THR F 98 -2.38 4.75 33.31
CA THR F 98 -3.19 5.96 33.34
C THR F 98 -4.61 5.60 32.93
N THR F 99 -5.57 5.91 33.80
CA THR F 99 -6.97 5.61 33.54
C THR F 99 -7.61 6.78 32.81
N LEU F 100 -7.87 6.59 31.51
CA LEU F 100 -8.57 7.60 30.72
C LEU F 100 -10.07 7.52 30.98
N THR F 101 -10.70 8.68 31.12
CA THR F 101 -12.11 8.77 31.46
C THR F 101 -12.80 9.75 30.53
N VAL F 102 -13.67 9.25 29.66
CA VAL F 102 -14.54 10.11 28.85
C VAL F 102 -15.73 10.49 29.72
N LEU F 103 -15.82 11.77 30.07
CA LEU F 103 -16.79 12.20 31.06
C LEU F 103 -18.22 12.03 30.55
N ARG F 104 -19.04 11.35 31.35
CA ARG F 104 -20.45 11.17 31.09
C ARG F 104 -21.24 11.96 32.14
N THR F 105 -22.52 11.65 32.28
CA THR F 105 -23.37 12.37 33.22
C THR F 105 -23.08 11.93 34.65
N VAL F 106 -22.89 12.90 35.54
CA VAL F 106 -22.62 12.60 36.94
C VAL F 106 -23.89 12.10 37.60
N ALA F 107 -23.78 10.95 38.29
CA ALA F 107 -24.92 10.34 38.98
C ALA F 107 -24.54 10.05 40.42
N ALA F 108 -25.38 10.48 41.36
CA ALA F 108 -25.12 10.26 42.76
C ALA F 108 -25.41 8.80 43.14
N PRO F 109 -24.64 8.24 44.07
CA PRO F 109 -24.84 6.83 44.44
C PRO F 109 -26.01 6.66 45.40
N SER F 110 -26.74 5.55 45.21
CA SER F 110 -27.76 5.14 46.15
C SER F 110 -27.12 4.25 47.21
N VAL F 111 -27.15 4.69 48.46
CA VAL F 111 -26.41 4.05 49.54
C VAL F 111 -27.35 3.12 50.30
N PHE F 112 -26.87 1.90 50.55
CA PHE F 112 -27.58 0.93 51.37
C PHE F 112 -26.59 0.32 52.35
N ILE F 113 -27.10 -0.10 53.50
CA ILE F 113 -26.28 -0.75 54.52
C ILE F 113 -27.00 -2.01 54.99
N PHE F 114 -26.25 -3.10 55.12
CA PHE F 114 -26.80 -4.39 55.50
C PHE F 114 -26.18 -4.86 56.79
N PRO F 115 -26.95 -5.08 57.86
CA PRO F 115 -26.38 -5.64 59.08
C PRO F 115 -25.99 -7.10 58.88
N PRO F 116 -25.08 -7.62 59.69
CA PRO F 116 -24.70 -9.03 59.55
C PRO F 116 -25.85 -9.95 59.92
N SER F 117 -25.96 -11.06 59.20
CA SER F 117 -27.04 -11.99 59.43
C SER F 117 -26.83 -12.74 60.75
N ASP F 118 -27.94 -13.20 61.32
CA ASP F 118 -27.86 -14.00 62.55
C ASP F 118 -27.19 -15.35 62.31
N GLU F 119 -27.22 -15.84 61.07
CA GLU F 119 -26.54 -17.10 60.76
C GLU F 119 -25.03 -16.94 60.83
N GLN F 120 -24.51 -15.78 60.40
CA GLN F 120 -23.07 -15.57 60.39
C GLN F 120 -22.52 -15.35 61.80
N LEU F 121 -23.29 -14.68 62.66
CA LEU F 121 -22.82 -14.41 64.01
C LEU F 121 -22.62 -15.69 64.82
N LYS F 122 -23.28 -16.78 64.44
CA LYS F 122 -23.04 -18.05 65.12
C LYS F 122 -21.62 -18.56 64.89
N SER F 123 -21.02 -18.20 63.75
CA SER F 123 -19.64 -18.58 63.44
C SER F 123 -18.62 -17.63 64.05
N GLY F 124 -19.04 -16.71 64.92
CA GLY F 124 -18.12 -15.80 65.56
C GLY F 124 -17.56 -14.74 64.65
N THR F 125 -18.28 -14.36 63.61
CA THR F 125 -17.81 -13.38 62.63
C THR F 125 -18.96 -12.48 62.23
N ALA F 126 -18.69 -11.18 62.11
CA ALA F 126 -19.67 -10.20 61.70
C ALA F 126 -19.18 -9.50 60.44
N SER F 127 -20.09 -9.32 59.47
CA SER F 127 -19.79 -8.66 58.20
C SER F 127 -20.88 -7.65 57.92
N VAL F 128 -20.54 -6.37 58.00
CA VAL F 128 -21.44 -5.27 57.65
C VAL F 128 -21.08 -4.80 56.25
N VAL F 129 -22.09 -4.68 55.38
CA VAL F 129 -21.89 -4.36 53.97
C VAL F 129 -22.54 -3.02 53.68
N CYS F 130 -21.81 -2.15 52.98
CA CYS F 130 -22.30 -0.86 52.52
C CYS F 130 -22.31 -0.87 51.00
N LEU F 131 -23.47 -0.58 50.41
CA LEU F 131 -23.66 -0.67 48.97
C LEU F 131 -23.80 0.72 48.36
N LEU F 132 -22.99 1.00 47.34
CA LEU F 132 -23.10 2.22 46.54
C LEU F 132 -23.52 1.80 45.14
N ASN F 133 -24.73 2.16 44.75
CA ASN F 133 -25.36 1.60 43.56
C ASN F 133 -25.48 2.66 42.47
N ASN F 134 -25.00 2.33 41.27
CA ASN F 134 -25.20 3.14 40.06
C ASN F 134 -24.79 4.59 40.24
N PHE F 135 -23.48 4.85 40.21
CA PHE F 135 -22.95 6.21 40.35
C PHE F 135 -21.90 6.46 39.29
N TYR F 136 -21.63 7.75 39.06
CA TYR F 136 -20.60 8.19 38.14
C TYR F 136 -20.17 9.59 38.55
N PRO F 137 -18.86 9.89 38.59
CA PRO F 137 -17.74 9.01 38.19
C PRO F 137 -17.41 7.93 39.22
N ARG F 138 -16.39 7.13 38.90
CA ARG F 138 -16.02 6.01 39.76
C ARG F 138 -15.53 6.49 41.12
N GLU F 139 -14.83 7.63 41.15
CA GLU F 139 -14.21 8.14 42.38
C GLU F 139 -15.24 8.33 43.49
N ALA F 140 -15.17 7.50 44.52
CA ALA F 140 -16.04 7.59 45.67
C ALA F 140 -15.24 7.30 46.93
N LYS F 141 -15.69 7.85 48.05
CA LYS F 141 -15.04 7.68 49.34
C LYS F 141 -16.03 7.08 50.32
N VAL F 142 -15.66 5.96 50.94
CA VAL F 142 -16.51 5.26 51.89
C VAL F 142 -15.73 5.08 53.18
N GLN F 143 -16.22 5.72 54.26
CA GLN F 143 -15.61 5.61 55.58
C GLN F 143 -16.61 4.98 56.54
N TRP F 144 -16.11 4.08 57.38
CA TRP F 144 -16.94 3.38 58.36
C TRP F 144 -16.82 4.07 59.72
N LYS F 145 -17.96 4.28 60.37
CA LYS F 145 -18.02 4.86 61.71
C LYS F 145 -18.81 3.93 62.61
N VAL F 146 -18.17 3.46 63.67
CA VAL F 146 -18.80 2.58 64.66
C VAL F 146 -18.90 3.38 65.96
N ASP F 147 -20.10 3.84 66.28
CA ASP F 147 -20.33 4.75 67.41
C ASP F 147 -19.48 6.02 67.25
N ASN F 148 -19.55 6.61 66.06
CA ASN F 148 -18.83 7.84 65.72
C ASN F 148 -17.31 7.67 65.83
N ALA F 149 -16.81 6.46 65.58
CA ALA F 149 -15.39 6.16 65.63
C ALA F 149 -14.93 5.73 64.24
N LEU F 150 -14.01 6.49 63.66
CA LEU F 150 -13.52 6.22 62.31
C LEU F 150 -12.73 4.92 62.30
N GLN F 151 -13.16 3.98 61.45
CA GLN F 151 -12.51 2.69 61.32
C GLN F 151 -11.41 2.74 60.26
N SER F 152 -10.39 1.91 60.44
CA SER F 152 -9.26 1.90 59.53
C SER F 152 -8.64 0.50 59.50
N GLY F 153 -8.34 0.02 58.29
CA GLY F 153 -7.65 -1.24 58.12
C GLY F 153 -8.49 -2.48 58.29
N ASN F 154 -9.80 -2.35 58.50
CA ASN F 154 -10.67 -3.50 58.71
C ASN F 154 -11.82 -3.52 57.71
N SER F 155 -11.61 -2.95 56.52
CA SER F 155 -12.63 -2.93 55.48
C SER F 155 -11.97 -3.16 54.13
N GLN F 156 -12.78 -3.66 53.19
CA GLN F 156 -12.33 -3.93 51.83
C GLN F 156 -13.39 -3.48 50.85
N GLU F 157 -12.97 -2.81 49.79
CA GLU F 157 -13.86 -2.33 48.75
C GLU F 157 -13.81 -3.25 47.53
N SER F 158 -14.86 -3.16 46.72
CA SER F 158 -14.93 -3.91 45.47
C SER F 158 -15.88 -3.19 44.55
N VAL F 159 -15.41 -2.79 43.37
CA VAL F 159 -16.19 -2.01 42.43
C VAL F 159 -16.37 -2.82 41.16
N THR F 160 -17.50 -2.58 40.48
CA THR F 160 -17.80 -3.24 39.22
C THR F 160 -17.28 -2.43 38.04
N GLU F 161 -17.28 -3.05 36.87
CA GLU F 161 -16.93 -2.34 35.65
C GLU F 161 -18.08 -1.44 35.22
N GLN F 162 -17.78 -0.53 34.30
CA GLN F 162 -18.79 0.41 33.84
C GLN F 162 -19.90 -0.32 33.10
N ASP F 163 -21.15 -0.03 33.46
CA ASP F 163 -22.29 -0.70 32.88
C ASP F 163 -22.37 -0.40 31.38
N SER F 164 -23.01 -1.31 30.65
CA SER F 164 -23.07 -1.21 29.20
C SER F 164 -24.26 -0.41 28.69
N LYS F 165 -25.34 -0.30 29.48
CA LYS F 165 -26.55 0.40 29.03
C LYS F 165 -26.64 1.82 29.55
N ASP F 166 -26.21 2.08 30.78
CA ASP F 166 -26.24 3.43 31.34
C ASP F 166 -24.88 3.94 31.78
N SER F 167 -23.84 3.10 31.76
CA SER F 167 -22.47 3.50 32.09
C SER F 167 -22.38 4.07 33.51
N THR F 168 -22.58 3.17 34.47
CA THR F 168 -22.49 3.51 35.89
C THR F 168 -21.72 2.43 36.61
N TYR F 169 -21.09 2.81 37.71
CA TYR F 169 -20.35 1.89 38.55
C TYR F 169 -21.14 1.59 39.83
N SER F 170 -20.79 0.46 40.45
CA SER F 170 -21.36 0.08 41.74
C SER F 170 -20.25 -0.42 42.63
N LEU F 171 -20.24 0.04 43.88
CA LEU F 171 -19.19 -0.27 44.84
C LEU F 171 -19.81 -0.89 46.09
N SER F 172 -19.07 -1.83 46.68
CA SER F 172 -19.47 -2.47 47.94
C SER F 172 -18.30 -2.41 48.90
N SER F 173 -18.57 -1.99 50.14
CA SER F 173 -17.58 -1.95 51.20
C SER F 173 -18.01 -2.89 52.31
N THR F 174 -17.12 -3.81 52.68
CA THR F 174 -17.43 -4.83 53.68
C THR F 174 -16.58 -4.61 54.92
N LEU F 175 -17.24 -4.40 56.05
CA LEU F 175 -16.57 -4.25 57.34
C LEU F 175 -16.66 -5.57 58.09
N THR F 176 -15.51 -6.14 58.45
CA THR F 176 -15.43 -7.43 59.11
C THR F 176 -14.94 -7.24 60.54
N LEU F 177 -15.73 -7.73 61.50
CA LEU F 177 -15.38 -7.68 62.91
C LEU F 177 -15.74 -9.00 63.56
N SER F 178 -15.15 -9.25 64.73
CA SER F 178 -15.48 -10.44 65.48
C SER F 178 -16.84 -10.30 66.16
N LYS F 179 -17.41 -11.44 66.55
CA LYS F 179 -18.70 -11.42 67.23
C LYS F 179 -18.62 -10.65 68.54
N ALA F 180 -17.52 -10.84 69.29
CA ALA F 180 -17.37 -10.14 70.55
C ALA F 180 -17.26 -8.64 70.36
N ASP F 181 -16.42 -8.21 69.41
CA ASP F 181 -16.25 -6.78 69.16
C ASP F 181 -17.48 -6.16 68.53
N TYR F 182 -18.25 -6.95 67.77
CA TYR F 182 -19.45 -6.40 67.15
C TYR F 182 -20.54 -6.11 68.19
N GLU F 183 -20.71 -7.01 69.15
CA GLU F 183 -21.77 -6.86 70.15
C GLU F 183 -21.43 -5.86 71.24
N LYS F 184 -20.30 -5.16 71.13
CA LYS F 184 -19.92 -4.14 72.11
C LYS F 184 -20.22 -2.73 71.63
N HIS F 185 -20.88 -2.59 70.48
CA HIS F 185 -21.20 -1.29 69.92
C HIS F 185 -22.66 -1.28 69.47
N LYS F 186 -23.16 -0.07 69.20
CA LYS F 186 -24.57 0.11 68.86
C LYS F 186 -24.75 0.67 67.46
N VAL F 187 -24.13 1.81 67.13
CA VAL F 187 -24.36 2.49 65.87
C VAL F 187 -23.27 2.09 64.89
N TYR F 188 -23.68 1.54 63.75
CA TYR F 188 -22.79 1.24 62.64
C TYR F 188 -23.23 2.03 61.42
N ALA F 189 -22.30 2.75 60.80
CA ALA F 189 -22.63 3.65 59.72
C ALA F 189 -21.49 3.69 58.70
N CYS F 190 -21.85 3.91 57.44
CA CYS F 190 -20.88 4.17 56.39
C CYS F 190 -21.18 5.54 55.78
N GLU F 191 -20.14 6.35 55.63
CA GLU F 191 -20.25 7.69 55.07
C GLU F 191 -19.76 7.68 53.64
N VAL F 192 -20.51 8.31 52.74
CA VAL F 192 -20.23 8.27 51.31
C VAL F 192 -19.96 9.69 50.82
N THR F 193 -18.84 9.87 50.13
CA THR F 193 -18.48 11.13 49.52
C THR F 193 -18.36 10.94 48.02
N HIS F 194 -18.98 11.83 47.24
CA HIS F 194 -19.03 11.70 45.79
C HIS F 194 -19.34 13.05 45.19
N GLN F 195 -19.01 13.19 43.90
CA GLN F 195 -19.22 14.47 43.21
C GLN F 195 -20.70 14.83 43.15
N GLY F 196 -21.57 13.84 43.00
CA GLY F 196 -23.00 14.07 42.93
C GLY F 196 -23.68 14.37 44.23
N LEU F 197 -22.96 14.32 45.35
CA LEU F 197 -23.52 14.57 46.67
C LEU F 197 -22.97 15.89 47.19
N SER F 198 -23.88 16.82 47.54
CA SER F 198 -23.45 18.08 48.14
C SER F 198 -22.83 17.85 49.50
N LEU F 199 -23.43 16.99 50.32
CA LEU F 199 -22.95 16.62 51.63
C LEU F 199 -22.78 15.10 51.72
N PRO F 200 -21.86 14.61 52.54
CA PRO F 200 -21.67 13.16 52.65
C PRO F 200 -22.91 12.48 53.20
N VAL F 201 -23.36 11.44 52.48
CA VAL F 201 -24.54 10.68 52.86
C VAL F 201 -24.12 9.57 53.82
N THR F 202 -24.82 9.47 54.94
CA THR F 202 -24.54 8.47 55.97
C THR F 202 -25.76 7.57 56.12
N LYS F 203 -25.56 6.27 55.93
CA LYS F 203 -26.57 5.26 56.21
C LYS F 203 -26.13 4.46 57.42
N SER F 204 -27.01 4.33 58.41
CA SER F 204 -26.66 3.73 59.68
C SER F 204 -27.75 2.76 60.12
N PHE F 205 -27.41 1.96 61.12
CA PHE F 205 -28.36 1.08 61.79
C PHE F 205 -27.87 0.82 63.20
N ASN F 206 -28.81 0.55 64.10
CA ASN F 206 -28.50 0.22 65.48
C ASN F 206 -28.49 -1.30 65.66
N ARG F 207 -27.46 -1.80 66.33
CA ARG F 207 -27.32 -3.23 66.54
C ARG F 207 -28.43 -3.73 67.46
N GLY F 208 -29.27 -4.63 66.95
CA GLY F 208 -30.36 -5.18 67.73
C GLY F 208 -31.71 -4.61 67.37
N GLU F 209 -31.77 -3.29 67.16
CA GLU F 209 -33.01 -2.62 66.83
C GLU F 209 -33.45 -2.94 65.40
C1 CDL G . 37.38 13.94 -15.13
O1 CDL G . 38.48 14.82 -14.86
CA2 CDL G . 37.25 13.75 -16.65
OA2 CDL G . 36.53 12.55 -16.92
PA1 CDL G . 35.93 12.27 -18.39
OA3 CDL G . 37.00 11.59 -19.21
OA4 CDL G . 35.28 13.54 -18.89
OA5 CDL G . 34.78 11.20 -18.06
CA3 CDL G . 33.42 11.48 -18.36
CA4 CDL G . 32.62 11.01 -17.15
OA6 CDL G . 32.44 9.60 -17.20
CA5 CDL G . 33.25 8.95 -16.17
OA7 CDL G . 34.39 9.34 -15.98
C11 CDL G . 32.68 7.83 -15.35
C12 CDL G . 33.50 7.71 -14.08
C13 CDL G . 33.62 6.25 -13.67
C14 CDL G . 32.24 5.64 -13.43
C15 CDL G . 31.53 6.28 -12.25
C16 CDL G . 32.30 6.06 -10.95
CA6 CDL G . 31.25 11.69 -17.12
OA8 CDL G . 30.30 10.90 -17.82
CA7 CDL G . 28.91 10.90 -17.38
OA9 CDL G . 28.64 11.37 -16.28
C31 CDL G . 27.82 10.32 -18.24
C32 CDL G . 26.61 9.98 -17.37
C33 CDL G . 25.37 9.75 -18.22
C34 CDL G . 24.49 8.65 -17.61
C35 CDL G . 24.13 8.97 -16.17
C36 CDL G . 23.33 7.82 -15.55
CB2 CDL G . 36.10 14.53 -14.56
OB2 CDL G . 35.09 13.55 -14.44
PB2 CDL G . 33.89 13.76 -13.38
OB3 CDL G . 33.03 14.92 -13.86
OB4 CDL G . 34.49 13.81 -11.99
OB5 CDL G . 33.02 12.41 -13.49
CB3 CDL G . 32.49 11.82 -12.30
CB4 CDL G . 31.30 10.93 -12.60
OB6 CDL G . 30.10 11.69 -12.45
CB5 CDL G . 28.91 10.99 -12.91
OB7 CDL G . 29.01 10.09 -13.72
C51 CDL G . 27.56 11.39 -12.36
C52 CDL G . 27.64 11.49 -10.84
C53 CDL G . 26.28 11.77 -10.23
C54 CDL G . 25.28 10.66 -10.55
C55 CDL G . 23.92 10.96 -9.94
CB6 CDL G . 31.27 9.80 -11.57
OB8 CDL G . 31.09 10.35 -10.28
CB7 CDL G . 30.49 9.55 -9.22
OB9 CDL G . 29.88 8.53 -9.52
C71 CDL G . 30.61 9.99 -7.78
C72 CDL G . 29.39 9.55 -6.99
C73 CDL G . 28.18 10.42 -7.33
C74 CDL G . 27.00 10.10 -6.42
O13 3PH H . 37.37 23.78 -11.69
P 3PH H . 36.54 22.50 -11.65
O14 3PH H . 35.15 22.82 -12.24
O12 3PH H . 37.20 21.35 -12.33
O11 3PH H . 36.30 22.18 -10.09
C1 3PH H . 35.11 22.58 -9.38
C2 3PH H . 34.51 21.38 -8.69
O21 3PH H . 33.60 21.88 -7.66
C21 3PH H . 32.35 22.21 -8.04
O22 3PH H . 31.95 22.13 -9.16
C22 3PH H . 31.53 22.66 -6.86
C23 3PH H . 30.08 22.92 -7.23
C24 3PH H . 29.24 23.38 -6.04
C25 3PH H . 27.79 23.66 -6.38
C26 3PH H . 26.95 24.11 -5.20
C27 3PH H . 25.50 24.41 -5.53
C3 3PH H . 35.56 20.56 -8.01
O31 3PH H . 34.93 19.47 -7.29
C31 3PH H . 35.29 18.23 -7.63
O32 3PH H . 36.04 17.99 -8.54
C32 3PH H . 34.64 17.20 -6.76
C33 3PH H . 33.13 17.09 -6.94
C34 3PH H . 32.35 18.12 -6.13
C35 3PH H . 30.84 17.98 -6.23
C36 3PH H . 30.07 18.98 -5.39
C37 3PH H . 28.56 18.85 -5.48
C38 3PH H . 27.79 19.85 -4.62
P PO4 I . 29.89 27.23 -23.15
O1 PO4 I . 31.00 27.41 -22.14
O2 PO4 I . 28.78 26.40 -22.55
O3 PO4 I . 30.43 26.52 -24.37
O4 PO4 I . 29.34 28.57 -23.55
O1 PG4 J . -11.32 -6.93 -39.97
C1 PG4 J . -10.23 -6.53 -40.81
C2 PG4 J . -9.06 -6.04 -39.95
O2 PG4 J . -8.70 -7.04 -39.01
C3 PG4 J . -7.51 -6.70 -38.31
C4 PG4 J . -7.21 -7.76 -37.26
O3 PG4 J . -5.88 -7.60 -36.79
C5 PG4 J . -5.55 -8.56 -35.77
C6 PG4 J . -4.05 -8.58 -35.56
O4 PG4 J . -3.60 -7.30 -35.12
C7 PG4 J . -2.17 -7.24 -35.06
C8 PG4 J . -1.74 -5.87 -34.55
O5 PG4 J . -2.22 -5.68 -33.22
P 3PE K . 33.42 4.67 -19.35
N 3PE K . 36.56 7.38 -20.38
O11 3PE K . 32.52 5.02 -18.07
O12 3PE K . 34.00 3.32 -19.12
O13 3PE K . 34.62 5.72 -19.25
O14 3PE K . 32.64 4.92 -20.58
C11 3PE K . 36.01 5.32 -19.15
C12 3PE K . 36.70 5.91 -20.34
C1 3PE K . 31.39 5.91 -18.22
C2 3PE K . 30.15 5.18 -17.77
C3 3PE K . 30.15 4.89 -16.30
O31 3PE K . 28.78 4.71 -15.86
O32 3PE K . 28.80 2.58 -16.53
C31 3PE K . 28.23 3.51 -16.04
C32 3PE K . 26.82 3.48 -15.54
C33 3PE K . 26.24 2.07 -15.45
C34 3PE K . 24.82 2.05 -14.90
O21 3PE K . 29.01 6.06 -18.05
O22 3PE K . 28.68 5.06 -20.02
C21 3PE K . 28.35 5.87 -19.19
C22 3PE K . 27.16 6.77 -19.31
C23 3PE K . 25.96 6.08 -19.93
C24 3PE K . 25.38 4.99 -19.04
C25 3PE K . 24.28 4.16 -19.70
C26 3PE K . 23.50 3.27 -18.76
C27 3PE K . 22.72 4.04 -17.70
C28 3PE K . 21.87 3.17 -16.79
C29 3PE K . 21.09 3.95 -15.75
O13 3PH L . 12.99 -12.29 -2.23
P 3PH L . 12.93 -12.42 -3.75
O14 3PH L . 13.26 -13.87 -4.11
O12 3PH L . 11.63 -11.97 -4.32
O11 3PH L . 14.14 -11.52 -4.32
C1 3PH L . 14.68 -11.69 -5.66
C2 3PH L . 14.97 -10.33 -6.24
O21 3PH L . 16.16 -10.45 -7.07
C21 3PH L . 16.20 -9.76 -8.23
O22 3PH L . 15.30 -9.04 -8.59
C22 3PH L . 17.46 -10.00 -8.97
C23 3PH L . 18.27 -8.73 -9.27
C24 3PH L . 17.66 -7.88 -10.37
C25 3PH L . 18.49 -6.66 -10.74
C26 3PH L . 17.92 -5.83 -11.87
C3 3PH L . 15.26 -9.31 -5.17
O31 3PH L . 15.35 -8.01 -5.78
C31 3PH L . 15.64 -6.98 -4.98
O32 3PH L . 15.86 -7.09 -3.81
C32 3PH L . 15.67 -5.69 -5.74
C33 3PH L . 14.95 -5.76 -7.07
C34 3PH L . 14.95 -4.44 -7.83
C35 3PH L . 14.29 -4.49 -9.19
O13 3PH M . 38.61 -2.16 -23.24
P 3PH M . 38.03 -1.43 -24.44
O14 3PH M . 38.01 0.07 -24.12
O12 3PH M . 38.74 -1.73 -25.72
O11 3PH M . 36.49 -1.88 -24.54
C1 3PH M . 35.69 -1.66 -25.72
C2 3PH M . 34.31 -2.22 -25.50
O21 3PH M . 33.51 -1.18 -24.85
C21 3PH M . 32.91 -0.27 -25.63
O22 3PH M . 32.97 -0.29 -26.83
C22 3PH M . 32.18 0.75 -24.82
C23 3PH M . 30.97 0.19 -24.09
C24 3PH M . 29.89 -0.31 -25.03
C25 3PH M . 28.70 -0.93 -24.33
C26 3PH M . 29.03 -2.16 -23.50
C27 3PH M . 27.83 -2.82 -22.86
C28 3PH M . 28.15 -4.08 -22.08
C29 3PH M . 26.94 -4.75 -21.45
C3 3PH M . 34.34 -3.43 -24.60
O31 3PH M . 33.05 -4.07 -24.63
C31 3PH M . 32.77 -4.93 -23.64
O32 3PH M . 33.51 -5.13 -22.71
C32 3PH M . 31.43 -5.57 -23.84
C33 3PH M . 31.19 -6.75 -22.90
C34 3PH M . 29.88 -7.47 -23.17
C35 3PH M . 29.58 -8.61 -22.22
C36 3PH M . 29.41 -8.18 -20.77
P PO4 N . 44.15 -7.66 -12.52
O1 PO4 N . 44.55 -6.23 -12.78
O2 PO4 N . 45.06 -8.26 -11.48
O3 PO4 N . 44.26 -8.45 -13.80
O4 PO4 N . 42.73 -7.69 -12.02
O1 PG4 O . 18.18 7.48 34.49
C1 PG4 O . 17.31 7.72 33.38
C2 PG4 O . 18.12 8.34 32.24
O2 PG4 O . 17.25 8.63 31.15
C3 PG4 O . 17.93 9.24 30.06
C4 PG4 O . 16.90 9.65 28.99
O3 PG4 O . 17.57 10.24 27.89
C5 PG4 O . 16.66 10.72 26.92
C6 PG4 O . 17.44 11.33 25.75
O4 PG4 O . 18.06 10.30 24.99
C7 PG4 O . 18.95 10.83 24.02
C8 PG4 O . 19.40 9.73 23.07
O5 PG4 O . 18.27 9.26 22.32
CL CL P . -26.12 19.47 -26.71
CL CL Q . -18.08 11.44 -36.61
CL CL R . -22.07 -0.97 -32.24
CL CL S . 7.95 -3.78 34.99
#